data_3B91
# 
_entry.id   3B91 
# 
_audit_conform.dict_name       mmcif_pdbx.dic 
_audit_conform.dict_version    5.377 
_audit_conform.dict_location   http://mmcif.pdb.org/dictionaries/ascii/mmcif_pdbx.dic 
# 
loop_
_database_2.database_id 
_database_2.database_code 
_database_2.pdbx_database_accession 
_database_2.pdbx_DOI 
PDB   3B91         pdb_00003b91 10.2210/pdb3b91/pdb 
NDB   UR0133       ?            ?                   
RCSB  RCSB045230   ?            ?                   
WWPDB D_1000045230 ?            ?                   
# 
loop_
_pdbx_database_related.db_name 
_pdbx_database_related.db_id 
_pdbx_database_related.details 
_pdbx_database_related.content_type 
PDB 2P7F 
;The Novel Use of a 2',5'-Phosphodiester Linkage as a Reaction Intermediate at the Active Site of a Small Ribozyme
;
unspecified 
PDB 3B58 .                                                                                                                   
unspecified 
PDB 3B5A .                                                                                                                   
unspecified 
PDB 3B5F .                                                                                                                   
unspecified 
PDB 3B5S .                                                                                                                   
unspecified 
# 
_pdbx_database_status.entry_id                        3B91 
_pdbx_database_status.status_code                     REL 
_pdbx_database_status.status_code_sf                  REL 
_pdbx_database_status.deposit_site                    RCSB 
_pdbx_database_status.process_site                    RCSB 
_pdbx_database_status.recvd_initial_deposition_date   2007-11-02 
_pdbx_database_status.SG_entry                        N 
_pdbx_database_status.status_code_mr                  ? 
_pdbx_database_status.pdb_format_compatible           Y 
_pdbx_database_status.status_code_cs                  ? 
_pdbx_database_status.methods_development_category    ? 
_pdbx_database_status.status_code_nmr_data            ? 
# 
loop_
_audit_author.name 
_audit_author.pdbx_ordinal 
'MacElrevey, C.' 1 
'Krucinska, J.'  2 
'Wedekind, J.E.' 3 
# 
_citation.id                        primary 
_citation.title                     
'Structural effects of nucleobase variations at key active site residue Ade38 in the hairpin ribozyme.' 
_citation.journal_abbrev            Rna 
_citation.journal_volume            14 
_citation.page_first                1600 
_citation.page_last                 1616 
_citation.year                      2008 
_citation.journal_id_ASTM           RNARFU 
_citation.country                   UK 
_citation.journal_id_ISSN           1355-8382 
_citation.journal_id_CSD            2122 
_citation.book_publisher            ? 
_citation.pdbx_database_id_PubMed   18596253 
_citation.pdbx_database_id_DOI      10.1261/rna.1055308 
# 
loop_
_citation_author.citation_id 
_citation_author.name 
_citation_author.ordinal 
_citation_author.identifier_ORCID 
primary 'MacElrevey, C.' 1 ? 
primary 'Salter, J.D.'   2 ? 
primary 'Krucinska, J.'  3 ? 
primary 'Wedekind, J.E.' 4 ? 
# 
_cell.entry_id           3B91 
_cell.length_a           94.030 
_cell.length_b           94.030 
_cell.length_c           134.290 
_cell.angle_alpha        90.00 
_cell.angle_beta         90.00 
_cell.angle_gamma        120.00 
_cell.Z_PDB              12 
_cell.pdbx_unique_axis   ? 
_cell.length_a_esd       ? 
_cell.length_b_esd       ? 
_cell.length_c_esd       ? 
_cell.angle_alpha_esd    ? 
_cell.angle_beta_esd     ? 
_cell.angle_gamma_esd    ? 
# 
_symmetry.entry_id                         3B91 
_symmetry.space_group_name_H-M             'P 61 2 2' 
_symmetry.pdbx_full_space_group_name_H-M   ? 
_symmetry.Int_Tables_number                178 
_symmetry.cell_setting                     ? 
_symmetry.space_group_name_Hall            ? 
# 
loop_
_entity.id 
_entity.type 
_entity.src_method 
_entity.pdbx_description 
_entity.formula_weight 
_entity.pdbx_number_of_molecules 
_entity.pdbx_ec 
_entity.pdbx_mutation 
_entity.pdbx_fragment 
_entity.details 
1 polymer     syn 'Loop A Substrate strand'                  4052.470 1 ? ?                ? 
;2'5' phosphodiester linkage between A5 and G6
;
2 polymer     syn '29-mer Loop A and Loop B Ribozyme strand' 9762.989 1 ? ?                ? 
'Synthetic polyethylene glycol linker at hinge position 14' 
3 polymer     syn 'Loop B S-turn strand'                     5991.568 1 ? 'A38(MTU), U39C' ? ? 
4 non-polymer syn 'SULFATE ION'                              96.063   1 ? ?                ? ? 
5 non-polymer syn 'COBALT HEXAMMINE(III)'                    161.116  2 ? ?                ? ? 
6 water       nat water                                      18.015   2 ? ?                ? ? 
# 
loop_
_entity_poly.entity_id 
_entity_poly.type 
_entity_poly.nstd_linkage 
_entity_poly.nstd_monomer 
_entity_poly.pdbx_seq_one_letter_code 
_entity_poly.pdbx_seq_one_letter_code_can 
_entity_poly.pdbx_strand_id 
_entity_poly.pdbx_target_identifier 
1 polyribonucleotide no no  UCCCAGUCCACCG                        UCCCAGUCCACCG                  A ? 
2 polyribonucleotide no yes 'CGGUGAGAAGGG(S9L)GGCAGAGAAACACACGA' CGGUGAGAAGGGXGGCAGAGAAACACACGA B ? 
3 polyribonucleotide no yes 'UCGUGGU(MTU)CAUUACCUGCC'            UCGUGGUACAUUACCUGCC            C ? 
# 
loop_
_entity_poly_seq.entity_id 
_entity_poly_seq.num 
_entity_poly_seq.mon_id 
_entity_poly_seq.hetero 
1 1  U   n 
1 2  C   n 
1 3  C   n 
1 4  C   n 
1 5  A   n 
1 6  G   n 
1 7  U   n 
1 8  C   n 
1 9  C   n 
1 10 A   n 
1 11 C   n 
1 12 C   n 
1 13 G   n 
2 1  C   n 
2 2  G   n 
2 3  G   n 
2 4  U   n 
2 5  G   n 
2 6  A   n 
2 7  G   n 
2 8  A   n 
2 9  A   n 
2 10 G   n 
2 11 G   n 
2 12 G   n 
2 13 S9L n 
2 14 G   n 
2 15 G   n 
2 16 C   n 
2 17 A   n 
2 18 G   n 
2 19 A   n 
2 20 G   n 
2 21 A   n 
2 22 A   n 
2 23 A   n 
2 24 C   n 
2 25 A   n 
2 26 C   n 
2 27 A   n 
2 28 C   n 
2 29 G   n 
2 30 A   n 
3 1  U   n 
3 2  C   n 
3 3  G   n 
3 4  U   n 
3 5  G   n 
3 6  G   n 
3 7  U   n 
3 8  MTU n 
3 9  C   n 
3 10 A   n 
3 11 U   n 
3 12 U   n 
3 13 A   n 
3 14 C   n 
3 15 C   n 
3 16 U   n 
3 17 G   n 
3 18 C   n 
3 19 C   n 
# 
loop_
_pdbx_entity_src_syn.entity_id 
_pdbx_entity_src_syn.pdbx_src_id 
_pdbx_entity_src_syn.pdbx_alt_source_flag 
_pdbx_entity_src_syn.pdbx_beg_seq_num 
_pdbx_entity_src_syn.pdbx_end_seq_num 
_pdbx_entity_src_syn.organism_scientific 
_pdbx_entity_src_syn.organism_common_name 
_pdbx_entity_src_syn.ncbi_taxonomy_id 
_pdbx_entity_src_syn.details 
1 1 sample ? ? ? ? ? 'solid-phase synthesis at Keck Institute, Yale'         
2 1 sample ? ? ? ? ? 'solid phase chemical synthesis at Dharmacon, Colorado' 
3 1 sample ? ? ? ? ? 'solid phase chemical synthesis at Dharmacon, Colorado' 
# 
loop_
_struct_ref.id 
_struct_ref.entity_id 
_struct_ref.db_name 
_struct_ref.db_code 
_struct_ref.pdbx_db_accession 
_struct_ref.pdbx_align_begin 
_struct_ref.pdbx_seq_one_letter_code 
_struct_ref.pdbx_db_isoform 
1 1 PDB 3B58 3B58 1 UCCCAGUCCACCG                        ? 
2 2 PDB 3B58 3B58 1 'CGGUGAGAAGGG(S9L)GGCAGAGAAACACACGA' ? 
3 3 PDB 3B58 3B58 1 'UCGUGGU(MTU)CAUUACCUGCC'            ? 
# 
loop_
_struct_ref_seq.align_id 
_struct_ref_seq.ref_id 
_struct_ref_seq.pdbx_PDB_id_code 
_struct_ref_seq.pdbx_strand_id 
_struct_ref_seq.seq_align_beg 
_struct_ref_seq.pdbx_seq_align_beg_ins_code 
_struct_ref_seq.seq_align_end 
_struct_ref_seq.pdbx_seq_align_end_ins_code 
_struct_ref_seq.pdbx_db_accession 
_struct_ref_seq.db_align_beg 
_struct_ref_seq.pdbx_db_align_beg_ins_code 
_struct_ref_seq.db_align_end 
_struct_ref_seq.pdbx_db_align_end_ins_code 
_struct_ref_seq.pdbx_auth_seq_align_beg 
_struct_ref_seq.pdbx_auth_seq_align_end 
1 1 3B91 A 1 ? 13 ? 3B58 1 ? 13 ? 1  13 
2 2 3B91 B 1 ? 30 ? 3B58 1 ? 30 ? 2  31 
3 3 3B91 C 1 ? 19 ? 3B58 1 ? 19 ? 31 49 
# 
loop_
_chem_comp.id 
_chem_comp.type 
_chem_comp.mon_nstd_flag 
_chem_comp.name 
_chem_comp.pdbx_synonyms 
_chem_comp.formula 
_chem_comp.formula_weight 
A   'RNA linking' y "ADENOSINE-5'-MONOPHOSPHATE"                              ? 'C10 H14 N5 O7 P' 347.221 
C   'RNA linking' y "CYTIDINE-5'-MONOPHOSPHATE"                               ? 'C9 H14 N3 O8 P'  323.197 
G   'RNA linking' y "GUANOSINE-5'-MONOPHOSPHATE"                              ? 'C10 H14 N5 O8 P' 363.221 
HOH non-polymer   . WATER                                                     ? 'H2 O'            18.015  
MTU 'RNA linking' n 9-BETA-D-RIBOFURANOSYL-9H-PURIN-2-AMINE                   ? 'C10 H14 N5 O7 P' 347.221 
NCO non-polymer   . 'COBALT HEXAMMINE(III)'                                   ? 'Co H18 N6 3'     161.116 
S9L non-polymer   . '2-[2-(2-HYDROXYETHOXY)ETHOXY]ETHYL DIHYDROGEN PHOSPHATE' ? 'C6 H15 O7 P'     230.153 
SO4 non-polymer   . 'SULFATE ION'                                             ? 'O4 S -2'         96.063  
U   'RNA linking' y "URIDINE-5'-MONOPHOSPHATE"                                ? 'C9 H13 N2 O9 P'  324.181 
# 
_exptl.entry_id          3B91 
_exptl.method            'X-RAY DIFFRACTION' 
_exptl.crystals_number   1 
# 
_exptl_crystal.id                    1 
_exptl_crystal.density_meas          ? 
_exptl_crystal.density_Matthews      4.33 
_exptl_crystal.density_percent_sol   78. 
_exptl_crystal.description           ? 
_exptl_crystal.F_000                 ? 
_exptl_crystal.preparation           ? 
# 
_exptl_crystal_grow.crystal_id      1 
_exptl_crystal_grow.method          'VAPOR DIFFUSION, SITTING DROP' 
_exptl_crystal_grow.temp            293 
_exptl_crystal_grow.pH              6.5 
_exptl_crystal_grow.pdbx_details    
;PEG 2K MME, lithium sulfate, sodium cacodylate, spermidine, cobalt hexaammine, pH 6.5, VAPOR DIFFUSION, SITTING DROP, temperature 293K
;
_exptl_crystal_grow.temp_details    ? 
_exptl_crystal_grow.pdbx_pH_range   . 
# 
loop_
_exptl_crystal_grow_comp.crystal_id 
_exptl_crystal_grow_comp.id 
_exptl_crystal_grow_comp.sol_id 
_exptl_crystal_grow_comp.name 
_exptl_crystal_grow_comp.conc 
_exptl_crystal_grow_comp.volume 
_exptl_crystal_grow_comp.details 
1 1 1 'PEG 2K MME'        ? ? ? 
1 2 1 Li2SO4              ? ? ? 
1 3 1 'sodium cacodylate' ? ? ? 
1 4 1 spermidine          ? ? ? 
1 5 1 'cobalt hexaammine' ? ? ? 
1 6 2 'PEG 2K MME'        ? ? ? 
1 7 2 Li2SO4              ? ? ? 
1 8 2 spermidine          ? ? ? 
# 
_diffrn.id                     1 
_diffrn.ambient_temp           100 
_diffrn.ambient_temp_details   ? 
_diffrn.crystal_id             1 
# 
_diffrn_detector.diffrn_id              1 
_diffrn_detector.detector               CCD 
_diffrn_detector.type                   'ADSC QUANTUM 270' 
_diffrn_detector.pdbx_collection_date   2007-05-10 
_diffrn_detector.details                ? 
# 
_diffrn_radiation.diffrn_id                        1 
_diffrn_radiation.wavelength_id                    1 
_diffrn_radiation.pdbx_monochromatic_or_laue_m_l   M 
_diffrn_radiation.monochromator                    
'BENT TRIANGULAR ASYMMETRIC CUT SI(111) MONOCHROMATOR (PROVIDES HORIZONTAL FOCUSSING), RH-COATED SI MIRROR FOR VERTICAL FOCUSSING' 
_diffrn_radiation.pdbx_diffrn_protocol             'SINGLE WAVELENGTH' 
_diffrn_radiation.pdbx_scattering_type             x-ray 
# 
_diffrn_radiation_wavelength.id           1 
_diffrn_radiation_wavelength.wavelength   0.918 
_diffrn_radiation_wavelength.wt           1.0 
# 
_diffrn_source.diffrn_id                   1 
_diffrn_source.source                      SYNCHROTRON 
_diffrn_source.type                        'CHESS BEAMLINE F1' 
_diffrn_source.pdbx_synchrotron_site       CHESS 
_diffrn_source.pdbx_synchrotron_beamline   F1 
_diffrn_source.pdbx_wavelength             ? 
_diffrn_source.pdbx_wavelength_list        0.918 
# 
_reflns.entry_id                     3B91 
_reflns.observed_criterion_sigma_I   ? 
_reflns.observed_criterion_sigma_F   ? 
_reflns.d_resolution_low             31.04 
_reflns.d_resolution_high            2.75 
_reflns.number_obs                   9589 
_reflns.number_all                   9642 
_reflns.percent_possible_obs         99.5 
_reflns.pdbx_Rmerge_I_obs            ? 
_reflns.pdbx_Rsym_value              0.061 
_reflns.pdbx_netI_over_sigmaI        23.2 
_reflns.B_iso_Wilson_estimate        67.7 
_reflns.pdbx_redundancy              9.8 
_reflns.R_free_details               ? 
_reflns.pdbx_chi_squared             ? 
_reflns.pdbx_scaling_rejects         ? 
_reflns.pdbx_diffrn_id               1 
_reflns.pdbx_ordinal                 1 
# 
_reflns_shell.d_res_high             2.75 
_reflns_shell.d_res_low              2.85 
_reflns_shell.percent_possible_all   99.4 
_reflns_shell.Rmerge_I_obs           ? 
_reflns_shell.pdbx_Rsym_value        0.466 
_reflns_shell.meanI_over_sigI_obs    3.0 
_reflns_shell.pdbx_redundancy        6.5 
_reflns_shell.percent_possible_obs   ? 
_reflns_shell.number_unique_all      935 
_reflns_shell.number_measured_all    ? 
_reflns_shell.number_measured_obs    ? 
_reflns_shell.number_unique_obs      ? 
_reflns_shell.pdbx_chi_squared       ? 
_reflns_shell.pdbx_diffrn_id         ? 
_reflns_shell.pdbx_ordinal           1 
# 
_refine.entry_id                                 3B91 
_refine.ls_number_reflns_obs                     9561 
_refine.ls_number_reflns_all                     9642 
_refine.pdbx_ls_sigma_I                          ? 
_refine.pdbx_ls_sigma_F                          -3.0 
_refine.pdbx_data_cutoff_high_absF               615867.67 
_refine.pdbx_data_cutoff_low_absF                0.000000 
_refine.pdbx_data_cutoff_high_rms_absF           ? 
_refine.ls_d_res_low                             31.04 
_refine.ls_d_res_high                            2.75 
_refine.ls_percent_reflns_obs                    99.0 
_refine.ls_R_factor_obs                          0.218 
_refine.ls_R_factor_all                          ? 
_refine.ls_R_factor_R_work                       0.216 
_refine.ls_R_factor_R_free                       0.243 
_refine.ls_R_factor_R_free_error                 0.008 
_refine.ls_R_factor_R_free_error_details         ? 
_refine.ls_percent_reflns_R_free                 9.2 
_refine.ls_number_reflns_R_free                  877 
_refine.ls_number_parameters                     ? 
_refine.ls_number_restraints                     ? 
_refine.occupancy_min                            ? 
_refine.occupancy_max                            ? 
_refine.correlation_coeff_Fo_to_Fc               ? 
_refine.correlation_coeff_Fo_to_Fc_free          ? 
_refine.B_iso_mean                               94.5 
_refine.aniso_B[1][1]                            -17.48 
_refine.aniso_B[2][2]                            -17.48 
_refine.aniso_B[3][3]                            34.96 
_refine.aniso_B[1][2]                            -13.05 
_refine.aniso_B[1][3]                            0.00 
_refine.aniso_B[2][3]                            0.00 
_refine.solvent_model_details                    'FLAT MODEL' 
_refine.solvent_model_param_ksol                 0.32 
_refine.solvent_model_param_bsol                 60 
_refine.pdbx_solvent_vdw_probe_radii             ? 
_refine.pdbx_solvent_ion_probe_radii             ? 
_refine.pdbx_solvent_shrinkage_radii             ? 
_refine.pdbx_ls_cross_valid_method               THROUGHOUT 
_refine.details                                  'Alternate conformation modeled for resi 1 of chain A' 
_refine.pdbx_starting_model                      2p7f 
_refine.pdbx_method_to_determine_struct          'FOURIER SYNTHESIS' 
_refine.pdbx_isotropic_thermal_model             RESTRAINED 
_refine.pdbx_stereochemistry_target_values       'Engh & Huber' 
_refine.pdbx_stereochem_target_val_spec_case     ? 
_refine.pdbx_R_Free_selection_details            RANDOM 
_refine.pdbx_overall_ESU_R                       ? 
_refine.pdbx_overall_ESU_R_Free                  ? 
_refine.overall_SU_ML                            ? 
_refine.overall_SU_B                             ? 
_refine.ls_redundancy_reflns_obs                 ? 
_refine.overall_SU_R_Cruickshank_DPI             ? 
_refine.overall_SU_R_free                        ? 
_refine.ls_wR_factor_R_free                      ? 
_refine.ls_wR_factor_R_work                      ? 
_refine.overall_FOM_free_R_set                   ? 
_refine.overall_FOM_work_R_set                   ? 
_refine.pdbx_overall_phase_error                 ? 
_refine.pdbx_refine_id                           'X-RAY DIFFRACTION' 
_refine.pdbx_diffrn_id                           1 
_refine.pdbx_TLS_residual_ADP_flag               ? 
_refine.pdbx_overall_SU_R_free_Cruickshank_DPI   ? 
_refine.pdbx_overall_SU_R_Blow_DPI               ? 
_refine.pdbx_overall_SU_R_free_Blow_DPI          ? 
# 
_refine_analyze.entry_id                        3B91 
_refine_analyze.Luzzati_coordinate_error_obs    0.46 
_refine_analyze.Luzzati_sigma_a_obs             0.74 
_refine_analyze.Luzzati_d_res_low_obs           40.48 
_refine_analyze.Luzzati_coordinate_error_free   0.42 
_refine_analyze.Luzzati_sigma_a_free            0.73 
_refine_analyze.Luzzati_d_res_low_free          ? 
_refine_analyze.number_disordered_residues      ? 
_refine_analyze.occupancy_sum_hydrogen          ? 
_refine_analyze.occupancy_sum_non_hydrogen      ? 
_refine_analyze.pdbx_refine_id                  'X-RAY DIFFRACTION' 
# 
_refine_hist.pdbx_refine_id                   'X-RAY DIFFRACTION' 
_refine_hist.cycle_id                         LAST 
_refine_hist.pdbx_number_atoms_protein        0 
_refine_hist.pdbx_number_atoms_nucleic_acid   1326 
_refine_hist.pdbx_number_atoms_ligand         19 
_refine_hist.number_atoms_solvent             2 
_refine_hist.number_atoms_total               1347 
_refine_hist.d_res_high                       2.75 
_refine_hist.d_res_low                        31.04 
# 
loop_
_refine_ls_restr.type 
_refine_ls_restr.dev_ideal 
_refine_ls_restr.dev_ideal_target 
_refine_ls_restr.weight 
_refine_ls_restr.number 
_refine_ls_restr.pdbx_refine_id 
_refine_ls_restr.pdbx_restraint_function 
c_bond_d           0.008 ? ? ? 'X-RAY DIFFRACTION' ? 
c_angle_deg        1.4   ? ? ? 'X-RAY DIFFRACTION' ? 
c_dihedral_angle_d 17.4  ? ? ? 'X-RAY DIFFRACTION' ? 
c_improper_angle_d 1.69  ? ? ? 'X-RAY DIFFRACTION' ? 
# 
_refine_ls_shell.pdbx_total_number_of_bins_used   4 
_refine_ls_shell.d_res_high                       2.75 
_refine_ls_shell.d_res_low                        3.03 
_refine_ls_shell.number_reflns_R_work             2117 
_refine_ls_shell.R_factor_R_work                  0.546 
_refine_ls_shell.percent_reflns_obs               99.4 
_refine_ls_shell.R_factor_R_free                  0.566 
_refine_ls_shell.R_factor_R_free_error            0.039 
_refine_ls_shell.percent_reflns_R_free            9.1 
_refine_ls_shell.number_reflns_R_free             211 
_refine_ls_shell.number_reflns_all                ? 
_refine_ls_shell.R_factor_all                     ? 
_refine_ls_shell.number_reflns_obs                2328 
_refine_ls_shell.redundancy_reflns_obs            ? 
_refine_ls_shell.pdbx_refine_id                   'X-RAY DIFFRACTION' 
# 
loop_
_pdbx_xplor_file.serial_no 
_pdbx_xplor_file.param_file 
_pdbx_xplor_file.topol_file 
_pdbx_xplor_file.pdbx_refine_id 
1 water_rep.param dna-rna0107.top 'X-RAY DIFFRACTION' 
2 dna-rna0107.par water.top       'X-RAY DIFFRACTION' 
3 cobalt.par      cobalt.top      'X-RAY DIFFRACTION' 
4 ion.param       ion.top         'X-RAY DIFFRACTION' 
# 
_struct.entry_id                  3B91 
_struct.title                     
;Minimally Hinged Hairpin Ribozyme Incorporates Ade38(2AP) and 2',5'-Phosphodiester Linkage Mutations at the Active Site
;
_struct.pdbx_model_details        ? 
_struct.pdbx_CASP_flag            N 
_struct.pdbx_model_type_details   ? 
# 
_struct_keywords.entry_id        3B91 
_struct_keywords.pdbx_keywords   RNA 
_struct_keywords.text            
;hairpin ribozyme; 2'5' phosphodiester; RNA; 2-aminopurine, RNA
;
# 
loop_
_struct_asym.id 
_struct_asym.pdbx_blank_PDB_chainid_flag 
_struct_asym.pdbx_modified 
_struct_asym.entity_id 
_struct_asym.details 
A N N 1 ? 
B N N 2 ? 
C N N 3 ? 
D N N 4 ? 
E N N 5 ? 
F N N 5 ? 
G N N 6 ? 
H N N 6 ? 
# 
_struct_biol.id        1 
_struct_biol.details   ? 
# 
loop_
_struct_conn.id 
_struct_conn.conn_type_id 
_struct_conn.pdbx_leaving_atom_flag 
_struct_conn.pdbx_PDB_id 
_struct_conn.ptnr1_label_asym_id 
_struct_conn.ptnr1_label_comp_id 
_struct_conn.ptnr1_label_seq_id 
_struct_conn.ptnr1_label_atom_id 
_struct_conn.pdbx_ptnr1_label_alt_id 
_struct_conn.pdbx_ptnr1_PDB_ins_code 
_struct_conn.pdbx_ptnr1_standard_comp_id 
_struct_conn.ptnr1_symmetry 
_struct_conn.ptnr2_label_asym_id 
_struct_conn.ptnr2_label_comp_id 
_struct_conn.ptnr2_label_seq_id 
_struct_conn.ptnr2_label_atom_id 
_struct_conn.pdbx_ptnr2_label_alt_id 
_struct_conn.pdbx_ptnr2_PDB_ins_code 
_struct_conn.ptnr1_auth_asym_id 
_struct_conn.ptnr1_auth_comp_id 
_struct_conn.ptnr1_auth_seq_id 
_struct_conn.ptnr2_auth_asym_id 
_struct_conn.ptnr2_auth_comp_id 
_struct_conn.ptnr2_auth_seq_id 
_struct_conn.ptnr2_symmetry 
_struct_conn.pdbx_ptnr3_label_atom_id 
_struct_conn.pdbx_ptnr3_label_seq_id 
_struct_conn.pdbx_ptnr3_label_comp_id 
_struct_conn.pdbx_ptnr3_label_asym_id 
_struct_conn.pdbx_ptnr3_label_alt_id 
_struct_conn.pdbx_ptnr3_PDB_ins_code 
_struct_conn.details 
_struct_conn.pdbx_dist_value 
_struct_conn.pdbx_value_order 
_struct_conn.pdbx_role 
covale1  covale one  ? A A   5  "O2'" ? ? ? 1_555 A G   6  P  ? ? A A   5  A G   6  1_555 ? ? ? ? ? ? ?                    1.586 ? 
? 
covale2  covale both ? B G   12 "O3'" ? ? ? 1_555 B S9L 13 P  ? ? B G   13 B S9L 14 1_555 ? ? ? ? ? ? ?                    1.600 ? 
? 
covale3  covale both ? B S9L 13 "O3'" ? ? ? 1_555 B G   14 P  ? ? B S9L 14 B G   15 1_555 ? ? ? ? ? ? ?                    1.606 ? 
? 
covale4  covale one  ? C U   7  "O3'" ? ? ? 1_555 C MTU 8  P  ? ? C U   37 C MTU 38 1_555 ? ? ? ? ? ? ?                    1.595 ? 
? 
covale5  covale both ? C MTU 8  "O3'" ? ? ? 1_555 C C   9  P  ? ? C MTU 38 C C   39 1_555 ? ? ? ? ? ? ?                    1.615 ? 
? 
hydrog1  hydrog ?    ? A C   2  N3    ? ? ? 1_555 B G   12 N1 ? ? A C   2  B G   13 1_555 ? ? ? ? ? ? WATSON-CRICK         ?     ? 
? 
hydrog2  hydrog ?    ? A C   2  N4    ? ? ? 1_555 B G   12 O6 ? ? A C   2  B G   13 1_555 ? ? ? ? ? ? WATSON-CRICK         ?     ? 
? 
hydrog3  hydrog ?    ? A C   2  O2    ? ? ? 1_555 B G   12 N2 ? ? A C   2  B G   13 1_555 ? ? ? ? ? ? WATSON-CRICK         ?     ? 
? 
hydrog4  hydrog ?    ? A C   3  N3    ? ? ? 1_555 B G   11 N1 ? ? A C   3  B G   12 1_555 ? ? ? ? ? ? WATSON-CRICK         ?     ? 
? 
hydrog5  hydrog ?    ? A C   3  N4    ? ? ? 1_555 B G   11 O6 ? ? A C   3  B G   12 1_555 ? ? ? ? ? ? WATSON-CRICK         ?     ? 
? 
hydrog6  hydrog ?    ? A C   3  O2    ? ? ? 1_555 B G   11 N2 ? ? A C   3  B G   12 1_555 ? ? ? ? ? ? WATSON-CRICK         ?     ? 
? 
hydrog7  hydrog ?    ? A C   4  N3    ? ? ? 1_555 B G   10 N1 ? ? A C   4  B G   11 1_555 ? ? ? ? ? ? WATSON-CRICK         ?     ? 
? 
hydrog8  hydrog ?    ? A C   4  N4    ? ? ? 1_555 B G   10 O6 ? ? A C   4  B G   11 1_555 ? ? ? ? ? ? WATSON-CRICK         ?     ? 
? 
hydrog9  hydrog ?    ? A C   4  O2    ? ? ? 1_555 B G   10 N2 ? ? A C   4  B G   11 1_555 ? ? ? ? ? ? WATSON-CRICK         ?     ? 
? 
hydrog10 hydrog ?    ? A A   5  N3    ? ? ? 1_555 B A   8  N6 ? ? A A   5  B A   9  1_555 ? ? ? ? ? ? 'A-A MISPAIR'        ?     ? 
? 
hydrog11 hydrog ?    ? A A   5  N3    ? ? ? 1_555 B A   9  N6 ? ? A A   5  B A   10 1_555 ? ? ? ? ? ? 'A-A MISPAIR'        ?     ? 
? 
hydrog12 hydrog ?    ? A G   6  N1    ? ? ? 1_555 B C   24 N3 ? ? A G   6  B C   25 1_555 ? ? ? ? ? ? WATSON-CRICK         ?     ? 
? 
hydrog13 hydrog ?    ? A G   6  N2    ? ? ? 1_555 B C   24 O2 ? ? A G   6  B C   25 1_555 ? ? ? ? ? ? WATSON-CRICK         ?     ? 
? 
hydrog14 hydrog ?    ? A G   6  O6    ? ? ? 1_555 B C   24 N4 ? ? A G   6  B C   25 1_555 ? ? ? ? ? ? WATSON-CRICK         ?     ? 
? 
hydrog15 hydrog ?    ? A C   8  N4    ? ? ? 1_555 B A   6  N1 ? ? A C   8  B A   7  1_555 ? ? ? ? ? ? 'C-A MISPAIR'        ?     ? 
? 
hydrog16 hydrog ?    ? A C   9  N3    ? ? ? 1_555 B G   5  N1 ? ? A C   9  B G   6  1_555 ? ? ? ? ? ? WATSON-CRICK         ?     ? 
? 
hydrog17 hydrog ?    ? A C   9  N4    ? ? ? 1_555 B G   5  O6 ? ? A C   9  B G   6  1_555 ? ? ? ? ? ? WATSON-CRICK         ?     ? 
? 
hydrog18 hydrog ?    ? A C   9  O2    ? ? ? 1_555 B G   5  N2 ? ? A C   9  B G   6  1_555 ? ? ? ? ? ? WATSON-CRICK         ?     ? 
? 
hydrog19 hydrog ?    ? A A   10 N1    ? ? ? 1_555 B U   4  N3 ? ? A A   10 B U   5  1_555 ? ? ? ? ? ? WATSON-CRICK         ?     ? 
? 
hydrog20 hydrog ?    ? A A   10 N6    ? ? ? 1_555 B U   4  O4 ? ? A A   10 B U   5  1_555 ? ? ? ? ? ? WATSON-CRICK         ?     ? 
? 
hydrog21 hydrog ?    ? A C   11 N3    ? ? ? 1_555 B G   3  N1 ? ? A C   11 B G   4  1_555 ? ? ? ? ? ? WATSON-CRICK         ?     ? 
? 
hydrog22 hydrog ?    ? A C   11 N4    ? ? ? 1_555 B G   3  O6 ? ? A C   11 B G   4  1_555 ? ? ? ? ? ? WATSON-CRICK         ?     ? 
? 
hydrog23 hydrog ?    ? A C   11 O2    ? ? ? 1_555 B G   3  N2 ? ? A C   11 B G   4  1_555 ? ? ? ? ? ? WATSON-CRICK         ?     ? 
? 
hydrog24 hydrog ?    ? A C   12 N3    ? ? ? 1_555 B G   2  N1 ? ? A C   12 B G   3  1_555 ? ? ? ? ? ? WATSON-CRICK         ?     ? 
? 
hydrog25 hydrog ?    ? A C   12 N4    ? ? ? 1_555 B G   2  O6 ? ? A C   12 B G   3  1_555 ? ? ? ? ? ? WATSON-CRICK         ?     ? 
? 
hydrog26 hydrog ?    ? A C   12 O2    ? ? ? 1_555 B G   2  N2 ? ? A C   12 B G   3  1_555 ? ? ? ? ? ? WATSON-CRICK         ?     ? 
? 
hydrog27 hydrog ?    ? A G   13 N1    ? ? ? 1_555 B C   1  N3 ? ? A G   13 B C   2  1_555 ? ? ? ? ? ? WATSON-CRICK         ?     ? 
? 
hydrog28 hydrog ?    ? A G   13 N2    ? ? ? 1_555 B C   1  O2 ? ? A G   13 B C   2  1_555 ? ? ? ? ? ? WATSON-CRICK         ?     ? 
? 
hydrog29 hydrog ?    ? A G   13 O6    ? ? ? 1_555 B C   1  N4 ? ? A G   13 B C   2  1_555 ? ? ? ? ? ? WATSON-CRICK         ?     ? 
? 
hydrog30 hydrog ?    ? B G   14 N1    ? ? ? 1_555 C C   19 N3 ? ? B G   15 C C   49 1_555 ? ? ? ? ? ? WATSON-CRICK         ?     ? 
? 
hydrog31 hydrog ?    ? B G   14 N2    ? ? ? 1_555 C C   19 O2 ? ? B G   15 C C   49 1_555 ? ? ? ? ? ? WATSON-CRICK         ?     ? 
? 
hydrog32 hydrog ?    ? B G   14 O6    ? ? ? 1_555 C C   19 N4 ? ? B G   15 C C   49 1_555 ? ? ? ? ? ? WATSON-CRICK         ?     ? 
? 
hydrog33 hydrog ?    ? B G   15 N1    ? ? ? 1_555 C C   18 N3 ? ? B G   16 C C   48 1_555 ? ? ? ? ? ? WATSON-CRICK         ?     ? 
? 
hydrog34 hydrog ?    ? B G   15 N2    ? ? ? 1_555 C C   18 O2 ? ? B G   16 C C   48 1_555 ? ? ? ? ? ? WATSON-CRICK         ?     ? 
? 
hydrog35 hydrog ?    ? B G   15 O6    ? ? ? 1_555 C C   18 N4 ? ? B G   16 C C   48 1_555 ? ? ? ? ? ? WATSON-CRICK         ?     ? 
? 
hydrog36 hydrog ?    ? B C   16 N3    ? ? ? 1_555 C G   17 N1 ? ? B C   17 C G   47 1_555 ? ? ? ? ? ? WATSON-CRICK         ?     ? 
? 
hydrog37 hydrog ?    ? B C   16 N4    ? ? ? 1_555 C G   17 O6 ? ? B C   17 C G   47 1_555 ? ? ? ? ? ? WATSON-CRICK         ?     ? 
? 
hydrog38 hydrog ?    ? B C   16 O2    ? ? ? 1_555 C G   17 N2 ? ? B C   17 C G   47 1_555 ? ? ? ? ? ? WATSON-CRICK         ?     ? 
? 
hydrog39 hydrog ?    ? B A   17 N1    ? ? ? 1_555 C U   16 N3 ? ? B A   18 C U   46 1_555 ? ? ? ? ? ? WATSON-CRICK         ?     ? 
? 
hydrog40 hydrog ?    ? B A   17 N6    ? ? ? 1_555 C U   16 O4 ? ? B A   18 C U   46 1_555 ? ? ? ? ? ? WATSON-CRICK         ?     ? 
? 
hydrog41 hydrog ?    ? B G   18 N1    ? ? ? 1_555 C C   15 N3 ? ? B G   19 C C   45 1_555 ? ? ? ? ? ? WATSON-CRICK         ?     ? 
? 
hydrog42 hydrog ?    ? B G   18 N2    ? ? ? 1_555 C C   15 O2 ? ? B G   19 C C   45 1_555 ? ? ? ? ? ? WATSON-CRICK         ?     ? 
? 
hydrog43 hydrog ?    ? B G   18 O6    ? ? ? 1_555 C C   15 N4 ? ? B G   19 C C   45 1_555 ? ? ? ? ? ? WATSON-CRICK         ?     ? 
? 
hydrog44 hydrog ?    ? B A   19 N1    ? ? ? 1_555 C C   14 N4 ? ? B A   20 C C   44 1_555 ? ? ? ? ? ? 'A-C MISPAIR'        ?     ? 
? 
hydrog45 hydrog ?    ? B G   20 N2    ? ? ? 1_555 C A   13 N7 ? ? B G   21 C A   43 1_555 ? ? ? ? ? ? 'G-A MISPAIR'        ?     ? 
? 
hydrog46 hydrog ?    ? B A   21 N6    ? ? ? 1_555 C U   11 O2 ? ? B A   22 C U   41 1_555 ? ? ? ? ? ? 'REVERSED HOOGSTEEN' ?     ? 
? 
hydrog47 hydrog ?    ? B A   21 N7    ? ? ? 1_555 C U   11 N3 ? ? B A   22 C U   41 1_555 ? ? ? ? ? ? 'REVERSED HOOGSTEEN' ?     ? 
? 
hydrog48 hydrog ?    ? B A   22 N6    ? ? ? 1_555 C A   10 N1 ? ? B A   23 C A   40 1_555 ? ? ? ? ? ? 'A-A MISPAIR'        ?     ? 
? 
hydrog49 hydrog ?    ? B A   25 N1    ? ? ? 1_555 C G   6  N1 ? ? B A   26 C G   36 1_555 ? ? ? ? ? ? TYPE_8_PAIR          ?     ? 
? 
hydrog50 hydrog ?    ? B A   25 N6    ? ? ? 1_555 C G   6  O6 ? ? B A   26 C G   36 1_555 ? ? ? ? ? ? TYPE_8_PAIR          ?     ? 
? 
hydrog51 hydrog ?    ? B C   26 N3    ? ? ? 1_555 C G   5  N1 ? ? B C   27 C G   35 1_555 ? ? ? ? ? ? WATSON-CRICK         ?     ? 
? 
hydrog52 hydrog ?    ? B C   26 N4    ? ? ? 1_555 C G   5  O6 ? ? B C   27 C G   35 1_555 ? ? ? ? ? ? WATSON-CRICK         ?     ? 
? 
hydrog53 hydrog ?    ? B C   26 O2    ? ? ? 1_555 C G   5  N2 ? ? B C   27 C G   35 1_555 ? ? ? ? ? ? WATSON-CRICK         ?     ? 
? 
hydrog54 hydrog ?    ? B A   27 N1    ? ? ? 1_555 C U   4  N3 ? ? B A   28 C U   34 1_555 ? ? ? ? ? ? WATSON-CRICK         ?     ? 
? 
hydrog55 hydrog ?    ? B A   27 N6    ? ? ? 1_555 C U   4  O4 ? ? B A   28 C U   34 1_555 ? ? ? ? ? ? WATSON-CRICK         ?     ? 
? 
hydrog56 hydrog ?    ? B C   28 N3    ? ? ? 1_555 C G   3  N1 ? ? B C   29 C G   33 1_555 ? ? ? ? ? ? WATSON-CRICK         ?     ? 
? 
hydrog57 hydrog ?    ? B C   28 N4    ? ? ? 1_555 C G   3  O6 ? ? B C   29 C G   33 1_555 ? ? ? ? ? ? WATSON-CRICK         ?     ? 
? 
hydrog58 hydrog ?    ? B C   28 O2    ? ? ? 1_555 C G   3  N2 ? ? B C   29 C G   33 1_555 ? ? ? ? ? ? WATSON-CRICK         ?     ? 
? 
hydrog59 hydrog ?    ? B G   29 N1    ? ? ? 1_555 C C   2  N3 ? ? B G   30 C C   32 1_555 ? ? ? ? ? ? WATSON-CRICK         ?     ? 
? 
hydrog60 hydrog ?    ? B G   29 N2    ? ? ? 1_555 C C   2  O2 ? ? B G   30 C C   32 1_555 ? ? ? ? ? ? WATSON-CRICK         ?     ? 
? 
hydrog61 hydrog ?    ? B G   29 O6    ? ? ? 1_555 C C   2  N4 ? ? B G   30 C C   32 1_555 ? ? ? ? ? ? WATSON-CRICK         ?     ? 
? 
hydrog62 hydrog ?    ? B A   30 N1    ? ? ? 1_555 C U   1  N3 ? ? B A   31 C U   31 1_555 ? ? ? ? ? ? WATSON-CRICK         ?     ? 
? 
hydrog63 hydrog ?    ? B A   30 N6    ? ? ? 1_555 C U   1  O4 ? ? B A   31 C U   31 1_555 ? ? ? ? ? ? WATSON-CRICK         ?     ? 
? 
# 
loop_
_struct_conn_type.id 
_struct_conn_type.criteria 
_struct_conn_type.reference 
covale ? ? 
hydrog ? ? 
# 
_atom_sites.entry_id                    3B91 
_atom_sites.fract_transf_matrix[1][1]   -0.01182727 
_atom_sites.fract_transf_matrix[1][2]   0.00312612 
_atom_sites.fract_transf_matrix[1][3]   0.00107050 
_atom_sites.fract_transf_matrix[2][1]   -0.00623690 
_atom_sites.fract_transf_matrix[2][2]   0.00389106 
_atom_sites.fract_transf_matrix[2][3]   -0.00983663 
_atom_sites.fract_transf_matrix[3][1]   -0.00199098 
_atom_sites.fract_transf_matrix[3][2]   -0.00701473 
_atom_sites.fract_transf_matrix[3][3]   -0.00151242 
_atom_sites.fract_transf_vector[1]      0.436036 
_atom_sites.fract_transf_vector[2]      0.211318 
_atom_sites.fract_transf_vector[3]      0.384628 
# 
loop_
_atom_type.symbol 
C  
CO 
N  
O  
P  
S  
# 
loop_
_atom_site.group_PDB 
_atom_site.id 
_atom_site.type_symbol 
_atom_site.label_atom_id 
_atom_site.label_alt_id 
_atom_site.label_comp_id 
_atom_site.label_asym_id 
_atom_site.label_entity_id 
_atom_site.label_seq_id 
_atom_site.pdbx_PDB_ins_code 
_atom_site.Cartn_x 
_atom_site.Cartn_y 
_atom_site.Cartn_z 
_atom_site.occupancy 
_atom_site.B_iso_or_equiv 
_atom_site.pdbx_formal_charge 
_atom_site.auth_seq_id 
_atom_site.auth_comp_id 
_atom_site.auth_asym_id 
_atom_site.auth_atom_id 
_atom_site.pdbx_PDB_model_num 
ATOM   1    O  "O5'" A U   A 1 1  ? -16.853 -3.496  -7.624  0.50 91.85  ? 1   U   A "O5'" 1 
ATOM   2    O  "O5'" B U   A 1 1  ? -16.748 -5.014  -7.183  0.50 87.56  ? 1   U   A "O5'" 1 
ATOM   3    C  "C5'" A U   A 1 1  ? -17.435 -4.609  -8.282  0.50 92.20  ? 1   U   A "C5'" 1 
ATOM   4    C  "C5'" B U   A 1 1  ? -17.676 -5.484  -8.161  0.50 92.94  ? 1   U   A "C5'" 1 
ATOM   5    C  "C4'" A U   A 1 1  ? -16.982 -4.713  -9.720  0.50 92.61  ? 1   U   A "C4'" 1 
ATOM   6    C  "C4'" B U   A 1 1  ? -17.194 -5.240  -9.572  0.50 94.70  ? 1   U   A "C4'" 1 
ATOM   7    O  "O4'" A U   A 1 1  ? -17.306 -3.486  -10.425 0.50 93.05  ? 1   U   A "O4'" 1 
ATOM   8    O  "O4'" B U   A 1 1  ? -17.759 -4.006  -10.085 0.50 97.21  ? 1   U   A "O4'" 1 
ATOM   9    C  "C3'" A U   A 1 1  ? -15.486 -4.855  -9.938  0.50 93.73  ? 1   U   A "C3'" 1 
ATOM   10   C  "C3'" B U   A 1 1  ? -15.694 -5.051  -9.713  0.50 96.40  ? 1   U   A "C3'" 1 
ATOM   11   O  "O3'" A U   A 1 1  ? -15.046 -6.203  -9.747  0.50 94.02  ? 1   U   A "O3'" 1 
ATOM   12   O  "O3'" B U   A 1 1  ? -15.032 -6.300  -9.792  0.50 95.33  ? 1   U   A "O3'" 1 
ATOM   13   C  "C2'" A U   A 1 1  ? -15.333 -4.399  -11.388 0.50 93.54  ? 1   U   A "C2'" 1 
ATOM   14   C  "C2'" B U   A 1 1  ? -15.590 -4.246  -11.001 0.50 97.95  ? 1   U   A "C2'" 1 
ATOM   15   O  "O2'" A U   A 1 1  ? -15.621 -5.419  -12.319 0.50 94.53  ? 1   U   A "O2'" 1 
ATOM   16   O  "O2'" B U   A 1 1  ? -15.720 -5.013  -12.181 0.50 98.92  ? 1   U   A "O2'" 1 
ATOM   17   C  "C1'" A U   A 1 1  ? -16.378 -3.286  -11.482 0.50 91.93  ? 1   U   A "C1'" 1 
ATOM   18   C  "C1'" B U   A 1 1  ? -16.781 -3.308  -10.842 0.50 97.71  ? 1   U   A "C1'" 1 
ATOM   19   N  N1    A U   A 1 1  ? -15.785 -1.949  -11.342 0.50 90.39  ? 1   U   A N1    1 
ATOM   20   N  N1    B U   A 1 1  ? -16.400 -2.130  -10.059 0.50 97.85  ? 1   U   A N1    1 
ATOM   21   C  C2    A U   A 1 1  ? -15.200 -1.389  -12.460 0.50 89.22  ? 1   U   A C2    1 
ATOM   22   C  C2    B U   A 1 1  ? -15.641 -1.148  -10.665 0.50 98.45  ? 1   U   A C2    1 
ATOM   23   O  O2    A U   A 1 1  ? -15.194 -1.944  -13.546 0.50 86.78  ? 1   U   A O2    1 
ATOM   24   O  O2    B U   A 1 1  ? -15.286 -1.205  -11.834 0.50 99.81  ? 1   U   A O2    1 
ATOM   25   N  N3    A U   A 1 1  ? -14.634 -0.153  -12.255 0.50 87.56  ? 1   U   A N3    1 
ATOM   26   N  N3    B U   A 1 1  ? -15.314 -0.099  -9.848  0.50 97.24  ? 1   U   A N3    1 
ATOM   27   C  C4    A U   A 1 1  ? -14.599 0.550   -11.069 0.50 88.27  ? 1   U   A C4    1 
ATOM   28   C  C4    B U   A 1 1  ? -15.667 0.058   -8.526  0.50 96.12  ? 1   U   A C4    1 
ATOM   29   O  O4    A U   A 1 1  ? -14.031 1.657   -11.034 0.50 87.85  ? 1   U   A O4    1 
ATOM   30   O  O4    B U   A 1 1  ? -15.285 1.082   -7.914  0.50 95.02  ? 1   U   A O4    1 
ATOM   31   C  C5    A U   A 1 1  ? -15.247 -0.094  -9.967  0.50 88.87  ? 1   U   A C5    1 
ATOM   32   C  C5    B U   A 1 1  ? -16.459 -0.992  -7.978  0.50 95.85  ? 1   U   A C5    1 
ATOM   33   C  C6    A U   A 1 1  ? -15.800 -1.292  -10.138 0.50 90.39  ? 1   U   A C6    1 
ATOM   34   C  C6    B U   A 1 1  ? -16.792 -2.024  -8.744  0.50 96.73  ? 1   U   A C6    1 
ATOM   35   P  P     . C   A 1 2  ? -13.604 -6.486  -9.087  1.00 94.69  ? 2   C   A P     1 
ATOM   36   O  OP1   . C   A 1 2  ? -13.159 -7.846  -9.491  1.00 90.91  ? 2   C   A OP1   1 
ATOM   37   O  OP2   . C   A 1 2  ? -13.688 -6.139  -7.630  1.00 88.31  ? 2   C   A OP2   1 
ATOM   38   O  "O5'" . C   A 1 2  ? -12.668 -5.441  -9.820  1.00 86.72  ? 2   C   A "O5'" 1 
ATOM   39   C  "C5'" . C   A 1 2  ? -12.435 -5.556  -11.207 1.00 74.18  ? 2   C   A "C5'" 1 
ATOM   40   C  "C4'" . C   A 1 2  ? -11.581 -4.427  -11.663 1.00 74.70  ? 2   C   A "C4'" 1 
ATOM   41   O  "O4'" . C   A 1 2  ? -12.302 -3.200  -11.425 1.00 74.75  ? 2   C   A "O4'" 1 
ATOM   42   C  "C3'" . C   A 1 2  ? -10.330 -4.247  -10.828 1.00 73.13  ? 2   C   A "C3'" 1 
ATOM   43   O  "O3'" . C   A 1 2  ? -9.287  -5.116  -11.249 1.00 73.75  ? 2   C   A "O3'" 1 
ATOM   44   C  "C2'" . C   A 1 2  ? -10.001 -2.787  -11.075 1.00 73.49  ? 2   C   A "C2'" 1 
ATOM   45   O  "O2'" . C   A 1 2  ? -9.421  -2.587  -12.339 1.00 74.60  ? 2   C   A "O2'" 1 
ATOM   46   C  "C1'" . C   A 1 2  ? -11.392 -2.166  -11.100 1.00 70.89  ? 2   C   A "C1'" 1 
ATOM   47   N  N1    . C   A 1 2  ? -11.776 -1.595  -9.810  1.00 70.03  ? 2   C   A N1    1 
ATOM   48   C  C2    . C   A 1 2  ? -11.282 -0.332  -9.448  1.00 69.41  ? 2   C   A C2    1 
ATOM   49   O  O2    . C   A 1 2  ? -10.549 0.277   -10.229 1.00 74.30  ? 2   C   A O2    1 
ATOM   50   N  N3    . C   A 1 2  ? -11.612 0.190   -8.257  1.00 67.76  ? 2   C   A N3    1 
ATOM   51   C  C4    . C   A 1 2  ? -12.403 -0.482  -7.437  1.00 67.71  ? 2   C   A C4    1 
ATOM   52   N  N4    . C   A 1 2  ? -12.698 0.083   -6.270  1.00 69.30  ? 2   C   A N4    1 
ATOM   53   C  C5    . C   A 1 2  ? -12.929 -1.768  -7.780  1.00 70.15  ? 2   C   A C5    1 
ATOM   54   C  C6    . C   A 1 2  ? -12.597 -2.280  -8.969  1.00 68.81  ? 2   C   A C6    1 
ATOM   55   P  P     . C   A 1 3  ? -8.169  -5.584  -10.193 1.00 69.90  ? 3   C   A P     1 
ATOM   56   O  OP1   . C   A 1 3  ? -7.318  -6.615  -10.833 1.00 69.16  ? 3   C   A OP1   1 
ATOM   57   O  OP2   . C   A 1 3  ? -8.841  -5.879  -8.911  1.00 68.08  ? 3   C   A OP2   1 
ATOM   58   O  "O5'" . C   A 1 3  ? -7.278  -4.299  -9.985  1.00 65.68  ? 3   C   A "O5'" 1 
ATOM   59   C  "C5'" . C   A 1 3  ? -6.459  -3.862  -11.037 1.00 59.32  ? 3   C   A "C5'" 1 
ATOM   60   C  "C4'" . C   A 1 3  ? -5.620  -2.702  -10.602 1.00 64.39  ? 3   C   A "C4'" 1 
ATOM   61   O  "O4'" . C   A 1 3  ? -6.469  -1.566  -10.331 1.00 68.51  ? 3   C   A "O4'" 1 
ATOM   62   C  "C3'" . C   A 1 3  ? -4.872  -2.914  -9.310  1.00 67.44  ? 3   C   A "C3'" 1 
ATOM   63   O  "O3'" . C   A 1 3  ? -3.658  -3.586  -9.564  1.00 69.24  ? 3   C   A "O3'" 1 
ATOM   64   C  "C2'" . C   A 1 3  ? -4.631  -1.485  -8.853  1.00 66.40  ? 3   C   A "C2'" 1 
ATOM   65   O  "O2'" . C   A 1 3  ? -3.591  -0.886  -9.585  1.00 69.08  ? 3   C   A "O2'" 1 
ATOM   66   C  "C1'" . C   A 1 3  ? -5.931  -0.814  -9.265  1.00 65.23  ? 3   C   A "C1'" 1 
ATOM   67   N  N1    . C   A 1 3  ? -6.923  -0.765  -8.189  1.00 66.67  ? 3   C   A N1    1 
ATOM   68   C  C2    . C   A 1 3  ? -6.852  0.276   -7.278  1.00 65.93  ? 3   C   A C2    1 
ATOM   69   O  O2    . C   A 1 3  ? -5.930  1.087   -7.387  1.00 67.08  ? 3   C   A O2    1 
ATOM   70   N  N3    . C   A 1 3  ? -7.778  0.371   -6.304  1.00 64.14  ? 3   C   A N3    1 
ATOM   71   C  C4    . C   A 1 3  ? -8.742  -0.541  -6.213  1.00 63.19  ? 3   C   A C4    1 
ATOM   72   N  N4    . C   A 1 3  ? -9.644  -0.415  -5.243  1.00 65.74  ? 3   C   A N4    1 
ATOM   73   C  C5    . C   A 1 3  ? -8.822  -1.635  -7.119  1.00 64.24  ? 3   C   A C5    1 
ATOM   74   C  C6    . C   A 1 3  ? -7.900  -1.707  -8.084  1.00 64.85  ? 3   C   A C6    1 
ATOM   75   P  P     . C   A 1 4  ? -3.018  -4.500  -8.418  1.00 76.46  ? 4   C   A P     1 
ATOM   76   O  OP1   . C   A 1 4  ? -1.711  -5.012  -8.902  1.00 81.20  ? 4   C   A OP1   1 
ATOM   77   O  OP2   . C   A 1 4  ? -4.066  -5.449  -7.966  1.00 78.46  ? 4   C   A OP2   1 
ATOM   78   O  "O5'" . C   A 1 4  ? -2.741  -3.460  -7.252  1.00 75.86  ? 4   C   A "O5'" 1 
ATOM   79   C  "C5'" . C   A 1 4  ? -1.839  -2.400  -7.461  1.00 70.34  ? 4   C   A "C5'" 1 
ATOM   80   C  "C4'" . C   A 1 4  ? -1.756  -1.545  -6.234  1.00 74.81  ? 4   C   A "C4'" 1 
ATOM   81   O  "O4'" . C   A 1 4  ? -3.048  -0.939  -5.995  1.00 77.10  ? 4   C   A "O4'" 1 
ATOM   82   C  "C3'" . C   A 1 4  ? -1.497  -2.329  -4.962  1.00 75.32  ? 4   C   A "C3'" 1 
ATOM   83   O  "O3'" . C   A 1 4  ? -0.090  -2.529  -4.841  1.00 78.57  ? 4   C   A "O3'" 1 
ATOM   84   C  "C2'" . C   A 1 4  ? -2.046  -1.387  -3.886  1.00 75.25  ? 4   C   A "C2'" 1 
ATOM   85   O  "O2'" . C   A 1 4  ? -1.176  -0.333  -3.536  1.00 74.87  ? 4   C   A "O2'" 1 
ATOM   86   C  "C1'" . C   A 1 4  ? -3.225  -0.746  -4.610  1.00 73.87  ? 4   C   A "C1'" 1 
ATOM   87   N  N1    . C   A 1 4  ? -4.589  -1.111  -4.196  1.00 72.76  ? 4   C   A N1    1 
ATOM   88   C  C2    . C   A 1 4  ? -5.139  -0.398  -3.144  1.00 72.36  ? 4   C   A C2    1 
ATOM   89   O  O2    . C   A 1 4  ? -4.456  0.495   -2.630  1.00 74.36  ? 4   C   A O2    1 
ATOM   90   N  N3    . C   A 1 4  ? -6.394  -0.690  -2.712  1.00 72.09  ? 4   C   A N3    1 
ATOM   91   C  C4    . C   A 1 4  ? -7.091  -1.659  -3.299  1.00 72.14  ? 4   C   A C4    1 
ATOM   92   N  N4    . C   A 1 4  ? -8.331  -1.922  -2.825  1.00 70.10  ? 4   C   A N4    1 
ATOM   93   C  C5    . C   A 1 4  ? -6.551  -2.408  -4.394  1.00 70.71  ? 4   C   A C5    1 
ATOM   94   C  C6    . C   A 1 4  ? -5.305  -2.101  -4.807  1.00 71.81  ? 4   C   A C6    1 
ATOM   95   P  P     . A   A 1 5  ? 0.486   -3.862  -4.149  1.00 82.97  ? 5   A   A P     1 
ATOM   96   O  OP1   . A   A 1 5  ? 1.962   -3.678  -4.063  1.00 79.73  ? 5   A   A OP1   1 
ATOM   97   O  OP2   . A   A 1 5  ? -0.064  -5.070  -4.805  1.00 75.37  ? 5   A   A OP2   1 
ATOM   98   O  "O5'" . A   A 1 5  ? -0.124  -3.796  -2.691  1.00 81.53  ? 5   A   A "O5'" 1 
ATOM   99   C  "C5'" . A   A 1 5  ? 0.400   -2.884  -1.743  1.00 82.81  ? 5   A   A "C5'" 1 
ATOM   100  C  "C4'" . A   A 1 5  ? -0.206  -3.153  -0.411  1.00 83.72  ? 5   A   A "C4'" 1 
ATOM   101  O  "O4'" . A   A 1 5  ? -1.563  -2.642  -0.382  1.00 84.91  ? 5   A   A "O4'" 1 
ATOM   102  C  "C3'" . A   A 1 5  ? -0.334  -4.628  -0.098  1.00 82.74  ? 5   A   A "C3'" 1 
ATOM   103  C  "C2'" . A   A 1 5  ? -1.457  -4.605  0.916   1.00 87.02  ? 5   A   A "C2'" 1 
ATOM   104  O  "O2'" . A   A 1 5  ? -0.916  -4.237  2.155   1.00 91.37  ? 5   A   A "O2'" 1 
ATOM   105  C  "C1'" . A   A 1 5  ? -2.382  -3.522  0.355   1.00 87.51  ? 5   A   A "C1'" 1 
ATOM   106  N  N9    . A   A 1 5  ? -3.340  -4.110  -0.575  1.00 88.64  ? 5   A   A N9    1 
ATOM   107  C  C8    . A   A 1 5  ? -3.058  -4.548  -1.841  1.00 89.29  ? 5   A   A C8    1 
ATOM   108  N  N7    . A   A 1 5  ? -4.080  -5.082  -2.460  1.00 90.09  ? 5   A   A N7    1 
ATOM   109  C  C5    . A   A 1 5  ? -5.112  -4.979  -1.538  1.00 88.07  ? 5   A   A C5    1 
ATOM   110  C  C6    . A   A 1 5  ? -6.455  -5.369  -1.595  1.00 87.53  ? 5   A   A C6    1 
ATOM   111  N  N6    . A   A 1 5  ? -6.989  -5.992  -2.635  1.00 87.13  ? 5   A   A N6    1 
ATOM   112  N  N1    . A   A 1 5  ? -7.232  -5.107  -0.529  1.00 87.31  ? 5   A   A N1    1 
ATOM   113  C  C2    . A   A 1 5  ? -6.677  -4.508  0.527   1.00 87.88  ? 5   A   A C2    1 
ATOM   114  N  N3    . A   A 1 5  ? -5.416  -4.107  0.706   1.00 88.49  ? 5   A   A N3    1 
ATOM   115  C  C4    . A   A 1 5  ? -4.676  -4.372  -0.378  1.00 88.34  ? 5   A   A C4    1 
ATOM   116  P  P     . G   A 1 6  ? -1.265  -5.104  3.436   1.00 89.29  ? 6   G   A P     1 
ATOM   117  O  OP1   . G   A 1 6  ? -1.996  -6.320  3.012   1.00 90.81  ? 6   G   A OP1   1 
ATOM   118  O  OP2   . G   A 1 6  ? -1.930  -4.059  4.235   1.00 89.61  ? 6   G   A OP2   1 
ATOM   119  O  "O5'" . G   A 1 6  ? 0.107   -5.352  4.217   1.00 91.04  ? 6   G   A "O5'" 1 
ATOM   120  C  "C5'" . G   A 1 6  ? 0.607   -4.195  4.860   1.00 86.38  ? 6   G   A "C5'" 1 
ATOM   121  C  "C4'" . G   A 1 6  ? 1.509   -4.448  6.026   1.00 86.59  ? 6   G   A "C4'" 1 
ATOM   122  O  "O4'" . G   A 1 6  ? 2.438   -3.330  6.037   1.00 82.29  ? 6   G   A "O4'" 1 
ATOM   123  C  "C3'" . G   A 1 6  ? 0.711   -4.365  7.311   1.00 87.56  ? 6   G   A "C3'" 1 
ATOM   124  O  "O3'" . G   A 1 6  ? 1.365   -5.244  8.226   1.00 90.35  ? 6   G   A "O3'" 1 
ATOM   125  C  "C2'" . G   A 1 6  ? 0.783   -2.875  7.698   1.00 87.33  ? 6   G   A "C2'" 1 
ATOM   126  O  "O2'" . G   A 1 6  ? 0.638   -2.480  9.049   1.00 89.26  ? 6   G   A "O2'" 1 
ATOM   127  C  "C1'" . G   A 1 6  ? 2.157   -2.487  7.129   1.00 84.08  ? 6   G   A "C1'" 1 
ATOM   128  N  N9    . G   A 1 6  ? 2.445   -1.107  6.757   1.00 81.46  ? 6   G   A N9    1 
ATOM   129  C  C8    . G   A 1 6  ? 3.650   -0.486  6.667   1.00 80.29  ? 6   G   A C8    1 
ATOM   130  N  N7    . G   A 1 6  ? 3.543   0.802   6.439   1.00 78.06  ? 6   G   A N7    1 
ATOM   131  C  C5    . G   A 1 6  ? 2.166   0.997   6.359   1.00 77.85  ? 6   G   A C5    1 
ATOM   132  C  C6    . G   A 1 6  ? 1.424   2.191   6.137   1.00 77.69  ? 6   G   A C6    1 
ATOM   133  O  O6    . G   A 1 6  ? 1.856   3.328   5.974   1.00 75.29  ? 6   G   A O6    1 
ATOM   134  N  N1    . G   A 1 6  ? 0.055   1.916   6.120   1.00 76.43  ? 6   G   A N1    1 
ATOM   135  C  C2    . G   A 1 6  ? -0.538  0.663   6.318   1.00 76.68  ? 6   G   A C2    1 
ATOM   136  N  N2    . G   A 1 6  ? -1.873  0.676   6.286   1.00 76.86  ? 6   G   A N2    1 
ATOM   137  N  N3    . G   A 1 6  ? 0.169   -0.413  6.526   1.00 75.95  ? 6   G   A N3    1 
ATOM   138  C  C4    . G   A 1 6  ? 1.480   -0.165  6.523   1.00 77.59  ? 6   G   A C4    1 
ATOM   139  P  P     . U   A 1 7  ? 0.781   -6.699  8.572   1.00 92.96  ? 7   U   A P     1 
ATOM   140  O  OP1   . U   A 1 7  ? 1.757   -7.238  9.528   1.00 94.28  ? 7   U   A OP1   1 
ATOM   141  O  OP2   . U   A 1 7  ? 0.508   -7.459  7.330   1.00 89.74  ? 7   U   A OP2   1 
ATOM   142  O  "O5'" . U   A 1 7  ? -0.522  -6.368  9.418   1.00 89.38  ? 7   U   A "O5'" 1 
ATOM   143  C  "C5'" . U   A 1 7  ? -0.347  -5.617  10.601  1.00 91.12  ? 7   U   A "C5'" 1 
ATOM   144  C  "C4'" . U   A 1 7  ? -1.566  -5.654  11.481  1.00 95.13  ? 7   U   A "C4'" 1 
ATOM   145  O  "O4'" . U   A 1 7  ? -2.599  -4.759  10.980  1.00 99.67  ? 7   U   A "O4'" 1 
ATOM   146  C  "C3'" . U   A 1 7  ? -2.243  -6.996  11.547  1.00 97.65  ? 7   U   A "C3'" 1 
ATOM   147  O  "O3'" . U   A 1 7  ? -1.554  -7.824  12.471  1.00 93.59  ? 7   U   A "O3'" 1 
ATOM   148  C  "C2'" . U   A 1 7  ? -3.645  -6.612  12.019  1.00 102.54 ? 7   U   A "C2'" 1 
ATOM   149  O  "O2'" . U   A 1 7  ? -3.684  -6.414  13.418  1.00 107.42 ? 7   U   A "O2'" 1 
ATOM   150  C  "C1'" . U   A 1 7  ? -3.880  -5.284  11.311  1.00 103.28 ? 7   U   A "C1'" 1 
ATOM   151  N  N1    . U   A 1 7  ? -4.685  -5.408  10.086  1.00 104.42 ? 7   U   A N1    1 
ATOM   152  C  C2    . U   A 1 7  ? -6.089  -5.576  10.174  1.00 106.87 ? 7   U   A C2    1 
ATOM   153  O  O2    . U   A 1 7  ? -6.728  -5.609  11.243  1.00 108.68 ? 7   U   A O2    1 
ATOM   154  N  N3    . U   A 1 7  ? -6.712  -5.708  8.957   1.00 108.52 ? 7   U   A N3    1 
ATOM   155  C  C4    . U   A 1 7  ? -6.114  -5.703  7.708   1.00 106.43 ? 7   U   A C4    1 
ATOM   156  O  O4    . U   A 1 7  ? -6.801  -5.830  6.691   1.00 107.41 ? 7   U   A O4    1 
ATOM   157  C  C5    . U   A 1 7  ? -4.695  -5.526  7.719   1.00 103.65 ? 7   U   A C5    1 
ATOM   158  C  C6    . U   A 1 7  ? -4.051  -5.384  8.874   1.00 103.74 ? 7   U   A C6    1 
ATOM   159  P  P     . C   A 1 8  ? -1.882  -9.395  12.500  1.00 96.50  ? 8   C   A P     1 
ATOM   160  O  OP1   . C   A 1 8  ? -1.743  -9.890  13.878  1.00 97.07  ? 8   C   A OP1   1 
ATOM   161  O  OP2   . C   A 1 8  ? -1.144  -10.064 11.406  1.00 92.03  ? 8   C   A OP2   1 
ATOM   162  O  "O5'" . C   A 1 8  ? -3.441  -9.435  12.221  1.00 97.65  ? 8   C   A "O5'" 1 
ATOM   163  C  "C5'" . C   A 1 8  ? -4.353  -9.322  13.316  1.00 103.70 ? 8   C   A "C5'" 1 
ATOM   164  C  "C4'" . C   A 1 8  ? -5.701  -9.800  12.889  1.00 108.09 ? 8   C   A "C4'" 1 
ATOM   165  O  "O4'" . C   A 1 8  ? -6.228  -8.892  11.895  1.00 109.38 ? 8   C   A "O4'" 1 
ATOM   166  C  "C3'" . C   A 1 8  ? -5.665  -11.135 12.184  1.00 109.98 ? 8   C   A "C3'" 1 
ATOM   167  O  "O3'" . C   A 1 8  ? -5.595  -12.209 13.108  1.00 111.05 ? 8   C   A "O3'" 1 
ATOM   168  C  "C2'" . C   A 1 8  ? -6.940  -11.083 11.368  1.00 109.51 ? 8   C   A "C2'" 1 
ATOM   169  O  "O2'" . C   A 1 8  ? -8.075  -11.340 12.163  1.00 111.59 ? 8   C   A "O2'" 1 
ATOM   170  C  "C1'" . C   A 1 8  ? -6.950  -9.621  10.927  1.00 109.00 ? 8   C   A "C1'" 1 
ATOM   171  N  N1    . C   A 1 8  ? -6.275  -9.451  9.635   1.00 109.39 ? 8   C   A N1    1 
ATOM   172  C  C2    . C   A 1 8  ? -7.053  -9.454  8.480   1.00 110.39 ? 8   C   A C2    1 
ATOM   173  O  O2    . C   A 1 8  ? -8.290  -9.559  8.592   1.00 111.79 ? 8   C   A O2    1 
ATOM   174  N  N3    . C   A 1 8  ? -6.449  -9.335  7.278   1.00 110.16 ? 8   C   A N3    1 
ATOM   175  C  C4    . C   A 1 8  ? -5.123  -9.201  7.208   1.00 108.74 ? 8   C   A C4    1 
ATOM   176  N  N4    . C   A 1 8  ? -4.573  -9.093  5.998   1.00 108.02 ? 8   C   A N4    1 
ATOM   177  C  C5    . C   A 1 8  ? -4.306  -9.176  8.376   1.00 106.81 ? 8   C   A C5    1 
ATOM   178  C  C6    . C   A 1 8  ? -4.917  -9.305  9.557   1.00 106.56 ? 8   C   A C6    1 
ATOM   179  P  P     . C   A 1 9  ? -5.000  -13.610 12.621  1.00 112.61 ? 9   C   A P     1 
ATOM   180  O  OP1   . C   A 1 9  ? -5.035  -14.509 13.788  1.00 112.87 ? 9   C   A OP1   1 
ATOM   181  O  OP2   . C   A 1 9  ? -3.718  -13.394 11.911  1.00 109.96 ? 9   C   A OP2   1 
ATOM   182  O  "O5'" . C   A 1 9  ? -6.089  -14.088 11.562  1.00 114.04 ? 9   C   A "O5'" 1 
ATOM   183  C  "C5'" . C   A 1 9  ? -7.466  -14.138 11.918  1.00 116.20 ? 9   C   A "C5'" 1 
ATOM   184  C  "C4'" . C   A 1 9  ? -8.276  -14.728 10.787  1.00 121.05 ? 9   C   A "C4'" 1 
ATOM   185  O  "O4'" . C   A 1 9  ? -8.414  -13.744 9.725   1.00 123.03 ? 9   C   A "O4'" 1 
ATOM   186  C  "C3'" . C   A 1 9  ? -7.661  -15.933 10.093  1.00 122.74 ? 9   C   A "C3'" 1 
ATOM   187  O  "O3'" . C   A 1 9  ? -7.853  -17.175 10.751  1.00 123.38 ? 9   C   A "O3'" 1 
ATOM   188  C  "C2'" . C   A 1 9  ? -8.350  -15.900 8.740   1.00 123.26 ? 9   C   A "C2'" 1 
ATOM   189  O  "O2'" . C   A 1 9  ? -9.662  -16.429 8.806   1.00 125.44 ? 9   C   A "O2'" 1 
ATOM   190  C  "C1'" . C   A 1 9  ? -8.374  -14.397 8.466   1.00 123.15 ? 9   C   A "C1'" 1 
ATOM   191  N  N1    . C   A 1 9  ? -7.130  -14.005 7.785   1.00 122.80 ? 9   C   A N1    1 
ATOM   192  C  C2    . C   A 1 9  ? -6.976  -14.355 6.453   1.00 123.03 ? 9   C   A C2    1 
ATOM   193  O  O2    . C   A 1 9  ? -7.906  -14.955 5.885   1.00 125.40 ? 9   C   A O2    1 
ATOM   194  N  N3    . C   A 1 9  ? -5.823  -14.034 5.814   1.00 120.84 ? 9   C   A N3    1 
ATOM   195  C  C4    . C   A 1 9  ? -4.857  -13.387 6.466   1.00 118.79 ? 9   C   A C4    1 
ATOM   196  N  N4    . C   A 1 9  ? -3.741  -13.098 5.808   1.00 115.80 ? 9   C   A N4    1 
ATOM   197  C  C5    . C   A 1 9  ? -4.995  -13.009 7.825   1.00 119.56 ? 9   C   A C5    1 
ATOM   198  C  C6    . C   A 1 9  ? -6.140  -13.333 8.441   1.00 121.67 ? 9   C   A C6    1 
ATOM   199  P  P     . A   A 1 10 ? -7.069  -18.472 10.214  1.00 124.07 ? 10  A   A P     1 
ATOM   200  O  OP1   . A   A 1 10 ? -7.615  -19.639 10.932  1.00 124.42 ? 10  A   A OP1   1 
ATOM   201  O  OP2   . A   A 1 10 ? -5.605  -18.220 10.213  1.00 120.26 ? 10  A   A OP2   1 
ATOM   202  O  "O5'" . A   A 1 10 ? -7.507  -18.576 8.690   1.00 125.96 ? 10  A   A "O5'" 1 
ATOM   203  C  "C5'" . A   A 1 10 ? -8.712  -19.226 8.307   1.00 127.82 ? 10  A   A "C5'" 1 
ATOM   204  C  "C4'" . A   A 1 10 ? -8.575  -19.737 6.895   1.00 130.35 ? 10  A   A "C4'" 1 
ATOM   205  O  "O4'" . A   A 1 10 ? -8.309  -18.607 6.018   1.00 130.85 ? 10  A   A "O4'" 1 
ATOM   206  C  "C3'" . A   A 1 10 ? -7.382  -20.651 6.661   1.00 131.31 ? 10  A   A "C3'" 1 
ATOM   207  O  "O3'" . A   A 1 10 ? -7.627  -22.004 6.997   1.00 131.79 ? 10  A   A "O3'" 1 
ATOM   208  C  "C2'" . A   A 1 10 ? -7.124  -20.487 5.172   1.00 130.51 ? 10  A   A "C2'" 1 
ATOM   209  O  "O2'" . A   A 1 10 ? -7.985  -21.269 4.363   1.00 130.79 ? 10  A   A "O2'" 1 
ATOM   210  C  "C1'" . A   A 1 10 ? -7.403  -18.996 4.993   1.00 128.91 ? 10  A   A "C1'" 1 
ATOM   211  N  N9    . A   A 1 10 ? -6.175  -18.219 5.146   1.00 125.91 ? 10  A   A N9    1 
ATOM   212  C  C8    . A   A 1 10 ? -5.727  -17.537 6.249   1.00 125.46 ? 10  A   A C8    1 
ATOM   213  N  N7    . A   A 1 10 ? -4.578  -16.935 6.070   1.00 124.75 ? 10  A   A N7    1 
ATOM   214  C  C5    . A   A 1 10 ? -4.245  -17.240 4.756   1.00 123.52 ? 10  A   A C5    1 
ATOM   215  C  C6    . A   A 1 10 ? -3.140  -16.896 3.949   1.00 122.51 ? 10  A   A C6    1 
ATOM   216  N  N6    . A   A 1 10 ? -2.122  -16.138 4.359   1.00 120.84 ? 10  A   A N6    1 
ATOM   217  N  N1    . A   A 1 10 ? -3.119  -17.367 2.683   1.00 122.64 ? 10  A   A N1    1 
ATOM   218  C  C2    . A   A 1 10 ? -4.138  -18.126 2.268   1.00 123.95 ? 10  A   A C2    1 
ATOM   219  N  N3    . A   A 1 10 ? -5.227  -18.517 2.926   1.00 124.54 ? 10  A   A N3    1 
ATOM   220  C  C4    . A   A 1 10 ? -5.219  -18.031 4.180   1.00 124.42 ? 10  A   A C4    1 
ATOM   221  P  P     . C   A 1 11 ? -6.380  -22.969 7.270   1.00 131.99 ? 11  C   A P     1 
ATOM   222  O  OP1   . C   A 1 11 ? -6.914  -24.247 7.780   1.00 132.49 ? 11  C   A OP1   1 
ATOM   223  O  OP2   . C   A 1 11 ? -5.415  -22.198 8.088   1.00 131.20 ? 11  C   A OP2   1 
ATOM   224  O  "O5'" . C   A 1 11 ? -5.742  -23.209 5.831   1.00 129.94 ? 11  C   A "O5'" 1 
ATOM   225  C  "C5'" . C   A 1 11 ? -6.328  -24.128 4.918   1.00 128.84 ? 11  C   A "C5'" 1 
ATOM   226  C  "C4'" . C   A 1 11 ? -5.536  -24.169 3.631   1.00 130.14 ? 11  C   A "C4'" 1 
ATOM   227  O  "O4'" . C   A 1 11 ? -5.450  -22.819 3.094   1.00 128.99 ? 11  C   A "O4'" 1 
ATOM   228  C  "C3'" . C   A 1 11 ? -4.080  -24.593 3.751   1.00 131.42 ? 11  C   A "C3'" 1 
ATOM   229  O  "O3'" . C   A 1 11 ? -3.885  -25.997 3.776   1.00 135.25 ? 11  C   A "O3'" 1 
ATOM   230  C  "C2'" . C   A 1 11 ? -3.456  -23.970 2.511   1.00 129.65 ? 11  C   A "C2'" 1 
ATOM   231  O  "O2'" . C   A 1 11 ? -3.681  -24.712 1.326   1.00 129.77 ? 11  C   A "O2'" 1 
ATOM   232  C  "C1'" . C   A 1 11 ? -4.190  -22.633 2.462   1.00 126.49 ? 11  C   A "C1'" 1 
ATOM   233  N  N1    . C   A 1 11 ? -3.427  -21.647 3.229   1.00 123.47 ? 11  C   A N1    1 
ATOM   234  C  C2    . C   A 1 11 ? -2.241  -21.167 2.686   1.00 122.66 ? 11  C   A C2    1 
ATOM   235  O  O2    . C   A 1 11 ? -1.909  -21.546 1.553   1.00 122.29 ? 11  C   A O2    1 
ATOM   236  N  N3    . C   A 1 11 ? -1.486  -20.309 3.403   1.00 121.61 ? 11  C   A N3    1 
ATOM   237  C  C4    . C   A 1 11 ? -1.887  -19.925 4.616   1.00 121.09 ? 11  C   A C4    1 
ATOM   238  N  N4    . C   A 1 11 ? -1.099  -19.101 5.298   1.00 121.34 ? 11  C   A N4    1 
ATOM   239  C  C5    . C   A 1 11 ? -3.112  -20.379 5.183   1.00 120.46 ? 11  C   A C5    1 
ATOM   240  C  C6    . C   A 1 11 ? -3.847  -21.228 4.461   1.00 121.65 ? 11  C   A C6    1 
ATOM   241  P  P     . C   A 1 12 ? -2.510  -26.583 4.367   1.00 138.79 ? 12  C   A P     1 
ATOM   242  O  OP1   . C   A 1 12 ? -2.575  -28.062 4.294   1.00 138.98 ? 12  C   A OP1   1 
ATOM   243  O  OP2   . C   A 1 12 ? -2.267  -25.918 5.677   1.00 138.90 ? 12  C   A OP2   1 
ATOM   244  O  "O5'" . C   A 1 12 ? -1.394  -26.089 3.349   1.00 136.73 ? 12  C   A "O5'" 1 
ATOM   245  C  "C5'" . C   A 1 12 ? -1.362  -26.601 2.031   1.00 135.44 ? 12  C   A "C5'" 1 
ATOM   246  C  "C4'" . C   A 1 12 ? -0.158  -26.082 1.300   1.00 136.74 ? 12  C   A "C4'" 1 
ATOM   247  O  "O4'" . C   A 1 12 ? -0.236  -24.628 1.243   1.00 135.97 ? 12  C   A "O4'" 1 
ATOM   248  C  "C3'" . C   A 1 12 ? 1.173   -26.323 1.990   1.00 138.65 ? 12  C   A "C3'" 1 
ATOM   249  O  "O3'" . C   A 1 12 ? 1.700   -27.630 1.825   1.00 142.85 ? 12  C   A "O3'" 1 
ATOM   250  C  "C2'" . C   A 1 12 ? 2.051   -25.242 1.371   1.00 136.84 ? 12  C   A "C2'" 1 
ATOM   251  O  "O2'" . C   A 1 12 ? 2.512   -25.545 0.062   1.00 135.44 ? 12  C   A "O2'" 1 
ATOM   252  C  "C1'" . C   A 1 12 ? 1.074   -24.076 1.309   1.00 134.30 ? 12  C   A "C1'" 1 
ATOM   253  N  N1    . C   A 1 12 ? 1.194   -23.244 2.519   1.00 131.64 ? 12  C   A N1    1 
ATOM   254  C  C2    . C   A 1 12 ? 2.285   -22.353 2.609   1.00 130.62 ? 12  C   A C2    1 
ATOM   255  O  O2    . C   A 1 12 ? 3.102   -22.285 1.658   1.00 128.58 ? 12  C   A O2    1 
ATOM   256  N  N3    . C   A 1 12 ? 2.420   -21.592 3.725   1.00 129.47 ? 12  C   A N3    1 
ATOM   257  C  C4    . C   A 1 12 ? 1.526   -21.690 4.714   1.00 128.65 ? 12  C   A C4    1 
ATOM   258  N  N4    . C   A 1 12 ? 1.702   -20.918 5.786   1.00 127.87 ? 12  C   A N4    1 
ATOM   259  C  C5    . C   A 1 12 ? 0.411   -22.583 4.644   1.00 128.63 ? 12  C   A C5    1 
ATOM   260  C  C6    . C   A 1 12 ? 0.285   -23.334 3.538   1.00 129.77 ? 12  C   A C6    1 
ATOM   261  P  P     . G   A 1 13 ? 3.015   -28.057 2.653   1.00 145.06 ? 13  G   A P     1 
ATOM   262  O  OP1   . G   A 1 13 ? 3.539   -29.337 2.110   1.00 145.43 ? 13  G   A OP1   1 
ATOM   263  O  OP2   . G   A 1 13 ? 2.730   -27.923 4.112   1.00 142.17 ? 13  G   A OP2   1 
ATOM   264  O  "O5'" . G   A 1 13 ? 4.080   -26.934 2.287   1.00 141.70 ? 13  G   A "O5'" 1 
ATOM   265  C  "C5'" . G   A 1 13 ? 4.929   -27.049 1.152   1.00 135.88 ? 13  G   A "C5'" 1 
ATOM   266  C  "C4'" . G   A 1 13 ? 6.136   -26.199 1.382   1.00 133.21 ? 13  G   A "C4'" 1 
ATOM   267  O  "O4'" . G   A 1 13 ? 5.671   -24.865 1.722   1.00 132.61 ? 13  G   A "O4'" 1 
ATOM   268  C  "C3'" . G   A 1 13 ? 6.910   -26.613 2.621   1.00 131.77 ? 13  G   A "C3'" 1 
ATOM   269  O  "O3'" . G   A 1 13 ? 7.697   -27.770 2.425   1.00 132.19 ? 13  G   A "O3'" 1 
ATOM   270  C  "C2'" . G   A 1 13 ? 7.620   -25.325 3.007   1.00 130.83 ? 13  G   A "C2'" 1 
ATOM   271  O  "O2'" . G   A 1 13 ? 8.770   -25.036 2.231   1.00 128.78 ? 13  G   A "O2'" 1 
ATOM   272  C  "C1'" . G   A 1 13 ? 6.532   -24.296 2.694   1.00 128.24 ? 13  G   A "C1'" 1 
ATOM   273  N  N9    . G   A 1 13 ? 5.764   -23.878 3.864   1.00 123.86 ? 13  G   A N9    1 
ATOM   274  C  C8    . G   A 1 13 ? 4.564   -24.359 4.365   1.00 121.79 ? 13  G   A C8    1 
ATOM   275  N  N7    . G   A 1 13 ? 4.157   -23.720 5.433   1.00 120.21 ? 13  G   A N7    1 
ATOM   276  C  C5    . G   A 1 13 ? 5.149   -22.762 5.650   1.00 118.80 ? 13  G   A C5    1 
ATOM   277  C  C6    . G   A 1 13 ? 5.271   -21.764 6.656   1.00 117.32 ? 13  G   A C6    1 
ATOM   278  O  O6    . G   A 1 13 ? 4.491   -21.499 7.582   1.00 114.63 ? 13  G   A O6    1 
ATOM   279  N  N1    . G   A 1 13 ? 6.457   -21.029 6.504   1.00 117.02 ? 13  G   A N1    1 
ATOM   280  C  C2    . G   A 1 13 ? 7.397   -21.232 5.509   1.00 117.63 ? 13  G   A C2    1 
ATOM   281  N  N2    . G   A 1 13 ? 8.492   -20.449 5.517   1.00 115.69 ? 13  G   A N2    1 
ATOM   282  N  N3    . G   A 1 13 ? 7.278   -22.143 4.566   1.00 118.37 ? 13  G   A N3    1 
ATOM   283  C  C4    . G   A 1 13 ? 6.141   -22.867 4.699   1.00 120.19 ? 13  G   A C4    1 
ATOM   284  O  "O5'" . C   B 2 1  ? 9.103   -13.511 10.266  1.00 128.80 ? 2   C   B "O5'" 1 
ATOM   285  C  "C5'" . C   B 2 1  ? 10.455  -13.302 9.861   1.00 130.86 ? 2   C   B "C5'" 1 
ATOM   286  C  "C4'" . C   B 2 1  ? 10.865  -14.191 8.708   1.00 134.30 ? 2   C   B "C4'" 1 
ATOM   287  O  "O4'" . C   B 2 1  ? 10.778  -15.580 9.137   1.00 135.62 ? 2   C   B "O4'" 1 
ATOM   288  C  "C3'" . C   B 2 1  ? 9.966   -14.159 7.476   1.00 137.44 ? 2   C   B "C3'" 1 
ATOM   289  O  "O3'" . C   B 2 1  ? 10.170  -13.071 6.587   1.00 140.81 ? 2   C   B "O3'" 1 
ATOM   290  C  "C2'" . C   B 2 1  ? 10.259  -15.503 6.819   1.00 135.92 ? 2   C   B "C2'" 1 
ATOM   291  O  "O2'" . C   B 2 1  ? 11.462  -15.544 6.067   1.00 135.50 ? 2   C   B "O2'" 1 
ATOM   292  C  "C1'" . C   B 2 1  ? 10.358  -16.402 8.046   1.00 133.41 ? 2   C   B "C1'" 1 
ATOM   293  N  N1    . C   B 2 1  ? 9.029   -16.969 8.348   1.00 130.21 ? 2   C   B N1    1 
ATOM   294  C  C2    . C   B 2 1  ? 8.593   -18.075 7.601   1.00 128.91 ? 2   C   B C2    1 
ATOM   295  O  O2    . C   B 2 1  ? 9.352   -18.552 6.739   1.00 129.09 ? 2   C   B O2    1 
ATOM   296  N  N3    . C   B 2 1  ? 7.363   -18.589 7.840   1.00 126.92 ? 2   C   B N3    1 
ATOM   297  C  C4    . C   B 2 1  ? 6.579   -18.042 8.773   1.00 126.63 ? 2   C   B C4    1 
ATOM   298  N  N4    . C   B 2 1  ? 5.374   -18.570 8.961   1.00 125.75 ? 2   C   B N4    1 
ATOM   299  C  C5    . C   B 2 1  ? 6.999   -16.925 9.555   1.00 126.80 ? 2   C   B C5    1 
ATOM   300  C  C6    . C   B 2 1  ? 8.221   -16.424 9.313   1.00 128.29 ? 2   C   B C6    1 
ATOM   301  P  P     . G   B 2 2  ? 9.068   -12.766 5.446   1.00 141.33 ? 3   G   B P     1 
ATOM   302  O  OP1   . G   B 2 2  ? 9.573   -11.608 4.658   1.00 142.28 ? 3   G   B OP1   1 
ATOM   303  O  OP2   . G   B 2 2  ? 7.732   -12.687 6.099   1.00 138.73 ? 3   G   B OP2   1 
ATOM   304  O  "O5'" . G   B 2 2  ? 9.125   -14.046 4.504   1.00 136.56 ? 3   G   B "O5'" 1 
ATOM   305  C  "C5'" . G   B 2 2  ? 10.301  -14.315 3.761   1.00 133.05 ? 3   G   B "C5'" 1 
ATOM   306  C  "C4'" . G   B 2 2  ? 10.080  -15.467 2.835   1.00 132.01 ? 3   G   B "C4'" 1 
ATOM   307  O  "O4'" . G   B 2 2  ? 9.811   -16.653 3.627   1.00 129.34 ? 3   G   B "O4'" 1 
ATOM   308  C  "C3'" . G   B 2 2  ? 8.851   -15.352 1.945   1.00 133.53 ? 3   G   B "C3'" 1 
ATOM   309  O  "O3'" . G   B 2 2  ? 9.060   -14.528 0.799   1.00 137.62 ? 3   G   B "O3'" 1 
ATOM   310  C  "C2'" . G   B 2 2  ? 8.582   -16.814 1.608   1.00 131.96 ? 3   G   B "C2'" 1 
ATOM   311  O  "O2'" . G   B 2 2  ? 9.445   -17.360 0.624   1.00 132.91 ? 3   G   B "O2'" 1 
ATOM   312  C  "C1'" . G   B 2 2  ? 8.888   -17.480 2.942   1.00 128.11 ? 3   G   B "C1'" 1 
ATOM   313  N  N9    . G   B 2 2  ? 7.664   -17.578 3.721   1.00 124.91 ? 3   G   B N9    1 
ATOM   314  C  C8    . G   B 2 2  ? 7.276   -16.819 4.800   1.00 123.26 ? 3   G   B C8    1 
ATOM   315  N  N7    . G   B 2 2  ? 6.110   -17.165 5.276   1.00 122.34 ? 3   G   B N7    1 
ATOM   316  C  C5    . G   B 2 2  ? 5.707   -18.216 4.460   1.00 123.07 ? 3   G   B C5    1 
ATOM   317  C  C6    . G   B 2 2  ? 4.523   -19.007 4.491   1.00 123.16 ? 3   G   B C6    1 
ATOM   318  O  O6    . G   B 2 2  ? 3.568   -18.932 5.284   1.00 122.22 ? 3   G   B O6    1 
ATOM   319  N  N1    . G   B 2 2  ? 4.518   -19.960 3.463   1.00 122.89 ? 3   G   B N1    1 
ATOM   320  C  C2    . G   B 2 2  ? 5.524   -20.130 2.523   1.00 123.78 ? 3   G   B C2    1 
ATOM   321  N  N2    . G   B 2 2  ? 5.325   -21.086 1.580   1.00 122.20 ? 3   G   B N2    1 
ATOM   322  N  N3    . G   B 2 2  ? 6.637   -19.405 2.502   1.00 123.58 ? 3   G   B N3    1 
ATOM   323  C  C4    . G   B 2 2  ? 6.658   -18.475 3.491   1.00 123.86 ? 3   G   B C4    1 
ATOM   324  P  P     . G   B 2 3  ? 7.792   -13.992 -0.045  1.00 139.18 ? 4   G   B P     1 
ATOM   325  O  OP1   . G   B 2 3  ? 8.342   -13.391 -1.295  1.00 136.83 ? 4   G   B OP1   1 
ATOM   326  O  OP2   . G   B 2 3  ? 6.951   -13.168 0.862   1.00 134.63 ? 4   G   B OP2   1 
ATOM   327  O  "O5'" . G   B 2 3  ? 6.987   -15.313 -0.429  1.00 136.08 ? 4   G   B "O5'" 1 
ATOM   328  C  "C5'" . G   B 2 3  ? 7.579   -16.288 -1.285  1.00 135.07 ? 4   G   B "C5'" 1 
ATOM   329  C  "C4'" . G   B 2 3  ? 6.525   -17.179 -1.866  1.00 133.93 ? 4   G   B "C4'" 1 
ATOM   330  O  "O4'" . G   B 2 3  ? 6.166   -18.218 -0.921  1.00 132.99 ? 4   G   B "O4'" 1 
ATOM   331  C  "C3'" . G   B 2 3  ? 5.218   -16.470 -2.128  1.00 133.77 ? 4   G   B "C3'" 1 
ATOM   332  O  "O3'" . G   B 2 3  ? 5.237   -15.743 -3.329  1.00 137.43 ? 4   G   B "O3'" 1 
ATOM   333  C  "C2'" . G   B 2 3  ? 4.228   -17.620 -2.148  1.00 132.23 ? 4   G   B "C2'" 1 
ATOM   334  O  "O2'" . G   B 2 3  ? 4.242   -18.334 -3.367  1.00 131.14 ? 4   G   B "O2'" 1 
ATOM   335  C  "C1'" . G   B 2 3  ? 4.777   -18.489 -1.021  1.00 129.97 ? 4   G   B "C1'" 1 
ATOM   336  N  N9    . G   B 2 3  ? 4.148   -18.066 0.220   1.00 127.21 ? 4   G   B N9    1 
ATOM   337  C  C8    . G   B 2 3  ? 4.582   -17.087 1.081   1.00 126.48 ? 4   G   B C8    1 
ATOM   338  N  N7    . G   B 2 3  ? 3.779   -16.903 2.092   1.00 125.59 ? 4   G   B N7    1 
ATOM   339  C  C5    . G   B 2 3  ? 2.761   -17.823 1.891   1.00 124.44 ? 4   G   B C5    1 
ATOM   340  C  C6    . G   B 2 3  ? 1.602   -18.092 2.660   1.00 124.07 ? 4   G   B C6    1 
ATOM   341  O  O6    . G   B 2 3  ? 1.241   -17.559 3.723   1.00 122.67 ? 4   G   B O6    1 
ATOM   342  N  N1    . G   B 2 3  ? 0.828   -19.097 2.082   1.00 123.86 ? 4   G   B N1    1 
ATOM   343  C  C2    . G   B 2 3  ? 1.140   -19.764 0.914   1.00 124.29 ? 4   G   B C2    1 
ATOM   344  N  N2    . G   B 2 3  ? 0.265   -20.701 0.507   1.00 124.41 ? 4   G   B N2    1 
ATOM   345  N  N3    . G   B 2 3  ? 2.226   -19.530 0.197   1.00 123.94 ? 4   G   B N3    1 
ATOM   346  C  C4    . G   B 2 3  ? 2.981   -18.552 0.738   1.00 124.91 ? 4   G   B C4    1 
ATOM   347  P  P     . U   B 2 4  ? 4.013   -14.771 -3.663  1.00 139.59 ? 5   U   B P     1 
ATOM   348  O  OP1   . U   B 2 4  ? 4.461   -13.795 -4.692  1.00 139.56 ? 5   U   B OP1   1 
ATOM   349  O  OP2   . U   B 2 4  ? 3.450   -14.285 -2.368  1.00 138.21 ? 5   U   B OP2   1 
ATOM   350  O  "O5'" . U   B 2 4  ? 2.945   -15.746 -4.314  1.00 135.65 ? 5   U   B "O5'" 1 
ATOM   351  C  "C5'" . U   B 2 4  ? 1.590   -15.381 -4.361  1.00 131.29 ? 5   U   B "C5'" 1 
ATOM   352  C  "C4'" . U   B 2 4  ? 0.731   -16.592 -4.184  1.00 129.80 ? 5   U   B "C4'" 1 
ATOM   353  O  "O4'" . U   B 2 4  ? 1.141   -17.307 -2.997  1.00 128.45 ? 5   U   B "O4'" 1 
ATOM   354  C  "C3'" . U   B 2 4  ? -0.725  -16.278 -3.952  1.00 129.11 ? 5   U   B "C3'" 1 
ATOM   355  O  "O3'" . U   B 2 4  ? -1.359  -16.018 -5.181  1.00 130.65 ? 5   U   B "O3'" 1 
ATOM   356  C  "C2'" . U   B 2 4  ? -1.209  -17.520 -3.230  1.00 126.73 ? 5   U   B "C2'" 1 
ATOM   357  O  "O2'" . U   B 2 4  ? -1.409  -18.599 -4.118  1.00 122.81 ? 5   U   B "O2'" 1 
ATOM   358  C  "C1'" . U   B 2 4  ? -0.004  -17.803 -2.325  1.00 126.53 ? 5   U   B "C1'" 1 
ATOM   359  N  N1    . U   B 2 4  ? -0.100  -17.079 -1.047  1.00 126.09 ? 5   U   B N1    1 
ATOM   360  C  C2    . U   B 2 4  ? -1.156  -17.379 -0.196  1.00 125.36 ? 5   U   B C2    1 
ATOM   361  O  O2    . U   B 2 4  ? -2.010  -18.211 -0.463  1.00 125.66 ? 5   U   B O2    1 
ATOM   362  N  N3    . U   B 2 4  ? -1.174  -16.664 0.976   1.00 124.32 ? 5   U   B N3    1 
ATOM   363  C  C4    . U   B 2 4  ? -0.270  -15.699 1.378   1.00 123.98 ? 5   U   B C4    1 
ATOM   364  O  O4    . U   B 2 4  ? -0.411  -15.165 2.477   1.00 124.49 ? 5   U   B O4    1 
ATOM   365  C  C5    . U   B 2 4  ? 0.789   -15.441 0.449   1.00 123.67 ? 5   U   B C5    1 
ATOM   366  C  C6    . U   B 2 4  ? 0.840   -16.123 -0.700  1.00 124.81 ? 5   U   B C6    1 
ATOM   367  P  P     . G   B 2 5  ? -2.091  -14.613 -5.387  1.00 130.70 ? 6   G   B P     1 
ATOM   368  O  OP1   . G   B 2 5  ? -2.232  -14.409 -6.850  1.00 131.95 ? 6   G   B OP1   1 
ATOM   369  O  OP2   . G   B 2 5  ? -1.395  -13.595 -4.557  1.00 129.66 ? 6   G   B OP2   1 
ATOM   370  O  "O5'" . G   B 2 5  ? -3.519  -14.889 -4.768  1.00 124.68 ? 6   G   B "O5'" 1 
ATOM   371  C  "C5'" . G   B 2 5  ? -4.188  -16.075 -5.119  1.00 118.48 ? 6   G   B "C5'" 1 
ATOM   372  C  "C4'" . G   B 2 5  ? -5.201  -16.418 -4.082  1.00 115.83 ? 6   G   B "C4'" 1 
ATOM   373  O  "O4'" . G   B 2 5  ? -4.522  -16.862 -2.879  1.00 114.82 ? 6   G   B "O4'" 1 
ATOM   374  C  "C3'" . G   B 2 5  ? -5.962  -15.208 -3.592  1.00 115.33 ? 6   G   B "C3'" 1 
ATOM   375  O  "O3'" . G   B 2 5  ? -6.952  -14.746 -4.477  1.00 117.69 ? 6   G   B "O3'" 1 
ATOM   376  C  "C2'" . G   B 2 5  ? -6.485  -15.683 -2.250  1.00 113.78 ? 6   G   B "C2'" 1 
ATOM   377  O  "O2'" . G   B 2 5  ? -7.610  -16.533 -2.379  1.00 111.11 ? 6   G   B "O2'" 1 
ATOM   378  C  "C1'" . G   B 2 5  ? -5.282  -16.472 -1.744  1.00 112.31 ? 6   G   B "C1'" 1 
ATOM   379  N  N9    . G   B 2 5  ? -4.464  -15.653 -0.853  1.00 109.66 ? 6   G   B N9    1 
ATOM   380  C  C8    . G   B 2 5  ? -3.239  -15.075 -1.095  1.00 108.11 ? 6   G   B C8    1 
ATOM   381  N  N7    . G   B 2 5  ? -2.790  -14.388 -0.077  1.00 106.57 ? 6   G   B N7    1 
ATOM   382  C  C5    . G   B 2 5  ? -3.779  -14.525 0.891   1.00 107.11 ? 6   G   B C5    1 
ATOM   383  C  C6    . G   B 2 5  ? -3.864  -14.000 2.212   1.00 106.34 ? 6   G   B C6    1 
ATOM   384  O  O6    . G   B 2 5  ? -3.046  -13.296 2.819   1.00 107.03 ? 6   G   B O6    1 
ATOM   385  N  N1    . G   B 2 5  ? -5.055  -14.375 2.835   1.00 105.85 ? 6   G   B N1    1 
ATOM   386  C  C2    . G   B 2 5  ? -6.032  -15.160 2.268   1.00 106.63 ? 6   G   B C2    1 
ATOM   387  N  N2    . G   B 2 5  ? -7.110  -15.409 3.017   1.00 107.30 ? 6   G   B N2    1 
ATOM   388  N  N3    . G   B 2 5  ? -5.958  -15.662 1.051   1.00 106.97 ? 6   G   B N3    1 
ATOM   389  C  C4    . G   B 2 5  ? -4.817  -15.304 0.424   1.00 108.27 ? 6   G   B C4    1 
ATOM   390  P  P     . A   B 2 6  ? -7.179  -13.162 -4.617  1.00 118.31 ? 7   A   B P     1 
ATOM   391  O  OP1   . A   B 2 6  ? -7.690  -12.871 -5.973  1.00 120.37 ? 7   A   B OP1   1 
ATOM   392  O  OP2   . A   B 2 6  ? -5.924  -12.502 -4.150  1.00 117.91 ? 7   A   B OP2   1 
ATOM   393  O  "O5'" . A   B 2 6  ? -8.358  -12.872 -3.585  1.00 115.28 ? 7   A   B "O5'" 1 
ATOM   394  C  "C5'" . A   B 2 6  ? -9.308  -13.883 -3.253  1.00 109.20 ? 7   A   B "C5'" 1 
ATOM   395  C  "C4'" . A   B 2 6  ? -9.685  -13.761 -1.798  1.00 107.87 ? 7   A   B "C4'" 1 
ATOM   396  O  "O4'" . A   B 2 6  ? -8.568  -14.173 -0.965  1.00 109.60 ? 7   A   B "O4'" 1 
ATOM   397  C  "C3'" . A   B 2 6  ? -9.935  -12.332 -1.358  1.00 105.78 ? 7   A   B "C3'" 1 
ATOM   398  O  "O3'" . A   B 2 6  ? -11.255 -11.928 -1.654  1.00 104.04 ? 7   A   B "O3'" 1 
ATOM   399  C  "C2'" . A   B 2 6  ? -9.688  -12.392 0.142   1.00 105.44 ? 7   A   B "C2'" 1 
ATOM   400  O  "O2'" . A   B 2 6  ? -10.794 -12.882 0.872   1.00 101.66 ? 7   A   B "O2'" 1 
ATOM   401  C  "C1'" . A   B 2 6  ? -8.527  -13.377 0.213   1.00 105.58 ? 7   A   B "C1'" 1 
ATOM   402  N  N9    . A   B 2 6  ? -7.236  -12.694 0.283   1.00 105.29 ? 7   A   B N9    1 
ATOM   403  C  C8    . A   B 2 6  ? -6.268  -12.543 -0.685  1.00 105.20 ? 7   A   B C8    1 
ATOM   404  N  N7    . A   B 2 6  ? -5.212  -11.878 -0.275  1.00 105.53 ? 7   A   B N7    1 
ATOM   405  C  C5    . A   B 2 6  ? -5.507  -11.574 1.048   1.00 104.44 ? 7   A   B C5    1 
ATOM   406  C  C6    . A   B 2 6  ? -4.786  -10.896 2.052   1.00 102.93 ? 7   A   B C6    1 
ATOM   407  N  N6    . A   B 2 6  ? -3.563  -10.393 1.872   1.00 101.36 ? 7   A   B N6    1 
ATOM   408  N  N1    . A   B 2 6  ? -5.373  -10.762 3.265   1.00 102.31 ? 7   A   B N1    1 
ATOM   409  C  C2    . A   B 2 6  ? -6.592  -11.288 3.450   1.00 102.03 ? 7   A   B C2    1 
ATOM   410  N  N3    . A   B 2 6  ? -7.361  -11.953 2.595   1.00 102.19 ? 7   A   B N3    1 
ATOM   411  C  C4    . A   B 2 6  ? -6.754  -12.063 1.400   1.00 104.21 ? 7   A   B C4    1 
ATOM   412  P  P     . G   B 2 7  ? -11.550 -10.379 -1.939  1.00 104.92 ? 8   G   B P     1 
ATOM   413  O  OP1   . G   B 2 7  ? -13.020 -10.217 -2.059  1.00 101.80 ? 8   G   B OP1   1 
ATOM   414  O  OP2   . G   B 2 7  ? -10.663 -10.003 -3.082  1.00 98.78  ? 8   G   B OP2   1 
ATOM   415  O  "O5'" . G   B 2 7  ? -11.080 -9.628  -0.606  1.00 103.56 ? 8   G   B "O5'" 1 
ATOM   416  C  "C5'" . G   B 2 7  ? -11.663 -9.933  0.678   1.00 99.91  ? 8   G   B "C5'" 1 
ATOM   417  C  "C4'" . G   B 2 7  ? -11.202 -8.945  1.751   1.00 97.55  ? 8   G   B "C4'" 1 
ATOM   418  O  "O4'" . G   B 2 7  ? -9.757  -9.004  1.933   1.00 98.54  ? 8   G   B "O4'" 1 
ATOM   419  C  "C3'" . G   B 2 7  ? -11.510 -7.511  1.359   1.00 93.97  ? 8   G   B "C3'" 1 
ATOM   420  O  "O3'" . G   B 2 7  ? -11.973 -6.678  2.401   1.00 90.75  ? 8   G   B "O3'" 1 
ATOM   421  C  "C2'" . G   B 2 7  ? -10.215 -6.955  0.776   1.00 94.01  ? 8   G   B "C2'" 1 
ATOM   422  O  "O2'" . G   B 2 7  ? -9.985  -5.597  1.059   1.00 94.19  ? 8   G   B "O2'" 1 
ATOM   423  C  "C1'" . G   B 2 7  ? -9.164  -7.806  1.487   1.00 95.26  ? 8   G   B "C1'" 1 
ATOM   424  N  N9    . G   B 2 7  ? -7.942  -8.104  0.748   1.00 95.17  ? 8   G   B N9    1 
ATOM   425  C  C8    . G   B 2 7  ? -7.825  -8.639  -0.508  1.00 97.33  ? 8   G   B C8    1 
ATOM   426  N  N7    . G   B 2 7  ? -6.589  -8.727  -0.913  1.00 97.86  ? 8   G   B N7    1 
ATOM   427  C  C5    . G   B 2 7  ? -5.851  -8.233  0.147   1.00 96.43  ? 8   G   B C5    1 
ATOM   428  C  C6    . G   B 2 7  ? -4.458  -8.078  0.292   1.00 96.92  ? 8   G   B C6    1 
ATOM   429  O  O6    . G   B 2 7  ? -3.563  -8.362  -0.521  1.00 99.50  ? 8   G   B O6    1 
ATOM   430  N  N1    . G   B 2 7  ? -4.136  -7.534  1.533   1.00 95.13  ? 8   G   B N1    1 
ATOM   431  C  C2    . G   B 2 7  ? -5.046  -7.200  2.510   1.00 94.44  ? 8   G   B C2    1 
ATOM   432  N  N2    . G   B 2 7  ? -4.555  -6.694  3.641   1.00 93.88  ? 8   G   B N2    1 
ATOM   433  N  N3    . G   B 2 7  ? -6.344  -7.349  2.386   1.00 94.18  ? 8   G   B N3    1 
ATOM   434  C  C4    . G   B 2 7  ? -6.673  -7.860  1.188   1.00 95.48  ? 8   G   B C4    1 
ATOM   435  P  P     . A   B 2 8  ? -12.861 -5.395  2.158   1.00 94.47  ? 9   A   B P     1 
ATOM   436  O  OP1   . A   B 2 8  ? -14.237 -5.911  2.090   1.00 93.08  ? 9   A   B OP1   1 
ATOM   437  O  OP2   . A   B 2 8  ? -12.354 -4.520  1.072   1.00 90.19  ? 9   A   B OP2   1 
ATOM   438  O  "O5'" . A   B 2 8  ? -12.730 -4.635  3.548   1.00 91.64  ? 9   A   B "O5'" 1 
ATOM   439  C  "C5'" . A   B 2 8  ? -13.271 -5.223  4.717   1.00 89.50  ? 9   A   B "C5'" 1 
ATOM   440  C  "C4'" . A   B 2 8  ? -12.558 -4.727  5.943   1.00 89.01  ? 9   A   B "C4'" 1 
ATOM   441  O  "O4'" . A   B 2 8  ? -11.224 -5.284  6.018   1.00 91.10  ? 9   A   B "O4'" 1 
ATOM   442  C  "C3'" . A   B 2 8  ? -12.324 -3.239  5.950   1.00 91.10  ? 9   A   B "C3'" 1 
ATOM   443  O  "O3'" . A   B 2 8  ? -13.483 -2.602  6.404   1.00 91.82  ? 9   A   B "O3'" 1 
ATOM   444  C  "C2'" . A   B 2 8  ? -11.164 -3.087  6.914   1.00 91.59  ? 9   A   B "C2'" 1 
ATOM   445  O  "O2'" . A   B 2 8  ? -11.586 -3.145  8.258   1.00 93.28  ? 9   A   B "O2'" 1 
ATOM   446  C  "C1'" . A   B 2 8  ? -10.347 -4.330  6.588   1.00 92.19  ? 9   A   B "C1'" 1 
ATOM   447  N  N9    . A   B 2 8  ? -9.259  -4.096  5.651   1.00 92.32  ? 9   A   B N9    1 
ATOM   448  C  C8    . A   B 2 8  ? -9.158  -4.528  4.364   1.00 92.60  ? 9   A   B C8    1 
ATOM   449  N  N7    . A   B 2 8  ? -8.015  -4.245  3.796   1.00 92.76  ? 9   A   B N7    1 
ATOM   450  C  C5    . A   B 2 8  ? -7.323  -3.561  4.776   1.00 91.60  ? 9   A   B C5    1 
ATOM   451  C  C6    . A   B 2 8  ? -6.037  -3.031  4.810   1.00 90.84  ? 9   A   B C6    1 
ATOM   452  N  N6    . A   B 2 8  ? -5.179  -3.109  3.798   1.00 90.99  ? 9   A   B N6    1 
ATOM   453  N  N1    . A   B 2 8  ? -5.645  -2.415  5.939   1.00 90.66  ? 9   A   B N1    1 
ATOM   454  C  C2    . A   B 2 8  ? -6.502  -2.356  6.960   1.00 92.35  ? 9   A   B C2    1 
ATOM   455  N  N3    . A   B 2 8  ? -7.739  -2.832  7.053   1.00 92.99  ? 9   A   B N3    1 
ATOM   456  C  C4    . A   B 2 8  ? -8.090  -3.435  5.912   1.00 92.00  ? 9   A   B C4    1 
ATOM   457  P  P     . A   B 2 9  ? -14.061 -1.398  5.549   1.00 96.15  ? 10  A   B P     1 
ATOM   458  O  OP1   . A   B 2 9  ? -15.404 -1.060  6.080   1.00 96.07  ? 10  A   B OP1   1 
ATOM   459  O  OP2   . A   B 2 9  ? -13.900 -1.796  4.125   1.00 96.08  ? 10  A   B OP2   1 
ATOM   460  O  "O5'" . A   B 2 9  ? -13.060 -0.206  5.866   1.00 93.40  ? 10  A   B "O5'" 1 
ATOM   461  C  "C5'" . A   B 2 9  ? -12.905 0.286   7.201   1.00 86.82  ? 10  A   B "C5'" 1 
ATOM   462  C  "C4'" . A   B 2 9  ? -11.664 1.148   7.315   1.00 81.02  ? 10  A   B "C4'" 1 
ATOM   463  O  "O4'" . A   B 2 9  ? -10.489 0.316   7.209   1.00 82.55  ? 10  A   B "O4'" 1 
ATOM   464  C  "C3'" . A   B 2 9  ? -11.484 2.146   6.198   1.00 79.38  ? 10  A   B "C3'" 1 
ATOM   465  O  "O3'" . A   B 2 9  ? -12.228 3.304   6.438   1.00 79.21  ? 10  A   B "O3'" 1 
ATOM   466  C  "C2'" . A   B 2 9  ? -9.993  2.407   6.220   1.00 77.83  ? 10  A   B "C2'" 1 
ATOM   467  O  "O2'" . A   B 2 9  ? -9.612  3.269   7.257   1.00 75.05  ? 10  A   B "O2'" 1 
ATOM   468  C  "C1'" . A   B 2 9  ? -9.465  1.014   6.533   1.00 79.46  ? 10  A   B "C1'" 1 
ATOM   469  N  N9    . A   B 2 9  ? -9.095  0.250   5.346   1.00 79.72  ? 10  A   B N9    1 
ATOM   470  C  C8    . A   B 2 9  ? -9.808  -0.690  4.643   1.00 79.80  ? 10  A   B C8    1 
ATOM   471  N  N7    . A   B 2 9  ? -9.174  -1.165  3.599   1.00 79.34  ? 10  A   B N7    1 
ATOM   472  C  C5    . A   B 2 9  ? -7.960  -0.493  3.623   1.00 78.21  ? 10  A   B C5    1 
ATOM   473  C  C6    . A   B 2 9  ? -6.846  -0.545  2.790   1.00 77.86  ? 10  A   B C6    1 
ATOM   474  N  N6    . A   B 2 9  ? -6.771  -1.308  1.713   1.00 80.55  ? 10  A   B N6    1 
ATOM   475  N  N1    . A   B 2 9  ? -5.793  0.232   3.102   1.00 77.21  ? 10  A   B N1    1 
ATOM   476  C  C2    . A   B 2 9  ? -5.871  1.014   4.182   1.00 78.24  ? 10  A   B C2    1 
ATOM   477  N  N3    . A   B 2 9  ? -6.868  1.159   5.040   1.00 78.38  ? 10  A   B N3    1 
ATOM   478  C  C4    . A   B 2 9  ? -7.896  0.369   4.699   1.00 79.00  ? 10  A   B C4    1 
ATOM   479  P  P     . G   B 2 10 ? -12.654 4.213   5.202   1.00 83.56  ? 11  G   B P     1 
ATOM   480  O  OP1   . G   B 2 10 ? -13.266 5.432   5.759   1.00 83.16  ? 11  G   B OP1   1 
ATOM   481  O  OP2   . G   B 2 10 ? -13.432 3.366   4.269   1.00 80.05  ? 11  G   B OP2   1 
ATOM   482  O  "O5'" . G   B 2 10 ? -11.259 4.621   4.555   1.00 79.26  ? 11  G   B "O5'" 1 
ATOM   483  C  "C5'" . G   B 2 10 ? -10.410 5.520   5.252   1.00 76.96  ? 11  G   B "C5'" 1 
ATOM   484  C  "C4'" . G   B 2 10 ? -9.131  5.729   4.504   1.00 75.95  ? 11  G   B "C4'" 1 
ATOM   485  O  "O4'" . G   B 2 10 ? -8.430  4.473   4.419   1.00 76.11  ? 11  G   B "O4'" 1 
ATOM   486  C  "C3'" . G   B 2 10 ? -9.281  6.172   3.065   1.00 76.11  ? 11  G   B "C3'" 1 
ATOM   487  O  "O3'" . G   B 2 10 ? -9.433  7.569   2.921   1.00 75.88  ? 11  G   B "O3'" 1 
ATOM   488  C  "C2'" . G   B 2 10 ? -7.970  5.720   2.461   1.00 75.06  ? 11  G   B "C2'" 1 
ATOM   489  O  "O2'" . G   B 2 10 ? -6.931  6.629   2.786   1.00 69.18  ? 11  G   B "O2'" 1 
ATOM   490  C  "C1'" . G   B 2 10 ? -7.779  4.381   3.166   1.00 75.64  ? 11  G   B "C1'" 1 
ATOM   491  N  N9    . G   B 2 10 ? -8.382  3.272   2.430   1.00 73.87  ? 11  G   B N9    1 
ATOM   492  C  C8    . G   B 2 10 ? -9.607  2.702   2.655   1.00 73.05  ? 11  G   B C8    1 
ATOM   493  N  N7    . G   B 2 10 ? -9.865  1.708   1.851   1.00 75.69  ? 11  G   B N7    1 
ATOM   494  C  C5    . G   B 2 10 ? -8.745  1.621   1.034   1.00 73.96  ? 11  G   B C5    1 
ATOM   495  C  C6    . G   B 2 10 ? -8.448  0.735   -0.041  1.00 74.92  ? 11  G   B C6    1 
ATOM   496  O  O6    . G   B 2 10 ? -9.128  -0.198  -0.496  1.00 79.05  ? 11  G   B O6    1 
ATOM   497  N  N1    . G   B 2 10 ? -7.209  1.016   -0.597  1.00 72.69  ? 11  G   B N1    1 
ATOM   498  C  C2    . G   B 2 10 ? -6.361  1.999   -0.174  1.00 71.59  ? 11  G   B C2    1 
ATOM   499  N  N2    . G   B 2 10 ? -5.200  2.100   -0.823  1.00 70.86  ? 11  G   B N2    1 
ATOM   500  N  N3    . G   B 2 10 ? -6.623  2.822   0.817   1.00 70.99  ? 11  G   B N3    1 
ATOM   501  C  C4    . G   B 2 10 ? -7.824  2.582   1.372   1.00 72.47  ? 11  G   B C4    1 
ATOM   502  P  P     . G   B 2 11 ? -10.151 8.136   1.599   1.00 80.60  ? 12  G   B P     1 
ATOM   503  O  OP1   . G   B 2 11 ? -10.431 9.584   1.801   1.00 74.52  ? 12  G   B OP1   1 
ATOM   504  O  OP2   . G   B 2 11 ? -11.263 7.193   1.284   1.00 75.17  ? 12  G   B OP2   1 
ATOM   505  O  "O5'" . G   B 2 11 ? -9.052  8.013   0.456   1.00 75.71  ? 12  G   B "O5'" 1 
ATOM   506  C  "C5'" . G   B 2 11 ? -7.921  8.856   0.477   1.00 74.22  ? 12  G   B "C5'" 1 
ATOM   507  C  "C4'" . G   B 2 11 ? -6.943  8.449   -0.578  1.00 77.35  ? 12  G   B "C4'" 1 
ATOM   508  O  "O4'" . G   B 2 11 ? -6.651  7.043   -0.416  1.00 76.73  ? 12  G   B "O4'" 1 
ATOM   509  C  "C3'" . G   B 2 11 ? -7.467  8.520   -1.995  1.00 79.58  ? 12  G   B "C3'" 1 
ATOM   510  O  "O3'" . G   B 2 11 ? -7.371  9.819   -2.522  1.00 83.40  ? 12  G   B "O3'" 1 
ATOM   511  C  "C2'" . G   B 2 11 ? -6.538  7.562   -2.710  1.00 77.42  ? 12  G   B "C2'" 1 
ATOM   512  O  "O2'" . G   B 2 11 ? -5.253  8.131   -2.865  1.00 77.51  ? 12  G   B "O2'" 1 
ATOM   513  C  "C1'" . G   B 2 11 ? -6.418  6.455   -1.678  1.00 74.72  ? 12  G   B "C1'" 1 
ATOM   514  N  N9    . G   B 2 11 ? -7.379  5.385   -1.900  1.00 72.20  ? 12  G   B N9    1 
ATOM   515  C  C8    . G   B 2 11 ? -8.547  5.132   -1.230  1.00 72.41  ? 12  G   B C8    1 
ATOM   516  N  N7    . G   B 2 11 ? -9.159  4.066   -1.663  1.00 73.54  ? 12  G   B N7    1 
ATOM   517  C  C5    . G   B 2 11 ? -8.344  3.595   -2.678  1.00 71.24  ? 12  G   B C5    1 
ATOM   518  C  C6    . G   B 2 11 ? -8.480  2.470   -3.515  1.00 72.29  ? 12  G   B C6    1 
ATOM   519  O  O6    . G   B 2 11 ? -9.351  1.620   -3.507  1.00 76.42  ? 12  G   B O6    1 
ATOM   520  N  N1    . G   B 2 11 ? -7.440  2.385   -4.429  1.00 71.78  ? 12  G   B N1    1 
ATOM   521  C  C2    . G   B 2 11 ? -6.398  3.264   -4.517  1.00 73.64  ? 12  G   B C2    1 
ATOM   522  N  N2    . G   B 2 11 ? -5.488  3.021   -5.460  1.00 74.13  ? 12  G   B N2    1 
ATOM   523  N  N3    . G   B 2 11 ? -6.254  4.307   -3.734  1.00 71.87  ? 12  G   B N3    1 
ATOM   524  C  C4    . G   B 2 11 ? -7.253  4.413   -2.845  1.00 70.69  ? 12  G   B C4    1 
ATOM   525  P  P     . G   B 2 12 ? -8.383  10.261  -3.677  1.00 86.32  ? 13  G   B P     1 
ATOM   526  O  OP1   . G   B 2 12 ? -8.041  11.663  -4.004  1.00 82.53  ? 13  G   B OP1   1 
ATOM   527  O  OP2   . G   B 2 12 ? -9.753  9.913   -3.212  1.00 84.35  ? 13  G   B OP2   1 
ATOM   528  O  "O5'" . G   B 2 12 ? -7.963  9.360   -4.915  1.00 84.02  ? 13  G   B "O5'" 1 
ATOM   529  C  "C5'" . G   B 2 12 ? -6.661  9.487   -5.469  1.00 80.95  ? 13  G   B "C5'" 1 
ATOM   530  C  "C4'" . G   B 2 12 ? -6.422  8.459   -6.551  1.00 82.75  ? 13  G   B "C4'" 1 
ATOM   531  O  "O4'" . G   B 2 12 ? -6.502  7.126   -5.989  1.00 80.75  ? 13  G   B "O4'" 1 
ATOM   532  C  "C3'" . G   B 2 12 ? -7.465  8.437   -7.650  1.00 83.06  ? 13  G   B "C3'" 1 
ATOM   533  O  "O3'" . G   B 2 12 ? -7.200  9.438   -8.618  1.00 91.49  ? 13  G   B "O3'" 1 
ATOM   534  C  "C2'" . G   B 2 12 ? -7.303  7.030   -8.217  1.00 80.78  ? 13  G   B "C2'" 1 
ATOM   535  O  "O2'" . G   B 2 12 ? -6.206  6.889   -9.088  1.00 83.56  ? 13  G   B "O2'" 1 
ATOM   536  C  "C1'" . G   B 2 12 ? -7.014  6.234   -6.954  1.00 74.78  ? 13  G   B "C1'" 1 
ATOM   537  N  N9    . G   B 2 12 ? -8.224  5.618   -6.440  1.00 71.29  ? 13  G   B N9    1 
ATOM   538  C  C8    . G   B 2 12 ? -9.046  6.046   -5.429  1.00 72.46  ? 13  G   B C8    1 
ATOM   539  N  N7    . G   B 2 12 ? -10.067 5.263   -5.237  1.00 68.44  ? 13  G   B N7    1 
ATOM   540  C  C5    . G   B 2 12 ? -9.896  4.264   -6.175  1.00 69.72  ? 13  G   B C5    1 
ATOM   541  C  C6    . G   B 2 12 ? -10.669 3.141   -6.435  1.00 71.93  ? 13  G   B C6    1 
ATOM   542  O  O6    . G   B 2 12 ? -11.715 2.795   -5.886  1.00 78.08  ? 13  G   B O6    1 
ATOM   543  N  N1    . G   B 2 12 ? -10.128 2.369   -7.456  1.00 70.79  ? 13  G   B N1    1 
ATOM   544  C  C2    . G   B 2 12 ? -8.983  2.659   -8.141  1.00 69.37  ? 13  G   B C2    1 
ATOM   545  N  N2    . G   B 2 12 ? -8.630  1.767   -9.076  1.00 67.60  ? 13  G   B N2    1 
ATOM   546  N  N3    . G   B 2 12 ? -8.247  3.731   -7.914  1.00 68.26  ? 13  G   B N3    1 
ATOM   547  C  C4    . G   B 2 12 ? -8.759  4.478   -6.918  1.00 69.67  ? 13  G   B C4    1 
HETATM 548  P  P     . S9L B 2 13 ? -8.414  10.082  -9.439  1.00 95.39  ? 14  S9L B P     1 
HETATM 549  O  O1P   . S9L B 2 13 ? -9.331  8.988   -9.861  1.00 95.00  ? 14  S9L B O1P   1 
HETATM 550  O  O2P   . S9L B 2 13 ? -8.952  11.226  -8.632  1.00 89.56  ? 14  S9L B O2P   1 
HETATM 551  O  "O5'" . S9L B 2 13 ? -7.723  10.657  -10.743 1.00 99.68  ? 14  S9L B "O5'" 1 
HETATM 552  C  C12   . S9L B 2 13 ? -6.559  10.044  -11.330 1.00 110.09 ? 14  S9L B C12   1 
HETATM 553  C  C22   . S9L B 2 13 ? -6.729  8.505   -11.595 1.00 113.21 ? 14  S9L B C22   1 
HETATM 554  O  OH3   . S9L B 2 13 ? -7.737  8.201   -12.572 1.00 118.55 ? 14  S9L B OH3   1 
HETATM 555  C  C13   . S9L B 2 13 ? -8.820  8.766   -14.647 1.00 122.12 ? 14  S9L B C13   1 
HETATM 556  C  C23   . S9L B 2 13 ? -7.573  8.954   -13.788 1.00 120.39 ? 14  S9L B C23   1 
HETATM 557  O  OH4   . S9L B 2 13 ? -8.624  7.583   -15.437 1.00 123.09 ? 14  S9L B OH4   1 
HETATM 558  C  C14   . S9L B 2 13 ? -7.896  8.470   -17.606 1.00 115.47 ? 14  S9L B C14   1 
HETATM 559  C  C24   . S9L B 2 13 ? -9.015  7.764   -16.810 1.00 119.41 ? 14  S9L B C24   1 
HETATM 560  O  "O3'" . S9L B 2 13 ? -6.905  7.506   -17.898 1.00 103.46 ? 14  S9L B "O3'" 1 
ATOM   561  P  P     . G   B 2 14 ? -5.337  7.234   -17.677 1.00 98.52  ? 15  G   B P     1 
ATOM   562  O  OP1   . G   B 2 14 ? -5.081  6.736   -16.299 1.00 99.12  ? 15  G   B OP1   1 
ATOM   563  O  OP2   . G   B 2 14 ? -4.646  8.451   -18.151 1.00 99.67  ? 15  G   B OP2   1 
ATOM   564  O  "O5'" . G   B 2 14 ? -5.019  6.063   -18.702 1.00 97.46  ? 15  G   B "O5'" 1 
ATOM   565  C  "C5'" . G   B 2 14 ? -6.069  5.264   -19.242 1.00 91.28  ? 15  G   B "C5'" 1 
ATOM   566  C  "C4'" . G   B 2 14 ? -5.508  4.288   -20.237 1.00 87.79  ? 15  G   B "C4'" 1 
ATOM   567  O  "O4'" . G   B 2 14 ? -5.201  4.981   -21.473 1.00 89.02  ? 15  G   B "O4'" 1 
ATOM   568  C  "C3'" . G   B 2 14 ? -4.191  3.661   -19.825 1.00 85.14  ? 15  G   B "C3'" 1 
ATOM   569  O  "O3'" . G   B 2 14 ? -4.407  2.528   -19.002 1.00 81.84  ? 15  G   B "O3'" 1 
ATOM   570  C  "C2'" . G   B 2 14 ? -3.610  3.254   -21.163 1.00 85.91  ? 15  G   B "C2'" 1 
ATOM   571  O  "O2'" . G   B 2 14 ? -4.252  2.083   -21.616 1.00 87.40  ? 15  G   B "O2'" 1 
ATOM   572  C  "C1'" . G   B 2 14 ? -4.031  4.427   -22.045 1.00 86.83  ? 15  G   B "C1'" 1 
ATOM   573  N  N9    . G   B 2 14 ? -3.015  5.479   -22.151 1.00 86.99  ? 15  G   B N9    1 
ATOM   574  C  C8    . G   B 2 14 ? -3.026  6.707   -21.548 1.00 86.76  ? 15  G   B C8    1 
ATOM   575  N  N7    . G   B 2 14 ? -1.980  7.433   -21.845 1.00 86.31  ? 15  G   B N7    1 
ATOM   576  C  C5    . G   B 2 14 ? -1.240  6.628   -22.695 1.00 87.02  ? 15  G   B C5    1 
ATOM   577  C  C6    . G   B 2 14 ? -0.016  6.876   -23.350 1.00 86.19  ? 15  G   B C6    1 
ATOM   578  O  O6    . G   B 2 14 ? 0.679   7.880   -23.310 1.00 89.41  ? 15  G   B O6    1 
ATOM   579  N  N1    . G   B 2 14 ? 0.380   5.797   -24.125 1.00 84.97  ? 15  G   B N1    1 
ATOM   580  C  C2    . G   B 2 14 ? -0.313  4.631   -24.255 1.00 85.65  ? 15  G   B C2    1 
ATOM   581  N  N2    . G   B 2 14 ? 0.217   3.712   -25.059 1.00 86.43  ? 15  G   B N2    1 
ATOM   582  N  N3    . G   B 2 14 ? -1.454  4.383   -23.647 1.00 88.00  ? 15  G   B N3    1 
ATOM   583  C  C4    . G   B 2 14 ? -1.859  5.419   -22.890 1.00 87.39  ? 15  G   B C4    1 
ATOM   584  P  P     . G   B 2 15 ? -3.240  2.018   -18.018 1.00 85.43  ? 16  G   B P     1 
ATOM   585  O  OP1   . G   B 2 15 ? -3.832  1.038   -17.100 1.00 88.39  ? 16  G   B OP1   1 
ATOM   586  O  OP2   . G   B 2 15 ? -2.426  3.144   -17.486 1.00 83.93  ? 16  G   B OP2   1 
ATOM   587  O  "O5'" . G   B 2 15 ? -2.279  1.197   -18.953 1.00 88.10  ? 16  G   B "O5'" 1 
ATOM   588  C  "C5'" . G   B 2 15 ? -2.700  -0.019  -19.516 1.00 88.87  ? 16  G   B "C5'" 1 
ATOM   589  C  "C4'" . G   B 2 15 ? -1.575  -0.563  -20.316 1.00 91.53  ? 16  G   B "C4'" 1 
ATOM   590  O  "O4'" . G   B 2 15 ? -1.378  0.302   -21.458 1.00 93.92  ? 16  G   B "O4'" 1 
ATOM   591  C  "C3'" . G   B 2 15 ? -0.259  -0.493  -19.576 1.00 91.05  ? 16  G   B "C3'" 1 
ATOM   592  O  "O3'" . G   B 2 15 ? -0.051  -1.611  -18.760 1.00 89.60  ? 16  G   B "O3'" 1 
ATOM   593  C  "C2'" . G   B 2 15 ? 0.732   -0.468  -20.718 1.00 92.67  ? 16  G   B "C2'" 1 
ATOM   594  O  "O2'" . G   B 2 15 ? 0.878   -1.768  -21.258 1.00 95.22  ? 16  G   B "O2'" 1 
ATOM   595  C  "C1'" . G   B 2 15 ? 0.005   0.446   -21.703 1.00 94.36  ? 16  G   B "C1'" 1 
ATOM   596  N  N9    . G   B 2 15 ? 0.324   1.853   -21.459 1.00 95.32  ? 16  G   B N9    1 
ATOM   597  C  C8    . G   B 2 15 ? -0.381  2.731   -20.680 1.00 96.16  ? 16  G   B C8    1 
ATOM   598  N  N7    . G   B 2 15 ? 0.140   3.930   -20.662 1.00 97.13  ? 16  G   B N7    1 
ATOM   599  C  C5    . G   B 2 15 ? 1.253   3.826   -21.475 1.00 95.86  ? 16  G   B C5    1 
ATOM   600  C  C6    . G   B 2 15 ? 2.212   4.798   -21.850 1.00 96.23  ? 16  G   B C6    1 
ATOM   601  O  O6    . G   B 2 15 ? 2.261   5.983   -21.536 1.00 96.92  ? 16  G   B O6    1 
ATOM   602  N  N1    . G   B 2 15 ? 3.182   4.266   -22.687 1.00 96.71  ? 16  G   B N1    1 
ATOM   603  C  C2    . G   B 2 15 ? 3.214   2.966   -23.125 1.00 97.62  ? 16  G   B C2    1 
ATOM   604  N  N2    . G   B 2 15 ? 4.212   2.632   -23.939 1.00 98.25  ? 16  G   B N2    1 
ATOM   605  N  N3    . G   B 2 15 ? 2.327   2.054   -22.789 1.00 97.05  ? 16  G   B N3    1 
ATOM   606  C  C4    . G   B 2 15 ? 1.387   2.545   -21.972 1.00 95.98  ? 16  G   B C4    1 
ATOM   607  P  P     . C   B 2 16 ? 1.047   -1.523  -17.604 1.00 87.88  ? 17  C   B P     1 
ATOM   608  O  OP1   . C   B 2 16 ? 1.098   -2.865  -16.977 1.00 88.86  ? 17  C   B OP1   1 
ATOM   609  O  OP2   . C   B 2 16 ? 0.772   -0.307  -16.792 1.00 87.60  ? 17  C   B OP2   1 
ATOM   610  O  "O5'" . C   B 2 16 ? 2.423   -1.289  -18.355 1.00 90.13  ? 17  C   B "O5'" 1 
ATOM   611  C  "C5'" . C   B 2 16 ? 3.112   -2.372  -18.949 1.00 92.70  ? 17  C   B "C5'" 1 
ATOM   612  C  "C4'" . C   B 2 16 ? 4.412   -1.885  -19.498 1.00 93.04  ? 17  C   B "C4'" 1 
ATOM   613  O  "O4'" . C   B 2 16 ? 4.123   -0.781  -20.389 1.00 95.65  ? 17  C   B "O4'" 1 
ATOM   614  C  "C3'" . C   B 2 16 ? 5.301   -1.234  -18.465 1.00 92.30  ? 17  C   B "C3'" 1 
ATOM   615  O  "O3'" . C   B 2 16 ? 6.065   -2.150  -17.733 1.00 94.28  ? 17  C   B "O3'" 1 
ATOM   616  C  "C2'" . C   B 2 16 ? 6.180   -0.346  -19.317 1.00 92.11  ? 17  C   B "C2'" 1 
ATOM   617  O  "O2'" . C   B 2 16 ? 7.152   -1.114  -20.002 1.00 86.59  ? 17  C   B "O2'" 1 
ATOM   618  C  "C1'" . C   B 2 16 ? 5.160   0.180   -20.316 1.00 92.95  ? 17  C   B "C1'" 1 
ATOM   619  N  N1    . C   B 2 16 ? 4.591   1.458   -19.878 1.00 91.64  ? 17  C   B N1    1 
ATOM   620  C  C2    . C   B 2 16 ? 5.296   2.617   -20.146 1.00 91.88  ? 17  C   B C2    1 
ATOM   621  O  O2    . C   B 2 16 ? 6.355   2.531   -20.760 1.00 94.27  ? 17  C   B O2    1 
ATOM   622  N  N3    . C   B 2 16 ? 4.814   3.802   -19.735 1.00 91.98  ? 17  C   B N3    1 
ATOM   623  C  C4    . C   B 2 16 ? 3.664   3.852   -19.083 1.00 91.50  ? 17  C   B C4    1 
ATOM   624  N  N4    . C   B 2 16 ? 3.229   5.041   -18.684 1.00 91.20  ? 17  C   B N4    1 
ATOM   625  C  C5    . C   B 2 16 ? 2.908   2.680   -18.803 1.00 92.04  ? 17  C   B C5    1 
ATOM   626  C  C6    . C   B 2 16 ? 3.405   1.513   -19.215 1.00 90.72  ? 17  C   B C6    1 
ATOM   627  P  P     . A   B 2 17 ? 6.597   -1.716  -16.288 1.00 100.43 ? 18  A   B P     1 
ATOM   628  O  OP1   . A   B 2 17 ? 7.333   -2.880  -15.723 1.00 96.50  ? 18  A   B OP1   1 
ATOM   629  O  OP2   . A   B 2 17 ? 5.435   -1.139  -15.569 1.00 97.90  ? 18  A   B OP2   1 
ATOM   630  O  "O5'" . A   B 2 17 ? 7.616   -0.525  -16.575 1.00 95.88  ? 18  A   B "O5'" 1 
ATOM   631  C  "C5'" . A   B 2 17 ? 8.811   -0.776  -17.295 1.00 93.80  ? 18  A   B "C5'" 1 
ATOM   632  C  "C4'" . A   B 2 17 ? 9.644   0.466   -17.387 1.00 91.10  ? 18  A   B "C4'" 1 
ATOM   633  O  "O4'" . A   B 2 17 ? 8.966   1.444   -18.209 1.00 91.42  ? 18  A   B "O4'" 1 
ATOM   634  C  "C3'" . A   B 2 17 ? 9.794   1.179   -16.065 1.00 94.26  ? 18  A   B "C3'" 1 
ATOM   635  O  "O3'" . A   B 2 17 ? 10.817  0.602   -15.285 1.00 97.99  ? 18  A   B "O3'" 1 
ATOM   636  C  "C2'" . A   B 2 17 ? 10.140  2.585   -16.507 1.00 94.09  ? 18  A   B "C2'" 1 
ATOM   637  O  "O2'" . A   B 2 17 ? 11.485  2.663   -16.912 1.00 96.08  ? 18  A   B "O2'" 1 
ATOM   638  C  "C1'" . A   B 2 17 ? 9.249   2.738   -17.729 1.00 92.16  ? 18  A   B "C1'" 1 
ATOM   639  N  N9    . A   B 2 17 ? 8.002   3.397   -17.379 1.00 92.21  ? 18  A   B N9    1 
ATOM   640  C  C8    . A   B 2 17 ? 6.753   2.882   -17.165 1.00 91.78  ? 18  A   B C8    1 
ATOM   641  N  N7    . A   B 2 17 ? 5.863   3.788   -16.843 1.00 90.68  ? 18  A   B N7    1 
ATOM   642  C  C5    . A   B 2 17 ? 6.581   4.970   -16.849 1.00 90.00  ? 18  A   B C5    1 
ATOM   643  C  C6    . A   B 2 17 ? 6.219   6.287   -16.590 1.00 89.68  ? 18  A   B C6    1 
ATOM   644  N  N6    . A   B 2 17 ? 4.989   6.658   -16.263 1.00 90.36  ? 18  A   B N6    1 
ATOM   645  N  N1    . A   B 2 17 ? 7.177   7.230   -16.681 1.00 91.23  ? 18  A   B N1    1 
ATOM   646  C  C2    . A   B 2 17 ? 8.416   6.858   -17.017 1.00 93.63  ? 18  A   B C2    1 
ATOM   647  N  N3    . A   B 2 17 ? 8.878   5.648   -17.286 1.00 92.75  ? 18  A   B N3    1 
ATOM   648  C  C4    . A   B 2 17 ? 7.899   4.742   -17.182 1.00 91.38  ? 18  A   B C4    1 
ATOM   649  P  P     . G   B 2 18 ? 10.878  0.919   -13.706 1.00 101.78 ? 19  G   B P     1 
ATOM   650  O  OP1   . G   B 2 18 ? 12.031  0.123   -13.187 1.00 97.65  ? 19  G   B OP1   1 
ATOM   651  O  OP2   . G   B 2 18 ? 9.530   0.753   -13.091 1.00 98.68  ? 19  G   B OP2   1 
ATOM   652  O  "O5'" . G   B 2 18 ? 11.243  2.467   -13.638 1.00 97.86  ? 19  G   B "O5'" 1 
ATOM   653  C  "C5'" . G   B 2 18 ? 12.566  2.880   -13.917 1.00 93.93  ? 19  G   B "C5'" 1 
ATOM   654  C  "C4'" . G   B 2 18 ? 12.697  4.374   -13.848 1.00 93.34  ? 19  G   B "C4'" 1 
ATOM   655  O  "O4'" . G   B 2 18 ? 11.719  4.980   -14.729 1.00 93.41  ? 19  G   B "O4'" 1 
ATOM   656  C  "C3'" . G   B 2 18 ? 12.343  4.976   -12.499 1.00 95.67  ? 19  G   B "C3'" 1 
ATOM   657  O  "O3'" . G   B 2 18 ? 13.417  4.893   -11.573 1.00 100.33 ? 19  G   B "O3'" 1 
ATOM   658  C  "C2'" . G   B 2 18 ? 12.026  6.416   -12.866 1.00 95.32  ? 19  G   B "C2'" 1 
ATOM   659  O  "O2'" . G   B 2 18 ? 13.158  7.234   -13.068 1.00 95.95  ? 19  G   B "O2'" 1 
ATOM   660  C  "C1'" . G   B 2 18 ? 11.332  6.231   -14.203 1.00 92.65  ? 19  G   B "C1'" 1 
ATOM   661  N  N9    . G   B 2 18 ? 9.899   6.260   -14.006 1.00 90.69  ? 19  G   B N9    1 
ATOM   662  C  C8    . G   B 2 18 ? 9.001   5.228   -14.043 1.00 91.39  ? 19  G   B C8    1 
ATOM   663  N  N7    . G   B 2 18 ? 7.780   5.615   -13.801 1.00 91.44  ? 19  G   B N7    1 
ATOM   664  C  C5    . G   B 2 18 ? 7.897   6.986   -13.596 1.00 89.97  ? 19  G   B C5    1 
ATOM   665  C  C6    . G   B 2 18 ? 6.915   7.966   -13.293 1.00 89.67  ? 19  G   B C6    1 
ATOM   666  O  O6    . G   B 2 18 ? 5.704   7.816   -13.146 1.00 88.84  ? 19  G   B O6    1 
ATOM   667  N  N1    . G   B 2 18 ? 7.475   9.232   -13.156 1.00 89.76  ? 19  G   B N1    1 
ATOM   668  C  C2    . G   B 2 18 ? 8.802   9.524   -13.287 1.00 90.51  ? 19  G   B C2    1 
ATOM   669  N  N2    . G   B 2 18 ? 9.145   10.813  -13.083 1.00 91.23  ? 19  G   B N2    1 
ATOM   670  N  N3    . G   B 2 18 ? 9.725   8.625   -13.584 1.00 90.02  ? 19  G   B N3    1 
ATOM   671  C  C4    . G   B 2 18 ? 9.200   7.389   -13.720 1.00 89.64  ? 19  G   B C4    1 
ATOM   672  P  P     . A   B 2 19 ? 13.105  4.922   -9.989  1.00 103.24 ? 20  A   B P     1 
ATOM   673  O  OP1   . A   B 2 19 ? 14.418  4.927   -9.285  1.00 99.90  ? 20  A   B OP1   1 
ATOM   674  O  OP2   . A   B 2 19 ? 12.144  3.825   -9.734  1.00 105.44 ? 20  A   B OP2   1 
ATOM   675  O  "O5'" . A   B 2 19 ? 12.379  6.318   -9.725  1.00 98.00  ? 20  A   B "O5'" 1 
ATOM   676  C  "C5'" . A   B 2 19 ? 13.132  7.520   -9.757  1.00 93.14  ? 20  A   B "C5'" 1 
ATOM   677  C  "C4'" . A   B 2 19 ? 12.250  8.717   -9.530  1.00 93.10  ? 20  A   B "C4'" 1 
ATOM   678  O  "O4'" . A   B 2 19 ? 11.258  8.795   -10.579 1.00 93.58  ? 20  A   B "O4'" 1 
ATOM   679  C  "C3'" . A   B 2 19 ? 11.439  8.706   -8.252  1.00 91.30  ? 20  A   B "C3'" 1 
ATOM   680  O  "O3'" . A   B 2 19 ? 12.196  9.173   -7.157  1.00 93.49  ? 20  A   B "O3'" 1 
ATOM   681  C  "C2'" . A   B 2 19 ? 10.296  9.651   -8.590  1.00 91.08  ? 20  A   B "C2'" 1 
ATOM   682  O  "O2'" . A   B 2 19 ? 10.590  11.029  -8.491  1.00 88.49  ? 20  A   B "O2'" 1 
ATOM   683  C  "C1'" . A   B 2 19 ? 10.045  9.287   -10.044 1.00 92.50  ? 20  A   B "C1'" 1 
ATOM   684  N  N9    . A   B 2 19 ? 9.050   8.224   -10.108 1.00 92.60  ? 20  A   B N9    1 
ATOM   685  C  C8    . A   B 2 19 ? 9.203   6.876   -10.337 1.00 92.00  ? 20  A   B C8    1 
ATOM   686  N  N7    . A   B 2 19 ? 8.078   6.206   -10.310 1.00 90.16  ? 20  A   B N7    1 
ATOM   687  C  C5    . A   B 2 19 ? 7.124   7.181   -10.047 1.00 88.99  ? 20  A   B C5    1 
ATOM   688  C  C6    . A   B 2 19 ? 5.739   7.124   -9.895  1.00 88.11  ? 20  A   B C6    1 
ATOM   689  N  N6    . A   B 2 19 ? 5.043   5.997   -9.986  1.00 88.70  ? 20  A   B N6    1 
ATOM   690  N  N1    . A   B 2 19 ? 5.080   8.279   -9.641  1.00 87.67  ? 20  A   B N1    1 
ATOM   691  C  C2    . A   B 2 19 ? 5.784   9.411   -9.541  1.00 88.11  ? 20  A   B C2    1 
ATOM   692  N  N3    . A   B 2 19 ? 7.092   9.594   -9.660  1.00 89.30  ? 20  A   B N3    1 
ATOM   693  C  C4    . A   B 2 19 ? 7.709   8.426   -9.917  1.00 90.38  ? 20  A   B C4    1 
ATOM   694  P  P     . G   B 2 20 ? 11.848  8.644   -5.683  1.00 98.82  ? 21  G   B P     1 
ATOM   695  O  OP1   . G   B 2 20 ? 12.681  9.393   -4.703  1.00 97.08  ? 21  G   B OP1   1 
ATOM   696  O  OP2   . G   B 2 20 ? 11.907  7.149   -5.754  1.00 94.66  ? 21  G   B OP2   1 
ATOM   697  O  "O5'" . G   B 2 20 ? 10.353  9.115   -5.431  1.00 99.14  ? 21  G   B "O5'" 1 
ATOM   698  C  "C5'" . G   B 2 20 ? 10.029  10.504  -5.342  1.00 99.29  ? 21  G   B "C5'" 1 
ATOM   699  C  "C4'" . G   B 2 20 ? 8.547   10.679  -5.081  1.00 99.01  ? 21  G   B "C4'" 1 
ATOM   700  O  "O4'" . G   B 2 20 ? 7.779   10.230  -6.229  1.00 99.25  ? 21  G   B "O4'" 1 
ATOM   701  C  "C3'" . G   B 2 20 ? 7.994   9.873   -3.926  1.00 96.31  ? 21  G   B "C3'" 1 
ATOM   702  O  "O3'" . G   B 2 20 ? 8.156   10.574  -2.721  1.00 97.35  ? 21  G   B "O3'" 1 
ATOM   703  C  "C2'" . G   B 2 20 ? 6.519   9.770   -4.275  1.00 96.45  ? 21  G   B "C2'" 1 
ATOM   704  O  "O2'" . G   B 2 20 ? 5.819   10.962  -3.980  1.00 98.16  ? 21  G   B "O2'" 1 
ATOM   705  C  "C1'" . G   B 2 20 ? 6.588   9.595   -5.782  1.00 96.16  ? 21  G   B "C1'" 1 
ATOM   706  N  N9    . G   B 2 20 ? 6.668   8.173   -6.146  1.00 92.52  ? 21  G   B N9    1 
ATOM   707  C  C8    . G   B 2 20 ? 7.799   7.403   -6.258  1.00 92.09  ? 21  G   B C8    1 
ATOM   708  N  N7    . G   B 2 20 ? 7.545   6.174   -6.629  1.00 91.51  ? 21  G   B N7    1 
ATOM   709  C  C5    . G   B 2 20 ? 6.169   6.138   -6.757  1.00 90.05  ? 21  G   B C5    1 
ATOM   710  C  C6    . G   B 2 20 ? 5.306   5.074   -7.137  1.00 89.07  ? 21  G   B C6    1 
ATOM   711  O  O6    . G   B 2 20 ? 5.612   3.923   -7.462  1.00 91.61  ? 21  G   B O6    1 
ATOM   712  N  N1    . G   B 2 20 ? 3.970   5.461   -7.125  1.00 86.91  ? 21  G   B N1    1 
ATOM   713  C  C2    . G   B 2 20 ? 3.515   6.717   -6.796  1.00 87.02  ? 21  G   B C2    1 
ATOM   714  N  N2    . G   B 2 20 ? 2.194   6.892   -6.845  1.00 84.51  ? 21  G   B N2    1 
ATOM   715  N  N3    . G   B 2 20 ? 4.304   7.722   -6.450  1.00 87.89  ? 21  G   B N3    1 
ATOM   716  C  C4    . G   B 2 20 ? 5.600   7.365   -6.450  1.00 89.94  ? 21  G   B C4    1 
ATOM   717  P  P     . A   B 2 21 ? 8.457   9.760   -1.387  1.00 96.58  ? 22  A   B P     1 
ATOM   718  O  OP1   . A   B 2 21 ? 9.932   9.620   -1.283  1.00 95.01  ? 22  A   B OP1   1 
ATOM   719  O  OP2   . A   B 2 21 ? 7.599   8.546   -1.401  1.00 98.11  ? 22  A   B OP2   1 
ATOM   720  O  "O5'" . A   B 2 21 ? 7.919   10.729  -0.251  1.00 92.82  ? 22  A   B "O5'" 1 
ATOM   721  C  "C5'" . A   B 2 21 ? 6.676   10.484  0.383   1.00 90.54  ? 22  A   B "C5'" 1 
ATOM   722  C  "C4'" . A   B 2 21 ? 5.710   11.593  0.060   1.00 91.40  ? 22  A   B "C4'" 1 
ATOM   723  O  "O4'" . A   B 2 21 ? 5.279   11.477  -1.320  1.00 91.22  ? 22  A   B "O4'" 1 
ATOM   724  C  "C3'" . A   B 2 21 ? 4.423   11.535  0.845   1.00 90.54  ? 22  A   B "C3'" 1 
ATOM   725  O  "O3'" . A   B 2 21 ? 4.604   12.127  2.106   1.00 88.12  ? 22  A   B "O3'" 1 
ATOM   726  C  "C2'" . A   B 2 21 ? 3.451   12.297  -0.037  1.00 90.16  ? 22  A   B "C2'" 1 
ATOM   727  O  "O2'" . A   B 2 21 ? 3.533   13.695  0.098   1.00 89.38  ? 22  A   B "O2'" 1 
ATOM   728  C  "C1'" . A   B 2 21 ? 3.915   11.862  -1.427  1.00 90.50  ? 22  A   B "C1'" 1 
ATOM   729  N  N9    . A   B 2 21 ? 3.145   10.718  -1.916  1.00 90.16  ? 22  A   B N9    1 
ATOM   730  C  C8    . A   B 2 21 ? 3.564   9.423   -2.157  1.00 90.23  ? 22  A   B C8    1 
ATOM   731  N  N7    . A   B 2 21 ? 2.606   8.623   -2.558  1.00 87.35  ? 22  A   B N7    1 
ATOM   732  C  C5    . A   B 2 21 ? 1.480   9.440   -2.591  1.00 88.12  ? 22  A   B C5    1 
ATOM   733  C  C6    . A   B 2 21 ? 0.146   9.187   -2.919  1.00 87.26  ? 22  A   B C6    1 
ATOM   734  N  N6    . A   B 2 21 ? -0.296  7.989   -3.268  1.00 88.79  ? 22  A   B N6    1 
ATOM   735  N  N1    . A   B 2 21 ? -0.733  10.216  -2.864  1.00 86.14  ? 22  A   B N1    1 
ATOM   736  C  C2    . A   B 2 21 ? -0.282  11.414  -2.489  1.00 86.46  ? 22  A   B C2    1 
ATOM   737  N  N3    . A   B 2 21 ? 0.954   11.780  -2.141  1.00 88.15  ? 22  A   B N3    1 
ATOM   738  C  C4    . A   B 2 21 ? 1.802   10.728  -2.213  1.00 88.82  ? 22  A   B C4    1 
ATOM   739  P  P     . A   B 2 22 ? 3.938   11.440  3.376   1.00 94.39  ? 23  A   B P     1 
ATOM   740  O  OP1   . A   B 2 22 ? 4.386   12.131  4.594   1.00 94.52  ? 23  A   B OP1   1 
ATOM   741  O  OP2   . A   B 2 22 ? 4.161   9.985   3.238   1.00 89.21  ? 23  A   B OP2   1 
ATOM   742  O  "O5'" . A   B 2 22 ? 2.405   11.756  3.160   1.00 90.82  ? 23  A   B "O5'" 1 
ATOM   743  C  "C5'" . A   B 2 22 ? 1.994   13.084  2.911   1.00 87.21  ? 23  A   B "C5'" 1 
ATOM   744  C  "C4'" . A   B 2 22 ? 0.557   13.096  2.508   1.00 88.80  ? 23  A   B "C4'" 1 
ATOM   745  O  "O4'" . A   B 2 22 ? 0.436   12.550  1.177   1.00 89.49  ? 23  A   B "O4'" 1 
ATOM   746  C  "C3'" . A   B 2 22 ? -0.339  12.224  3.368   1.00 88.53  ? 23  A   B "C3'" 1 
ATOM   747  O  "O3'" . A   B 2 22 ? -0.770  12.935  4.512   1.00 88.20  ? 23  A   B "O3'" 1 
ATOM   748  C  "C2'" . A   B 2 22 ? -1.492  11.928  2.425   1.00 87.57  ? 23  A   B "C2'" 1 
ATOM   749  O  "O2'" . A   B 2 22 ? -2.429  12.981  2.360   1.00 86.05  ? 23  A   B "O2'" 1 
ATOM   750  C  "C1'" . A   B 2 22 ? -0.757  11.787  1.092   1.00 88.69  ? 23  A   B "C1'" 1 
ATOM   751  N  N9    . A   B 2 22 ? -0.376  10.406  0.849   1.00 86.38  ? 23  A   B N9    1 
ATOM   752  C  C8    . A   B 2 22 ? 0.871   9.850   0.964   1.00 85.14  ? 23  A   B C8    1 
ATOM   753  N  N7    . A   B 2 22 ? 0.905   8.572   0.702   1.00 84.24  ? 23  A   B N7    1 
ATOM   754  C  C5    . A   B 2 22 ? -0.412  8.263   0.393   1.00 82.27  ? 23  A   B C5    1 
ATOM   755  C  C6    . A   B 2 22 ? -1.031  7.074   0.047   1.00 80.66  ? 23  A   B C6    1 
ATOM   756  N  N6    . A   B 2 22 ? -0.393  5.916   -0.048  1.00 80.27  ? 23  A   B N6    1 
ATOM   757  N  N1    . A   B 2 22 ? -2.357  7.104   -0.200  1.00 81.22  ? 23  A   B N1    1 
ATOM   758  C  C2    . A   B 2 22 ? -2.997  8.260   -0.094  1.00 83.03  ? 23  A   B C2    1 
ATOM   759  N  N3    . A   B 2 22 ? -2.526  9.448   0.232   1.00 85.14  ? 23  A   B N3    1 
ATOM   760  C  C4    . A   B 2 22 ? -1.204  9.381   0.470   1.00 83.70  ? 23  A   B C4    1 
ATOM   761  P  P     . A   B 2 23 ? -1.332  12.131  5.779   1.00 90.53  ? 24  A   B P     1 
ATOM   762  O  OP1   . A   B 2 23 ? -1.901  13.093  6.758   1.00 88.86  ? 24  A   B OP1   1 
ATOM   763  O  OP2   . A   B 2 23 ? -0.270  11.188  6.196   1.00 85.64  ? 24  A   B OP2   1 
ATOM   764  O  "O5'" . A   B 2 23 ? -2.556  11.317  5.186   1.00 86.47  ? 24  A   B "O5'" 1 
ATOM   765  C  "C5'" . A   B 2 23 ? -3.823  11.932  5.023   1.00 81.66  ? 24  A   B "C5'" 1 
ATOM   766  C  "C4'" . A   B 2 23 ? -4.839  10.885  4.715   1.00 79.74  ? 24  A   B "C4'" 1 
ATOM   767  O  "O4'" . A   B 2 23 ? -4.429  10.198  3.509   1.00 81.09  ? 24  A   B "O4'" 1 
ATOM   768  C  "C3'" . A   B 2 23 ? -4.918  9.795   5.761   1.00 80.35  ? 24  A   B "C3'" 1 
ATOM   769  O  "O3'" . A   B 2 23 ? -5.800  10.199  6.797   1.00 77.90  ? 24  A   B "O3'" 1 
ATOM   770  C  "C2'" . A   B 2 23 ? -5.448  8.617   4.952   1.00 81.51  ? 24  A   B "C2'" 1 
ATOM   771  O  "O2'" . A   B 2 23 ? -6.844  8.627   4.753   1.00 83.32  ? 24  A   B "O2'" 1 
ATOM   772  C  "C1'" . A   B 2 23 ? -4.733  8.822   3.615   1.00 81.01  ? 24  A   B "C1'" 1 
ATOM   773  N  N9    . A   B 2 23 ? -3.468  8.110   3.542   1.00 80.94  ? 24  A   B N9    1 
ATOM   774  C  C8    . A   B 2 23 ? -2.219  8.643   3.730   1.00 80.23  ? 24  A   B C8    1 
ATOM   775  N  N7    . A   B 2 23 ? -1.244  7.775   3.605   1.00 81.33  ? 24  A   B N7    1 
ATOM   776  C  C5    . A   B 2 23 ? -1.902  6.586   3.318   1.00 78.69  ? 24  A   B C5    1 
ATOM   777  C  C6    . A   B 2 23 ? -1.432  5.278   3.070   1.00 78.08  ? 24  A   B C6    1 
ATOM   778  N  N6    . A   B 2 23 ? -0.146  4.923   3.115   1.00 77.46  ? 24  A   B N6    1 
ATOM   779  N  N1    . A   B 2 23 ? -2.349  4.332   2.784   1.00 77.77  ? 24  A   B N1    1 
ATOM   780  C  C2    . A   B 2 23 ? -3.646  4.675   2.780   1.00 78.30  ? 24  A   B C2    1 
ATOM   781  N  N3    . A   B 2 23 ? -4.210  5.858   3.017   1.00 78.47  ? 24  A   B N3    1 
ATOM   782  C  C4    . A   B 2 23 ? -3.271  6.781   3.275   1.00 79.11  ? 24  A   B C4    1 
ATOM   783  P  P     . C   B 2 24 ? -5.742  9.453   8.218   1.00 82.07  ? 25  C   B P     1 
ATOM   784  O  OP1   . C   B 2 24 ? -6.953  9.819   9.003   1.00 76.14  ? 25  C   B OP1   1 
ATOM   785  O  OP2   . C   B 2 24 ? -4.383  9.728   8.776   1.00 75.17  ? 25  C   B OP2   1 
ATOM   786  O  "O5'" . C   B 2 24 ? -5.878  7.907   7.855   1.00 76.35  ? 25  C   B "O5'" 1 
ATOM   787  C  "C5'" . C   B 2 24 ? -7.150  7.334   7.549   1.00 74.90  ? 25  C   B "C5'" 1 
ATOM   788  C  "C4'" . C   B 2 24 ? -7.005  5.854   7.258   1.00 76.18  ? 25  C   B "C4'" 1 
ATOM   789  O  "O4'" . C   B 2 24 ? -6.061  5.668   6.181   1.00 80.80  ? 25  C   B "O4'" 1 
ATOM   790  C  "C3'" . C   B 2 24 ? -6.441  5.012   8.384   1.00 75.71  ? 25  C   B "C3'" 1 
ATOM   791  O  "O3'" . C   B 2 24 ? -7.481  4.610   9.247   1.00 75.09  ? 25  C   B "O3'" 1 
ATOM   792  C  "C2'" . C   B 2 24 ? -5.859  3.819   7.647   1.00 70.36  ? 25  C   B "C2'" 1 
ATOM   793  O  "O2'" . C   B 2 24 ? -6.878  2.943   7.240   1.00 71.37  ? 25  C   B "O2'" 1 
ATOM   794  C  "C1'" . C   B 2 24 ? -5.311  4.492   6.399   1.00 73.50  ? 25  C   B "C1'" 1 
ATOM   795  N  N1    . C   B 2 24 ? -3.907  4.867   6.493   1.00 71.93  ? 25  C   B N1    1 
ATOM   796  C  C2    . C   B 2 24 ? -2.953  3.901   6.229   1.00 71.87  ? 25  C   B C2    1 
ATOM   797  O  O2    . C   B 2 24 ? -3.345  2.766   5.975   1.00 72.56  ? 25  C   B O2    1 
ATOM   798  N  N3    . C   B 2 24 ? -1.638  4.218   6.255   1.00 71.67  ? 25  C   B N3    1 
ATOM   799  C  C4    . C   B 2 24 ? -1.275  5.464   6.547   1.00 73.06  ? 25  C   B C4    1 
ATOM   800  N  N4    . C   B 2 24 ? 0.032   5.751   6.547   1.00 74.70  ? 25  C   B N4    1 
ATOM   801  C  C5    . C   B 2 24 ? -2.240  6.480   6.850   1.00 73.30  ? 25  C   B C5    1 
ATOM   802  C  C6    . C   B 2 24 ? -3.532  6.138   6.811   1.00 69.50  ? 25  C   B C6    1 
ATOM   803  P  P     . A   B 2 25 ? -7.121  4.036   10.693  1.00 77.81  ? 26  A   B P     1 
ATOM   804  O  OP1   . A   B 2 25 ? -8.411  3.660   11.308  1.00 77.56  ? 26  A   B OP1   1 
ATOM   805  O  OP2   . A   B 2 25 ? -6.231  4.985   11.376  1.00 77.46  ? 26  A   B OP2   1 
ATOM   806  O  "O5'" . A   B 2 25 ? -6.269  2.729   10.407  1.00 73.67  ? 26  A   B "O5'" 1 
ATOM   807  C  "C5'" . A   B 2 25 ? -6.928  1.526   10.099  1.00 72.09  ? 26  A   B "C5'" 1 
ATOM   808  C  "C4'" . A   B 2 25 ? -5.934  0.434   9.915   1.00 74.13  ? 26  A   B "C4'" 1 
ATOM   809  O  "O4'" . A   B 2 25 ? -4.968  0.891   8.959   1.00 73.36  ? 26  A   B "O4'" 1 
ATOM   810  C  "C3'" . A   B 2 25 ? -5.091  0.161   11.138  1.00 78.75  ? 26  A   B "C3'" 1 
ATOM   811  O  "O3'" . A   B 2 25 ? -5.758  -0.661  12.067  1.00 83.90  ? 26  A   B "O3'" 1 
ATOM   812  C  "C2'" . A   B 2 25 ? -3.847  -0.472  10.536  1.00 75.26  ? 26  A   B "C2'" 1 
ATOM   813  O  "O2'" . A   B 2 25 ? -3.985  -1.831  10.168  1.00 79.99  ? 26  A   B "O2'" 1 
ATOM   814  C  "C1'" . A   B 2 25 ? -3.704  0.359   9.276   1.00 70.41  ? 26  A   B "C1'" 1 
ATOM   815  N  N9    . A   B 2 25 ? -2.805  1.472   9.463   1.00 67.41  ? 26  A   B N9    1 
ATOM   816  C  C8    . A   B 2 25 ? -3.074  2.802   9.618   1.00 65.96  ? 26  A   B C8    1 
ATOM   817  N  N7    . A   B 2 25 ? -2.001  3.545   9.706   1.00 67.85  ? 26  A   B N7    1 
ATOM   818  C  C5    . A   B 2 25 ? -0.959  2.629   9.613   1.00 66.53  ? 26  A   B C5    1 
ATOM   819  C  C6    . A   B 2 25 ? 0.434   2.775   9.625   1.00 68.58  ? 26  A   B C6    1 
ATOM   820  N  N6    . A   B 2 25 ? 1.051   3.948   9.746   1.00 69.86  ? 26  A   B N6    1 
ATOM   821  N  N1    . A   B 2 25 ? 1.183   1.656   9.512   1.00 68.99  ? 26  A   B N1    1 
ATOM   822  C  C2    . A   B 2 25 ? 0.559   0.475   9.398   1.00 70.35  ? 26  A   B C2    1 
ATOM   823  N  N3    . A   B 2 25 ? -0.743  0.214   9.372   1.00 69.14  ? 26  A   B N3    1 
ATOM   824  C  C4    . A   B 2 25 ? -1.448  1.349   9.482   1.00 67.42  ? 26  A   B C4    1 
ATOM   825  P  P     . C   B 2 26 ? -5.468  -0.458  13.626  1.00 85.60  ? 27  C   B P     1 
ATOM   826  O  OP1   . C   B 2 26 ? -6.378  -1.403  14.313  1.00 84.40  ? 27  C   B OP1   1 
ATOM   827  O  OP2   . C   B 2 26 ? -5.560  0.992   13.923  1.00 81.49  ? 27  C   B OP2   1 
ATOM   828  O  "O5'" . C   B 2 26 ? -3.960  -0.952  13.766  1.00 81.01  ? 27  C   B "O5'" 1 
ATOM   829  C  "C5'" . C   B 2 26 ? -3.625  -2.296  13.449  1.00 75.84  ? 27  C   B "C5'" 1 
ATOM   830  C  "C4'" . C   B 2 26 ? -2.132  -2.507  13.443  1.00 73.93  ? 27  C   B "C4'" 1 
ATOM   831  O  "O4'" . C   B 2 26 ? -1.543  -1.688  12.406  1.00 75.53  ? 27  C   B "O4'" 1 
ATOM   832  C  "C3'" . C   B 2 26 ? -1.394  -2.077  14.691  1.00 76.74  ? 27  C   B "C3'" 1 
ATOM   833  O  "O3'" . C   B 2 26 ? -1.451  -3.088  15.681  1.00 83.87  ? 27  C   B "O3'" 1 
ATOM   834  C  "C2'" . C   B 2 26 ? 0.024   -1.866  14.168  1.00 75.32  ? 27  C   B "C2'" 1 
ATOM   835  O  "O2'" . C   B 2 26 ? 0.772   -3.042  13.968  1.00 74.22  ? 27  C   B "O2'" 1 
ATOM   836  C  "C1'" . C   B 2 26 ? -0.253  -1.273  12.802  1.00 72.22  ? 27  C   B "C1'" 1 
ATOM   837  N  N1    . C   B 2 26 ? -0.228  0.177   12.844  1.00 70.56  ? 27  C   B N1    1 
ATOM   838  C  C2    . C   B 2 26 ? 1.009   0.818   12.730  1.00 71.15  ? 27  C   B C2    1 
ATOM   839  O  O2    . C   B 2 26 ? 2.018   0.128   12.530  1.00 72.32  ? 27  C   B O2    1 
ATOM   840  N  N3    . C   B 2 26 ? 1.069   2.162   12.823  1.00 69.35  ? 27  C   B N3    1 
ATOM   841  C  C4    . C   B 2 26 ? -0.048  2.861   12.996  1.00 69.29  ? 27  C   B C4    1 
ATOM   842  N  N4    . C   B 2 26 ? 0.049   4.172   13.085  1.00 72.97  ? 27  C   B N4    1 
ATOM   843  C  C5    . C   B 2 26 ? -1.330  2.233   13.087  1.00 71.02  ? 27  C   B C5    1 
ATOM   844  C  C6    . C   B 2 26 ? -1.371  0.899   13.012  1.00 69.62  ? 27  C   B C6    1 
ATOM   845  P  P     . A   B 2 27 ? -1.327  -2.695  17.233  1.00 87.91  ? 28  A   B P     1 
ATOM   846  O  OP1   . A   B 2 27 ? -1.551  -3.936  18.006  1.00 86.14  ? 28  A   B OP1   1 
ATOM   847  O  OP2   . A   B 2 27 ? -2.223  -1.534  17.452  1.00 81.64  ? 28  A   B OP2   1 
ATOM   848  O  "O5'" . A   B 2 27 ? 0.202   -2.281  17.389  1.00 80.21  ? 28  A   B "O5'" 1 
ATOM   849  C  "C5'" . A   B 2 27 ? 1.219   -3.247  17.178  1.00 79.15  ? 28  A   B "C5'" 1 
ATOM   850  C  "C4'" . A   B 2 27 ? 2.574   -2.618  17.307  1.00 82.22  ? 28  A   B "C4'" 1 
ATOM   851  O  "O4'" . A   B 2 27 ? 2.772   -1.680  16.221  1.00 82.62  ? 28  A   B "O4'" 1 
ATOM   852  C  "C3'" . A   B 2 27 ? 2.766   -1.771  18.545  1.00 82.45  ? 28  A   B "C3'" 1 
ATOM   853  O  "O3'" . A   B 2 27 ? 3.117   -2.559  19.657  1.00 82.44  ? 28  A   B "O3'" 1 
ATOM   854  C  "C2'" . A   B 2 27 ? 3.894   -0.837  18.134  1.00 82.88  ? 28  A   B "C2'" 1 
ATOM   855  O  "O2'" . A   B 2 27 ? 5.172   -1.442  18.204  1.00 82.96  ? 28  A   B "O2'" 1 
ATOM   856  C  "C1'" . A   B 2 27 ? 3.529   -0.566  16.680  1.00 81.62  ? 28  A   B "C1'" 1 
ATOM   857  N  N9    . A   B 2 27 ? 2.720   0.648   16.540  1.00 78.48  ? 28  A   B N9    1 
ATOM   858  C  C8    . A   B 2 27 ? 1.349   0.782   16.562  1.00 77.05  ? 28  A   B C8    1 
ATOM   859  N  N7    . A   B 2 27 ? 0.936   2.021   16.417  1.00 74.23  ? 28  A   B N7    1 
ATOM   860  C  C5    . A   B 2 27 ? 2.109   2.748   16.291  1.00 74.26  ? 28  A   B C5    1 
ATOM   861  C  C6    . A   B 2 27 ? 2.351   4.112   16.104  1.00 73.06  ? 28  A   B C6    1 
ATOM   862  N  N6    . A   B 2 27 ? 1.386   5.022   16.006  1.00 68.83  ? 28  A   B N6    1 
ATOM   863  N  N1    . A   B 2 27 ? 3.638   4.515   16.019  1.00 75.93  ? 28  A   B N1    1 
ATOM   864  C  C2    . A   B 2 27 ? 4.612   3.593   16.112  1.00 77.50  ? 28  A   B C2    1 
ATOM   865  N  N3    . A   B 2 27 ? 4.513   2.279   16.281  1.00 77.57  ? 28  A   B N3    1 
ATOM   866  C  C4    . A   B 2 27 ? 3.217   1.916   16.365  1.00 76.30  ? 28  A   B C4    1 
ATOM   867  P  P     . C   B 2 28 ? 2.810   -2.014  21.126  1.00 83.67  ? 29  C   B P     1 
ATOM   868  O  OP1   . C   B 2 28 ? 3.226   -3.127  21.999  1.00 87.18  ? 29  C   B OP1   1 
ATOM   869  O  OP2   . C   B 2 28 ? 1.416   -1.527  21.193  1.00 80.65  ? 29  C   B OP2   1 
ATOM   870  O  "O5'" . C   B 2 28 ? 3.841   -0.799  21.290  1.00 79.77  ? 29  C   B "O5'" 1 
ATOM   871  C  "C5'" . C   B 2 28 ? 5.240   -1.069  21.396  1.00 79.80  ? 29  C   B "C5'" 1 
ATOM   872  C  "C4'" . C   B 2 28 ? 6.051   0.208   21.443  1.00 80.34  ? 29  C   B "C4'" 1 
ATOM   873  O  "O4'" . C   B 2 28 ? 5.906   0.895   20.177  1.00 81.23  ? 29  C   B "O4'" 1 
ATOM   874  C  "C3'" . C   B 2 28 ? 5.679   1.255   22.485  1.00 81.75  ? 29  C   B "C3'" 1 
ATOM   875  O  "O3'" . C   B 2 28 ? 6.273   1.020   23.750  1.00 79.39  ? 29  C   B "O3'" 1 
ATOM   876  C  "C2'" . C   B 2 28 ? 6.240   2.523   21.864  1.00 81.36  ? 29  C   B "C2'" 1 
ATOM   877  O  "O2'" . C   B 2 28 ? 7.641   2.615   22.019  1.00 79.90  ? 29  C   B "O2'" 1 
ATOM   878  C  "C1'" . C   B 2 28 ? 5.922   2.288   20.390  1.00 80.57  ? 29  C   B "C1'" 1 
ATOM   879  N  N1    . C   B 2 28 ? 4.601   2.807   20.057  1.00 80.29  ? 29  C   B N1    1 
ATOM   880  C  C2    . C   B 2 28 ? 4.496   4.131   19.659  1.00 80.19  ? 29  C   B C2    1 
ATOM   881  O  O2    . C   B 2 28 ? 5.538   4.801   19.542  1.00 84.23  ? 29  C   B O2    1 
ATOM   882  N  N3    . C   B 2 28 ? 3.276   4.646   19.403  1.00 77.59  ? 29  C   B N3    1 
ATOM   883  C  C4    . C   B 2 28 ? 2.193   3.877   19.530  1.00 76.95  ? 29  C   B C4    1 
ATOM   884  N  N4    . C   B 2 28 ? 1.010   4.427   19.311  1.00 76.29  ? 29  C   B N4    1 
ATOM   885  C  C5    . C   B 2 28 ? 2.280   2.508   19.899  1.00 76.74  ? 29  C   B C5    1 
ATOM   886  C  C6    . C   B 2 28 ? 3.491   2.018   20.154  1.00 78.54  ? 29  C   B C6    1 
ATOM   887  P  P     . G   B 2 29 ? 5.699   1.780   25.043  1.00 79.35  ? 30  G   B P     1 
ATOM   888  O  OP1   . G   B 2 29 ? 6.583   1.424   26.167  1.00 82.53  ? 30  G   B OP1   1 
ATOM   889  O  OP2   . G   B 2 29 ? 4.230   1.576   25.177  1.00 72.39  ? 30  G   B OP2   1 
ATOM   890  O  "O5'" . G   B 2 29 ? 5.948   3.313   24.703  1.00 78.02  ? 30  G   B "O5'" 1 
ATOM   891  C  "C5'" . G   B 2 29 ? 7.266   3.836   24.646  1.00 76.41  ? 30  G   B "C5'" 1 
ATOM   892  C  "C4'" . G   B 2 29 ? 7.222   5.330   24.500  1.00 77.48  ? 30  G   B "C4'" 1 
ATOM   893  O  "O4'" . G   B 2 29 ? 6.726   5.667   23.177  1.00 77.03  ? 30  G   B "O4'" 1 
ATOM   894  C  "C3'" . G   B 2 29 ? 6.264   6.044   25.439  1.00 78.61  ? 30  G   B "C3'" 1 
ATOM   895  O  "O3'" . G   B 2 29 ? 6.806   6.288   26.726  1.00 78.81  ? 30  G   B "O3'" 1 
ATOM   896  C  "C2'" . G   B 2 29 ? 6.035   7.335   24.686  1.00 79.05  ? 30  G   B "C2'" 1 
ATOM   897  O  "O2'" . G   B 2 29 ? 7.203   8.109   24.778  1.00 80.11  ? 30  G   B "O2'" 1 
ATOM   898  C  "C1'" . G   B 2 29 ? 5.934   6.835   23.252  1.00 78.32  ? 30  G   B "C1'" 1 
ATOM   899  N  N9    . G   B 2 29 ? 4.554   6.489   22.943  1.00 78.95  ? 30  G   B N9    1 
ATOM   900  C  C8    . G   B 2 29 ? 3.970   5.252   22.986  1.00 80.75  ? 30  G   B C8    1 
ATOM   901  N  N7    . G   B 2 29 ? 2.696   5.280   22.707  1.00 80.68  ? 30  G   B N7    1 
ATOM   902  C  C5    . G   B 2 29 ? 2.433   6.615   22.452  1.00 80.25  ? 30  G   B C5    1 
ATOM   903  C  C6    . G   B 2 29 ? 1.217   7.274   22.112  1.00 79.26  ? 30  G   B C6    1 
ATOM   904  O  O6    . G   B 2 29 ? 0.106   6.795   21.941  1.00 80.13  ? 30  G   B O6    1 
ATOM   905  N  N1    . G   B 2 29 ? 1.394   8.634   21.976  1.00 77.73  ? 30  G   B N1    1 
ATOM   906  C  C2    . G   B 2 29 ? 2.577   9.281   22.132  1.00 79.18  ? 30  G   B C2    1 
ATOM   907  N  N2    . G   B 2 29 ? 2.540   10.597  21.978  1.00 80.76  ? 30  G   B N2    1 
ATOM   908  N  N3    . G   B 2 29 ? 3.714   8.689   22.426  1.00 79.69  ? 30  G   B N3    1 
ATOM   909  C  C4    . G   B 2 29 ? 3.567   7.370   22.582  1.00 79.02  ? 30  G   B C4    1 
ATOM   910  P  P     . A   B 2 30 ? 5.820   6.429   27.985  1.00 79.85  ? 31  A   B P     1 
ATOM   911  O  OP1   . A   B 2 30 ? 6.690   6.789   29.118  1.00 83.58  ? 31  A   B OP1   1 
ATOM   912  O  OP2   . A   B 2 30 ? 4.952   5.240   28.076  1.00 82.32  ? 31  A   B OP2   1 
ATOM   913  O  "O5'" . A   B 2 30 ? 4.907   7.683   27.648  1.00 81.45  ? 31  A   B "O5'" 1 
ATOM   914  C  "C5'" . A   B 2 30 ? 5.488   8.968   27.467  1.00 83.85  ? 31  A   B "C5'" 1 
ATOM   915  C  "C4'" . A   B 2 30 ? 4.425   10.025  27.249  1.00 89.65  ? 31  A   B "C4'" 1 
ATOM   916  O  "O4'" . A   B 2 30 ? 3.818   9.862   25.938  1.00 93.53  ? 31  A   B "O4'" 1 
ATOM   917  C  "C3'" . A   B 2 30 ? 3.235   9.953   28.193  1.00 91.41  ? 31  A   B "C3'" 1 
ATOM   918  O  "O3'" . A   B 2 30 ? 3.434   10.424  29.506  1.00 93.82  ? 31  A   B "O3'" 1 
ATOM   919  C  "C2'" . A   B 2 30 ? 2.167   10.711  27.416  1.00 93.26  ? 31  A   B "C2'" 1 
ATOM   920  O  "O2'" . A   B 2 30 ? 2.378   12.108  27.466  1.00 99.17  ? 31  A   B "O2'" 1 
ATOM   921  C  "C1'" . A   B 2 30 ? 2.451   10.247  25.991  1.00 92.03  ? 31  A   B "C1'" 1 
ATOM   922  N  N9    . A   B 2 30 ? 1.607   9.116   25.609  1.00 88.96  ? 31  A   B N9    1 
ATOM   923  C  C8    . A   B 2 30 ? 1.834   7.779   25.764  1.00 89.36  ? 31  A   B C8    1 
ATOM   924  N  N7    . A   B 2 30 ? 0.834   7.031   25.382  1.00 88.32  ? 31  A   B N7    1 
ATOM   925  C  C5    . A   B 2 30 ? -0.108  7.941   24.932  1.00 87.22  ? 31  A   B C5    1 
ATOM   926  C  C6    . A   B 2 30 ? -1.398  7.792   24.423  1.00 85.38  ? 31  A   B C6    1 
ATOM   927  N  N6    . A   B 2 30 ? -2.000  6.620   24.271  1.00 86.41  ? 31  A   B N6    1 
ATOM   928  N  N1    . A   B 2 30 ? -2.066  8.901   24.074  1.00 85.43  ? 31  A   B N1    1 
ATOM   929  C  C2    . A   B 2 30 ? -1.474  10.072  24.233  1.00 85.42  ? 31  A   B C2    1 
ATOM   930  N  N3    . A   B 2 30 ? -0.274  10.347  24.705  1.00 86.48  ? 31  A   B N3    1 
ATOM   931  C  C4    . A   B 2 30 ? 0.364   9.223   25.045  1.00 87.39  ? 31  A   B C4    1 
ATOM   932  O  "O5'" . U   C 3 1  ? -8.695  9.951   19.142  1.00 84.28  ? 31  U   C "O5'" 1 
ATOM   933  C  "C5'" . U   C 3 1  ? -9.262  11.246  19.190  1.00 83.95  ? 31  U   C "C5'" 1 
ATOM   934  C  "C4'" . U   C 3 1  ? -8.281  12.156  19.854  1.00 83.54  ? 31  U   C "C4'" 1 
ATOM   935  O  "O4'" . U   C 3 1  ? -8.076  11.696  21.204  1.00 81.96  ? 31  U   C "O4'" 1 
ATOM   936  C  "C3'" . U   C 3 1  ? -6.899  12.144  19.233  1.00 79.49  ? 31  U   C "C3'" 1 
ATOM   937  O  "O3'" . U   C 3 1  ? -6.853  13.084  18.176  1.00 78.59  ? 31  U   C "O3'" 1 
ATOM   938  C  "C2'" . U   C 3 1  ? -6.039  12.601  20.399  1.00 82.00  ? 31  U   C "C2'" 1 
ATOM   939  O  "O2'" . U   C 3 1  ? -6.110  14.002  20.584  1.00 82.92  ? 31  U   C "O2'" 1 
ATOM   940  C  "C1'" . U   C 3 1  ? -6.727  11.904  21.573  1.00 83.16  ? 31  U   C "C1'" 1 
ATOM   941  N  N1    . U   C 3 1  ? -6.153  10.601  21.931  1.00 83.95  ? 31  U   C N1    1 
ATOM   942  C  C2    . U   C 3 1  ? -4.886  10.574  22.480  1.00 83.60  ? 31  U   C C2    1 
ATOM   943  O  O2    . U   C 3 1  ? -4.251  11.580  22.735  1.00 84.61  ? 31  U   C O2    1 
ATOM   944  N  N3    . U   C 3 1  ? -4.391  9.328   22.731  1.00 83.48  ? 31  U   C N3    1 
ATOM   945  C  C4    . U   C 3 1  ? -5.029  8.141   22.521  1.00 83.24  ? 31  U   C C4    1 
ATOM   946  O  O4    . U   C 3 1  ? -4.431  7.094   22.741  1.00 83.25  ? 31  U   C O4    1 
ATOM   947  C  C5    . U   C 3 1  ? -6.349  8.254   21.995  1.00 82.52  ? 31  U   C C5    1 
ATOM   948  C  C6    . U   C 3 1  ? -6.850  9.450   21.721  1.00 81.99  ? 31  U   C C6    1 
ATOM   949  P  P     . C   C 3 2  ? -5.838  12.860  16.946  1.00 83.11  ? 32  C   C P     1 
ATOM   950  O  OP1   . C   C 3 2  ? -6.278  13.761  15.846  1.00 83.09  ? 32  C   C OP1   1 
ATOM   951  O  OP2   . C   C 3 2  ? -5.706  11.409  16.721  1.00 81.21  ? 32  C   C OP2   1 
ATOM   952  O  "O5'" . C   C 3 2  ? -4.444  13.416  17.452  1.00 78.43  ? 32  C   C "O5'" 1 
ATOM   953  C  "C5'" . C   C 3 2  ? -4.377  14.713  18.006  1.00 79.02  ? 32  C   C "C5'" 1 
ATOM   954  C  "C4'" . C   C 3 2  ? -3.069  14.908  18.702  1.00 79.53  ? 32  C   C "C4'" 1 
ATOM   955  O  "O4'" . C   C 3 2  ? -3.067  14.213  19.972  1.00 78.72  ? 32  C   C "O4'" 1 
ATOM   956  C  "C3'" . C   C 3 2  ? -1.880  14.348  17.956  1.00 76.77  ? 32  C   C "C3'" 1 
ATOM   957  O  "O3'" . C   C 3 2  ? -1.392  15.275  17.016  1.00 75.95  ? 32  C   C "O3'" 1 
ATOM   958  C  "C2'" . C   C 3 2  ? -0.878  14.159  19.076  1.00 76.99  ? 32  C   C "C2'" 1 
ATOM   959  O  "O2'" . C   C 3 2  ? -0.298  15.379  19.480  1.00 77.80  ? 32  C   C "O2'" 1 
ATOM   960  C  "C1'" . C   C 3 2  ? -1.781  13.681  20.208  1.00 78.38  ? 32  C   C "C1'" 1 
ATOM   961  N  N1    . C   C 3 2  ? -1.890  12.222  20.224  1.00 80.62  ? 32  C   C N1    1 
ATOM   962  C  C2    . C   C 3 2  ? -0.794  11.486  20.647  1.00 82.07  ? 32  C   C C2    1 
ATOM   963  O  O2    . C   C 3 2  ? 0.237   12.084  20.936  1.00 84.63  ? 32  C   C O2    1 
ATOM   964  N  N3    . C   C 3 2  ? -0.883  10.149  20.731  1.00 82.40  ? 32  C   C N3    1 
ATOM   965  C  C4    . C   C 3 2  ? -2.019  9.544   20.405  1.00 83.03  ? 32  C   C C4    1 
ATOM   966  N  N4    . C   C 3 2  ? -2.075  8.232   20.544  1.00 83.32  ? 32  C   C N4    1 
ATOM   967  C  C5    . C   C 3 2  ? -3.149  10.267  19.931  1.00 82.95  ? 32  C   C C5    1 
ATOM   968  C  C6    . C   C 3 2  ? -3.039  11.596  19.851  1.00 80.65  ? 32  C   C C6    1 
ATOM   969  P  P     . G   C 3 3  ? -0.290  14.807  15.953  1.00 81.15  ? 33  G   C P     1 
ATOM   970  O  OP1   . G   C 3 3  ? 0.085   15.992  15.139  1.00 79.20  ? 33  G   C OP1   1 
ATOM   971  O  OP2   . G   C 3 3  ? -0.802  13.574  15.304  1.00 77.44  ? 33  G   C OP2   1 
ATOM   972  O  "O5'" . G   C 3 3  ? 0.967   14.364  16.820  1.00 81.74  ? 33  G   C "O5'" 1 
ATOM   973  C  "C5'" . G   C 3 3  ? 1.968   15.292  17.209  1.00 78.31  ? 33  G   C "C5'" 1 
ATOM   974  C  "C4'" . G   C 3 3  ? 3.167   14.542  17.699  1.00 78.22  ? 33  G   C "C4'" 1 
ATOM   975  O  "O4'" . G   C 3 3  ? 2.731   13.572  18.679  1.00 77.10  ? 33  G   C "O4'" 1 
ATOM   976  C  "C3'" . G   C 3 3  ? 3.818   13.697  16.632  1.00 76.78  ? 33  G   C "C3'" 1 
ATOM   977  O  "O3'" . G   C 3 3  ? 4.799   14.476  16.007  1.00 77.97  ? 33  G   C "O3'" 1 
ATOM   978  C  "C2'" . G   C 3 3  ? 4.499   12.615  17.445  1.00 76.78  ? 33  G   C "C2'" 1 
ATOM   979  O  "O2'" . G   C 3 3  ? 5.662   13.113  18.047  1.00 70.61  ? 33  G   C "O2'" 1 
ATOM   980  C  "C1'" . G   C 3 3  ? 3.494   12.394  18.561  1.00 77.52  ? 33  G   C "C1'" 1 
ATOM   981  N  N9    . G   C 3 3  ? 2.579   11.276  18.377  1.00 76.33  ? 33  G   C N9    1 
ATOM   982  C  C8    . G   C 3 3  ? 1.253   11.346  18.041  1.00 75.12  ? 33  G   C C8    1 
ATOM   983  N  N7    . G   C 3 3  ? 0.658   10.185  18.052  1.00 75.95  ? 33  G   C N7    1 
ATOM   984  C  C5    . G   C 3 3  ? 1.662   9.296   18.390  1.00 75.78  ? 33  G   C C5    1 
ATOM   985  C  C6    . G   C 3 3  ? 1.609   7.909   18.569  1.00 76.76  ? 33  G   C C6    1 
ATOM   986  O  O6    . G   C 3 3  ? 0.627   7.171   18.450  1.00 77.29  ? 33  G   C O6    1 
ATOM   987  N  N1    . G   C 3 3  ? 2.853   7.389   18.926  1.00 75.59  ? 33  G   C N1    1 
ATOM   988  C  C2    . G   C 3 3  ? 4.000   8.127   19.088  1.00 76.70  ? 33  G   C C2    1 
ATOM   989  N  N2    . G   C 3 3  ? 5.095   7.459   19.463  1.00 77.45  ? 33  G   C N2    1 
ATOM   990  N  N3    . G   C 3 3  ? 4.060   9.430   18.903  1.00 75.29  ? 33  G   C N3    1 
ATOM   991  C  C4    . G   C 3 3  ? 2.863   9.947   18.569  1.00 75.76  ? 33  G   C C4    1 
ATOM   992  P  P     . U   C 3 4  ? 5.555   13.890  14.729  1.00 84.91  ? 34  U   C P     1 
ATOM   993  O  OP1   . U   C 3 4  ? 6.608   14.892  14.381  1.00 83.70  ? 34  U   C OP1   1 
ATOM   994  O  OP2   . U   C 3 4  ? 4.510   13.505  13.742  1.00 82.07  ? 34  U   C OP2   1 
ATOM   995  O  "O5'" . U   C 3 4  ? 6.246   12.540  15.218  1.00 82.33  ? 34  U   C "O5'" 1 
ATOM   996  C  "C5'" . U   C 3 4  ? 7.549   12.564  15.773  1.00 82.99  ? 34  U   C "C5'" 1 
ATOM   997  C  "C4'" . U   C 3 4  ? 8.055   11.171  16.028  1.00 84.09  ? 34  U   C "C4'" 1 
ATOM   998  O  "O4'" . U   C 3 4  ? 7.134   10.478  16.902  1.00 84.26  ? 34  U   C "O4'" 1 
ATOM   999  C  "C3'" . U   C 3 4  ? 8.120   10.283  14.804  1.00 83.52  ? 34  U   C "C3'" 1 
ATOM   1000 O  "O3'" . U   C 3 4  ? 9.332   10.489  14.117  1.00 85.12  ? 34  U   C "O3'" 1 
ATOM   1001 C  "C2'" . U   C 3 4  ? 8.076   8.895   15.417  1.00 81.18  ? 34  U   C "C2'" 1 
ATOM   1002 O  "O2'" . U   C 3 4  ? 9.293   8.496   15.996  1.00 85.19  ? 34  U   C "O2'" 1 
ATOM   1003 C  "C1'" . U   C 3 4  ? 7.112   9.113   16.566  1.00 81.77  ? 34  U   C "C1'" 1 
ATOM   1004 N  N1    . U   C 3 4  ? 5.759   8.761   16.158  1.00 82.86  ? 34  U   C N1    1 
ATOM   1005 C  C2    . U   C 3 4  ? 5.455   7.436   16.197  1.00 84.33  ? 34  U   C C2    1 
ATOM   1006 O  O2    . U   C 3 4  ? 6.269   6.590   16.523  1.00 88.03  ? 34  U   C O2    1 
ATOM   1007 N  N3    . U   C 3 4  ? 4.176   7.130   15.845  1.00 83.03  ? 34  U   C N3    1 
ATOM   1008 C  C4    . U   C 3 4  ? 3.206   8.004   15.460  1.00 83.57  ? 34  U   C C4    1 
ATOM   1009 O  O4    . U   C 3 4  ? 2.079   7.581   15.234  1.00 85.84  ? 34  U   C O4    1 
ATOM   1010 C  C5    . U   C 3 4  ? 3.620   9.376   15.422  1.00 84.53  ? 34  U   C C5    1 
ATOM   1011 C  C6    . U   C 3 4  ? 4.862   9.695   15.766  1.00 83.25  ? 34  U   C C6    1 
ATOM   1012 P  P     . G   C 3 5  ? 9.514   9.889   12.636  1.00 90.38  ? 35  G   C P     1 
ATOM   1013 O  OP1   . G   C 3 5  ? 10.856  10.313  12.157  1.00 87.17  ? 35  G   C OP1   1 
ATOM   1014 O  OP2   . G   C 3 5  ? 8.303   10.199  11.837  1.00 88.70  ? 35  G   C OP2   1 
ATOM   1015 O  "O5'" . G   C 3 5  ? 9.514   8.312   12.823  1.00 87.90  ? 35  G   C "O5'" 1 
ATOM   1016 C  "C5'" . G   C 3 5  ? 10.583  7.646   13.475  1.00 83.48  ? 35  G   C "C5'" 1 
ATOM   1017 C  "C4'" . G   C 3 5  ? 10.277  6.185   13.556  1.00 80.39  ? 35  G   C "C4'" 1 
ATOM   1018 O  "O4'" . G   C 3 5  ? 9.010   6.015   14.230  1.00 78.46  ? 35  G   C "O4'" 1 
ATOM   1019 C  "C3'" . G   C 3 5  ? 10.051  5.560   12.197  1.00 79.56  ? 35  G   C "C3'" 1 
ATOM   1020 O  "O3'" . G   C 3 5  ? 11.302  5.131   11.685  1.00 85.28  ? 35  G   C "O3'" 1 
ATOM   1021 C  "C2'" . G   C 3 5  ? 9.162   4.369   12.529  1.00 79.03  ? 35  G   C "C2'" 1 
ATOM   1022 O  "O2'" . G   C 3 5  ? 9.863   3.249   13.008  1.00 79.32  ? 35  G   C "O2'" 1 
ATOM   1023 C  "C1'" . G   C 3 5  ? 8.314   4.926   13.662  1.00 78.45  ? 35  G   C "C1'" 1 
ATOM   1024 N  N9    . G   C 3 5  ? 6.992   5.399   13.259  1.00 79.36  ? 35  G   C N9    1 
ATOM   1025 C  C8    . G   C 3 5  ? 6.624   6.687   12.981  1.00 79.97  ? 35  G   C C8    1 
ATOM   1026 N  N7    . G   C 3 5  ? 5.348   6.802   12.723  1.00 80.14  ? 35  G   C N7    1 
ATOM   1027 C  C5    . G   C 3 5  ? 4.862   5.509   12.825  1.00 78.50  ? 35  G   C C5    1 
ATOM   1028 C  C6    . G   C 3 5  ? 3.539   5.002   12.673  1.00 78.97  ? 35  G   C C6    1 
ATOM   1029 O  O6    . G   C 3 5  ? 2.500   5.630   12.424  1.00 79.47  ? 35  G   C O6    1 
ATOM   1030 N  N1    . G   C 3 5  ? 3.493   3.627   12.845  1.00 78.40  ? 35  G   C N1    1 
ATOM   1031 C  C2    . G   C 3 5  ? 4.573   2.836   13.126  1.00 78.46  ? 35  G   C C2    1 
ATOM   1032 N  N2    . G   C 3 5  ? 4.324   1.534   13.218  1.00 77.95  ? 35  G   C N2    1 
ATOM   1033 N  N3    . G   C 3 5  ? 5.804   3.291   13.296  1.00 77.61  ? 35  G   C N3    1 
ATOM   1034 C  C4    . G   C 3 5  ? 5.871   4.621   13.130  1.00 78.07  ? 35  G   C C4    1 
ATOM   1035 P  P     . G   C 3 6  ? 11.510  4.994   10.100  1.00 89.84  ? 36  G   C P     1 
ATOM   1036 O  OP1   . G   C 3 6  ? 12.945  5.192   9.799   1.00 89.15  ? 36  G   C OP1   1 
ATOM   1037 O  OP2   . G   C 3 6  ? 10.513  5.890   9.488   1.00 92.25  ? 36  G   C OP2   1 
ATOM   1038 O  "O5'" . G   C 3 6  ? 11.110  3.483   9.767   1.00 87.27  ? 36  G   C "O5'" 1 
ATOM   1039 C  "C5'" . G   C 3 6  ? 11.764  2.399   10.416  1.00 87.71  ? 36  G   C "C5'" 1 
ATOM   1040 C  "C4'" . G   C 3 6  ? 10.970  1.128   10.261  1.00 87.92  ? 36  G   C "C4'" 1 
ATOM   1041 O  "O4'" . G   C 3 6  ? 9.585   1.389   10.560  1.00 88.79  ? 36  G   C "O4'" 1 
ATOM   1042 C  "C3'" . G   C 3 6  ? 10.996  0.572   8.841   1.00 88.74  ? 36  G   C "C3'" 1 
ATOM   1043 O  "O3'" . G   C 3 6  ? 11.012  -0.845  8.983   1.00 92.99  ? 36  G   C "O3'" 1 
ATOM   1044 C  "C2'" . G   C 3 6  ? 9.719   1.079   8.177   1.00 89.78  ? 36  G   C "C2'" 1 
ATOM   1045 O  "O2'" . G   C 3 6  ? 9.085   0.124   7.350   1.00 93.34  ? 36  G   C "O2'" 1 
ATOM   1046 C  "C1'" . G   C 3 6  ? 8.815   1.251   9.393   1.00 87.67  ? 36  G   C "C1'" 1 
ATOM   1047 N  N9    . G   C 3 6  ? 7.744   2.235   9.389   1.00 84.67  ? 36  G   C N9    1 
ATOM   1048 C  C8    . G   C 3 6  ? 7.823   3.586   9.162   1.00 84.07  ? 36  G   C C8    1 
ATOM   1049 N  N7    . G   C 3 6  ? 6.661   4.179   9.224   1.00 83.61  ? 36  G   C N7    1 
ATOM   1050 C  C5    . G   C 3 6  ? 5.768   3.154   9.507   1.00 82.32  ? 36  G   C C5    1 
ATOM   1051 C  C6    . G   C 3 6  ? 4.360   3.176   9.679   1.00 81.62  ? 36  G   C C6    1 
ATOM   1052 O  O6    . G   C 3 6  ? 3.590   4.135   9.596   1.00 82.42  ? 36  G   C O6    1 
ATOM   1053 N  N1    . G   C 3 6  ? 3.858   1.911   9.970   1.00 80.13  ? 36  G   C N1    1 
ATOM   1054 C  C2    . G   C 3 6  ? 4.607   0.775   10.075  1.00 81.49  ? 36  G   C C2    1 
ATOM   1055 N  N2    . G   C 3 6  ? 3.939   -0.350  10.374  1.00 81.90  ? 36  G   C N2    1 
ATOM   1056 N  N3    . G   C 3 6  ? 5.914   0.739   9.901   1.00 81.58  ? 36  G   C N3    1 
ATOM   1057 C  C4    . G   C 3 6  ? 6.423   1.953   9.621   1.00 82.19  ? 36  G   C C4    1 
ATOM   1058 P  P     . U   C 3 7  ? 11.783  -1.766  7.941   1.00 96.10  ? 37  U   C P     1 
ATOM   1059 O  OP1   . U   C 3 7  ? 11.882  -3.124  8.530   1.00 94.16  ? 37  U   C OP1   1 
ATOM   1060 O  OP2   . U   C 3 7  ? 13.012  -1.020  7.570   1.00 94.82  ? 37  U   C OP2   1 
ATOM   1061 O  "O5'" . U   C 3 7  ? 10.813  -1.919  6.698   1.00 97.63  ? 37  U   C "O5'" 1 
ATOM   1062 C  "C5'" . U   C 3 7  ? 11.114  -2.896  5.723   1.00 97.19  ? 37  U   C "C5'" 1 
ATOM   1063 C  "C4'" . U   C 3 7  ? 9.898   -3.708  5.367   1.00 97.89  ? 37  U   C "C4'" 1 
ATOM   1064 O  "O4'" . U   C 3 7  ? 9.216   -4.155  6.578   1.00 99.20  ? 37  U   C "O4'" 1 
ATOM   1065 C  "C3'" . U   C 3 7  ? 8.880   -2.838  4.622   1.00 98.03  ? 37  U   C "C3'" 1 
ATOM   1066 O  "O3'" . U   C 3 7  ? 8.451   -3.448  3.420   1.00 98.10  ? 37  U   C "O3'" 1 
ATOM   1067 C  "C2'" . U   C 3 7  ? 7.806   -2.445  5.638   1.00 97.58  ? 37  U   C "C2'" 1 
ATOM   1068 O  "O2'" . U   C 3 7  ? 6.487   -2.528  5.125   1.00 99.34  ? 37  U   C "O2'" 1 
ATOM   1069 C  "C1'" . U   C 3 7  ? 7.924   -3.588  6.634   1.00 98.37  ? 37  U   C "C1'" 1 
ATOM   1070 N  N1    . U   C 3 7  ? 7.490   -3.352  8.013   1.00 98.90  ? 37  U   C N1    1 
ATOM   1071 C  C2    . U   C 3 7  ? 6.211   -3.783  8.338   1.00 99.13  ? 37  U   C C2    1 
ATOM   1072 O  O2    . U   C 3 7  ? 5.494   -4.374  7.553   1.00 98.71  ? 37  U   C O2    1 
ATOM   1073 N  N3    . U   C 3 7  ? 5.807   -3.499  9.614   1.00 100.69 ? 37  U   C N3    1 
ATOM   1074 C  C4    . U   C 3 7  ? 6.539   -2.850  10.586  1.00 101.71 ? 37  U   C C4    1 
ATOM   1075 O  O4    . U   C 3 7  ? 6.019   -2.620  11.685  1.00 103.15 ? 37  U   C O4    1 
ATOM   1076 C  C5    . U   C 3 7  ? 7.866   -2.462  10.177  1.00 101.24 ? 37  U   C C5    1 
ATOM   1077 C  C6    . U   C 3 7  ? 8.284   -2.725  8.933   1.00 99.70  ? 37  U   C C6    1 
HETATM 1078 P  P     . MTU C 3 8  ? 8.306   -2.586  2.087   1.00 97.03  ? 38  MTU C P     1 
HETATM 1079 O  OP1   . MTU C 3 8  ? 7.129   -3.204  1.404   1.00 94.68  ? 38  MTU C OP1   1 
HETATM 1080 O  OP2   . MTU C 3 8  ? 9.619   -2.565  1.417   1.00 97.74  ? 38  MTU C OP2   1 
HETATM 1081 O  "O5'" . MTU C 3 8  ? 7.963   -1.109  2.553   1.00 95.88  ? 38  MTU C "O5'" 1 
HETATM 1082 C  "C5'" . MTU C 3 8  ? 6.749   -0.504  2.132   1.00 90.30  ? 38  MTU C "C5'" 1 
HETATM 1083 C  "C4'" . MTU C 3 8  ? 6.768   0.988   2.344   1.00 91.51  ? 38  MTU C "C4'" 1 
HETATM 1084 O  "O4'" . MTU C 3 8  ? 5.467   1.492   1.982   1.00 88.63  ? 38  MTU C "O4'" 1 
HETATM 1085 C  "C1'" . MTU C 3 8  ? 4.789   1.925   3.128   1.00 86.10  ? 38  MTU C "C1'" 1 
HETATM 1086 N  N9    . MTU C 3 8  ? 3.402   1.518   3.018   1.00 84.31  ? 38  MTU C N9    1 
HETATM 1087 C  C4    . MTU C 3 8  ? 2.962   0.238   2.885   1.00 84.00  ? 38  MTU C C4    1 
HETATM 1088 N  N3    . MTU C 3 8  ? 3.721   -0.870  2.831   1.00 87.62  ? 38  MTU C N3    1 
HETATM 1089 C  C2    . MTU C 3 8  ? 2.964   -1.961  2.712   1.00 90.71  ? 38  MTU C C2    1 
HETATM 1090 N  N2    . MTU C 3 8  ? 3.613   -3.155  2.690   1.00 93.33  ? 38  MTU C N2    1 
HETATM 1091 N  N1    . MTU C 3 8  ? 1.601   -2.046  2.637   1.00 88.31  ? 38  MTU C N1    1 
HETATM 1092 C  C6    . MTU C 3 8  ? 0.924   -0.898  2.692   1.00 85.59  ? 38  MTU C C6    1 
HETATM 1093 C  C5    . MTU C 3 8  ? 1.584   0.315   2.822   1.00 83.55  ? 38  MTU C C5    1 
HETATM 1094 N  N7    . MTU C 3 8  ? 1.167   1.635   2.909   1.00 82.13  ? 38  MTU C N7    1 
HETATM 1095 C  C8    . MTU C 3 8  ? 2.281   2.306   3.019   1.00 82.97  ? 38  MTU C C8    1 
HETATM 1096 C  "C2'" . MTU C 3 8  ? 5.579   1.521   4.375   1.00 87.79  ? 38  MTU C "C2'" 1 
HETATM 1097 O  "O2'" . MTU C 3 8  ? 5.502   2.591   5.288   1.00 86.47  ? 38  MTU C "O2'" 1 
HETATM 1098 C  "C3'" . MTU C 3 8  ? 6.987   1.355   3.807   1.00 91.35  ? 38  MTU C "C3'" 1 
HETATM 1099 O  "O3'" . MTU C 3 8  ? 7.685   2.610   3.919   1.00 94.68  ? 38  MTU C "O3'" 1 
ATOM   1100 P  P     . C   C 3 9  ? 9.298   2.696   3.893   1.00 98.83  ? 39  C   C P     1 
ATOM   1101 O  OP1   . C   C 3 9  ? 9.840   1.858   4.998   1.00 101.94 ? 39  C   C OP1   1 
ATOM   1102 O  OP2   . C   C 3 9  ? 9.554   4.173   3.895   1.00 96.04  ? 39  C   C OP2   1 
ATOM   1103 O  "O5'" . C   C 3 9  ? 9.745   2.104   2.473   1.00 99.21  ? 39  C   C "O5'" 1 
ATOM   1104 C  "C5'" . C   C 3 9  ? 10.186  2.971   1.410   1.00 97.21  ? 39  C   C "C5'" 1 
ATOM   1105 C  "C4'" . C   C 3 9  ? 11.092  2.238   0.437   1.00 97.87  ? 39  C   C "C4'" 1 
ATOM   1106 O  "O4'" . C   C 3 9  ? 12.274  1.780   1.146   1.00 99.45  ? 39  C   C "O4'" 1 
ATOM   1107 C  "C3'" . C   C 3 9  ? 10.389  0.975   -0.080  1.00 97.92  ? 39  C   C "C3'" 1 
ATOM   1108 O  "O3'" . C   C 3 9  ? 10.652  0.689   -1.460  1.00 94.34  ? 39  C   C "O3'" 1 
ATOM   1109 C  "C2'" . C   C 3 9  ? 10.926  -0.164  0.775   1.00 98.89  ? 39  C   C "C2'" 1 
ATOM   1110 O  "O2'" . C   C 3 9  ? 11.182  -1.307  -0.005  1.00 99.45  ? 39  C   C "O2'" 1 
ATOM   1111 C  "C1'" . C   C 3 9  ? 12.299  0.379   1.142   1.00 103.01 ? 39  C   C "C1'" 1 
ATOM   1112 N  N1    . C   C 3 9  ? 13.000  -0.164  2.297   1.00 107.43 ? 39  C   C N1    1 
ATOM   1113 C  C2    . C   C 3 9  ? 14.158  -0.937  2.057   1.00 109.58 ? 39  C   C C2    1 
ATOM   1114 O  O2    . C   C 3 9  ? 14.567  -1.074  0.882   1.00 110.19 ? 39  C   C O2    1 
ATOM   1115 N  N3    . C   C 3 9  ? 14.791  -1.514  3.097   1.00 112.02 ? 39  C   C N3    1 
ATOM   1116 C  C4    . C   C 3 9  ? 14.335  -1.326  4.338   1.00 112.22 ? 39  C   C C4    1 
ATOM   1117 N  N4    . C   C 3 9  ? 14.992  -1.935  5.333   1.00 114.17 ? 39  C   C N4    1 
ATOM   1118 C  C5    . C   C 3 9  ? 13.182  -0.514  4.612   1.00 111.06 ? 39  C   C C5    1 
ATOM   1119 C  C6    . C   C 3 9  ? 12.557  0.045   3.570   1.00 108.62 ? 39  C   C C6    1 
ATOM   1120 P  P     . A   C 3 10 ? 9.691   1.227   -2.626  1.00 95.92  ? 40  A   C P     1 
ATOM   1121 O  OP1   . A   C 3 10 ? 10.078  0.407   -3.797  1.00 93.53  ? 40  A   C OP1   1 
ATOM   1122 O  OP2   . A   C 3 10 ? 9.744   2.722   -2.701  1.00 89.23  ? 40  A   C OP2   1 
ATOM   1123 O  "O5'" . A   C 3 10 ? 8.234   0.761   -2.209  1.00 91.92  ? 40  A   C "O5'" 1 
ATOM   1124 C  "C5'" . A   C 3 10 ? 7.879   -0.600  -2.299  1.00 87.29  ? 40  A   C "C5'" 1 
ATOM   1125 C  "C4'" . A   C 3 10 ? 6.408   -0.761  -2.027  1.00 87.87  ? 40  A   C "C4'" 1 
ATOM   1126 O  "O4'" . A   C 3 10 ? 6.087   -0.044  -0.813  1.00 87.25  ? 40  A   C "O4'" 1 
ATOM   1127 C  "C3'" . A   C 3 10 ? 5.497   -0.113  -3.046  1.00 86.27  ? 40  A   C "C3'" 1 
ATOM   1128 O  "O3'" . A   C 3 10 ? 5.231   -0.996  -4.101  1.00 87.12  ? 40  A   C "O3'" 1 
ATOM   1129 C  "C2'" . A   C 3 10 ? 4.218   0.102   -2.261  1.00 82.73  ? 40  A   C "C2'" 1 
ATOM   1130 O  "O2'" . A   C 3 10 ? 3.456   -1.083  -2.147  1.00 83.34  ? 40  A   C "O2'" 1 
ATOM   1131 C  "C1'" . A   C 3 10 ? 4.785   0.487   -0.906  1.00 80.63  ? 40  A   C "C1'" 1 
ATOM   1132 N  N9    . A   C 3 10 ? 4.875   1.928   -0.750  1.00 75.54  ? 40  A   C N9    1 
ATOM   1133 C  C8    . A   C 3 10 ? 5.957   2.756   -0.838  1.00 73.42  ? 40  A   C C8    1 
ATOM   1134 N  N7    . A   C 3 10 ? 5.671   4.018   -0.622  1.00 70.68  ? 40  A   C N7    1 
ATOM   1135 C  C5    . A   C 3 10 ? 4.306   4.007   -0.383  1.00 70.20  ? 40  A   C C5    1 
ATOM   1136 C  C6    . A   C 3 10 ? 3.393   5.020   -0.093  1.00 69.13  ? 40  A   C C6    1 
ATOM   1137 N  N6    . A   C 3 10 ? 3.730   6.301   -0.004  1.00 68.64  ? 40  A   C N6    1 
ATOM   1138 N  N1    . A   C 3 10 ? 2.106   4.672   0.100   1.00 70.01  ? 40  A   C N1    1 
ATOM   1139 C  C2    . A   C 3 10 ? 1.767   3.378   -0.009  1.00 70.40  ? 40  A   C C2    1 
ATOM   1140 N  N3    . A   C 3 10 ? 2.535   2.331   -0.290  1.00 73.16  ? 40  A   C N3    1 
ATOM   1141 C  C4    . A   C 3 10 ? 3.804   2.723   -0.463  1.00 73.70  ? 40  A   C C4    1 
ATOM   1142 P  P     . U   C 3 11 ? 5.024   -0.401  -5.554  1.00 88.26  ? 41  U   C P     1 
ATOM   1143 O  OP1   . U   C 3 11 ? 4.910   -1.607  -6.430  1.00 84.14  ? 41  U   C OP1   1 
ATOM   1144 O  OP2   . U   C 3 11 ? 6.088   0.602   -5.754  1.00 84.06  ? 41  U   C OP2   1 
ATOM   1145 O  "O5'" . U   C 3 11 ? 3.641   0.380   -5.499  1.00 84.28  ? 41  U   C "O5'" 1 
ATOM   1146 C  "C5'" . U   C 3 11 ? 2.461   -0.322  -5.180  1.00 85.25  ? 41  U   C "C5'" 1 
ATOM   1147 C  "C4'" . U   C 3 11 ? 1.297   0.620   -5.093  1.00 82.33  ? 41  U   C "C4'" 1 
ATOM   1148 O  "O4'" . U   C 3 11 ? 1.659   1.727   -4.234  1.00 83.03  ? 41  U   C "O4'" 1 
ATOM   1149 C  "C3'" . U   C 3 11 ? 1.005   1.246   -6.449  1.00 79.81  ? 41  U   C "C3'" 1 
ATOM   1150 O  "O3'" . U   C 3 11 ? -0.373  1.140   -6.785  1.00 76.66  ? 41  U   C "O3'" 1 
ATOM   1151 C  "C2'" . U   C 3 11 ? 1.657   2.624   -6.447  1.00 77.79  ? 41  U   C "C2'" 1 
ATOM   1152 O  "O2'" . U   C 3 11 ? 0.828   3.641   -6.967  1.00 77.43  ? 41  U   C "O2'" 1 
ATOM   1153 C  "C1'" . U   C 3 11 ? 1.693   2.919   -4.963  1.00 79.86  ? 41  U   C "C1'" 1 
ATOM   1154 N  N1    . U   C 3 11 ? 2.702   3.821   -4.427  1.00 81.22  ? 41  U   C N1    1 
ATOM   1155 C  C2    . U   C 3 11 ? 2.235   5.045   -3.960  1.00 80.88  ? 41  U   C C2    1 
ATOM   1156 O  O2    . U   C 3 11 ? 1.061   5.353   -3.970  1.00 82.31  ? 41  U   C O2    1 
ATOM   1157 N  N3    . U   C 3 11 ? 3.188   5.892   -3.474  1.00 80.28  ? 41  U   C N3    1 
ATOM   1158 C  C4    . U   C 3 11 ? 4.528   5.652   -3.406  1.00 82.33  ? 41  U   C C4    1 
ATOM   1159 O  O4    . U   C 3 11 ? 5.268   6.550   -3.008  1.00 84.12  ? 41  U   C O4    1 
ATOM   1160 C  C5    . U   C 3 11 ? 4.938   4.352   -3.897  1.00 84.34  ? 41  U   C C5    1 
ATOM   1161 C  C6    . U   C 3 11 ? 4.022   3.502   -4.384  1.00 82.45  ? 41  U   C C6    1 
ATOM   1162 P  P     . U   C 3 12 ? -0.929  1.820   -8.125  1.00 79.06  ? 42  U   C P     1 
ATOM   1163 O  OP1   . U   C 3 12 ? -1.708  0.781   -8.821  1.00 75.48  ? 42  U   C OP1   1 
ATOM   1164 O  OP2   . U   C 3 12 ? 0.180   2.497   -8.827  1.00 80.97  ? 42  U   C OP2   1 
ATOM   1165 O  "O5'" . U   C 3 12 ? -1.900  2.957   -7.626  1.00 76.95  ? 42  U   C "O5'" 1 
ATOM   1166 C  "C5'" . U   C 3 12 ? -2.978  3.384   -8.429  1.00 75.49  ? 42  U   C "C5'" 1 
ATOM   1167 C  "C4'" . U   C 3 12 ? -3.286  4.785   -8.084  1.00 80.37  ? 42  U   C "C4'" 1 
ATOM   1168 O  "O4'" . U   C 3 12 ? -3.692  4.816   -6.702  1.00 82.91  ? 42  U   C "O4'" 1 
ATOM   1169 C  "C3'" . U   C 3 12 ? -1.973  5.549   -8.179  1.00 81.74  ? 42  U   C "C3'" 1 
ATOM   1170 O  "O3'" . U   C 3 12 ? -2.289  6.881   -8.550  1.00 87.19  ? 42  U   C "O3'" 1 
ATOM   1171 C  "C2'" . U   C 3 12 ? -1.426  5.552   -6.758  1.00 80.68  ? 42  U   C "C2'" 1 
ATOM   1172 O  "O2'" . U   C 3 12 ? -0.852  6.790   -6.441  1.00 86.89  ? 42  U   C "O2'" 1 
ATOM   1173 C  "C1'" . U   C 3 12 ? -2.719  5.484   -5.953  1.00 82.63  ? 42  U   C "C1'" 1 
ATOM   1174 N  N1    . U   C 3 12 ? -2.666  4.944   -4.599  1.00 82.41  ? 42  U   C N1    1 
ATOM   1175 C  C2    . U   C 3 12 ? -2.880  5.833   -3.570  1.00 82.61  ? 42  U   C C2    1 
ATOM   1176 O  O2    . U   C 3 12 ? -3.159  7.000   -3.745  1.00 80.61  ? 42  U   C O2    1 
ATOM   1177 N  N3    . U   C 3 12 ? -2.772  5.307   -2.320  1.00 84.25  ? 42  U   C N3    1 
ATOM   1178 C  C4    . U   C 3 12 ? -2.499  4.007   -2.003  1.00 85.45  ? 42  U   C C4    1 
ATOM   1179 O  O4    . U   C 3 12 ? -2.389  3.688   -0.816  1.00 87.19  ? 42  U   C O4    1 
ATOM   1180 C  C5    . U   C 3 12 ? -2.324  3.141   -3.135  1.00 86.21  ? 42  U   C C5    1 
ATOM   1181 C  C6    . U   C 3 12 ? -2.409  3.636   -4.364  1.00 83.66  ? 42  U   C C6    1 
ATOM   1182 P  P     . A   C 3 13 ? -1.718  7.542   -9.881  1.00 84.01  ? 43  A   C P     1 
ATOM   1183 O  OP1   . A   C 3 13 ? -2.368  6.817   -11.008 1.00 78.73  ? 43  A   C OP1   1 
ATOM   1184 O  OP2   . A   C 3 13 ? -0.243  7.594   -9.799  1.00 79.89  ? 43  A   C OP2   1 
ATOM   1185 O  "O5'" . A   C 3 13 ? -2.304  9.024   -9.733  1.00 77.74  ? 43  A   C "O5'" 1 
ATOM   1186 C  "C5'" . A   C 3 13 ? -3.703  9.221   -9.594  1.00 80.99  ? 43  A   C "C5'" 1 
ATOM   1187 C  "C4'" . A   C 3 13 ? -3.973  10.337  -8.636  1.00 86.24  ? 43  A   C "C4'" 1 
ATOM   1188 O  "O4'" . A   C 3 13 ? -3.481  9.953   -7.342  1.00 89.44  ? 43  A   C "O4'" 1 
ATOM   1189 C  "C3'" . A   C 3 13 ? -3.250  11.630  -8.933  1.00 88.15  ? 43  A   C "C3'" 1 
ATOM   1190 O  "O3'" . A   C 3 13 ? -3.973  12.395  -9.859  1.00 93.18  ? 43  A   C "O3'" 1 
ATOM   1191 C  "C2'" . A   C 3 13 ? -3.195  12.294  -7.569  1.00 87.37  ? 43  A   C "C2'" 1 
ATOM   1192 O  "O2'" . A   C 3 13 ? -4.429  12.882  -7.200  1.00 88.89  ? 43  A   C "O2'" 1 
ATOM   1193 C  "C1'" . A   C 3 13 ? -2.930  11.079  -6.686  1.00 86.63  ? 43  A   C "C1'" 1 
ATOM   1194 N  N9    . A   C 3 13 ? -1.506  10.817  -6.534  1.00 84.01  ? 43  A   C N9    1 
ATOM   1195 C  C8    . A   C 3 13 ? -0.851  9.679   -6.902  1.00 82.49  ? 43  A   C C8    1 
ATOM   1196 N  N7    . A   C 3 13 ? 0.427   9.688   -6.629  1.00 80.66  ? 43  A   C N7    1 
ATOM   1197 C  C5    . A   C 3 13 ? 0.632   10.928  -6.056  1.00 82.21  ? 43  A   C C5    1 
ATOM   1198 C  C6    . A   C 3 13 ? 1.782   11.555  -5.579  1.00 82.35  ? 43  A   C C6    1 
ATOM   1199 N  N6    . A   C 3 13 ? 2.990   10.983  -5.574  1.00 80.11  ? 43  A   C N6    1 
ATOM   1200 N  N1    . A   C 3 13 ? 1.654   12.806  -5.095  1.00 83.84  ? 43  A   C N1    1 
ATOM   1201 C  C2    . A   C 3 13 ? 0.431   13.373  -5.090  1.00 85.94  ? 43  A   C C2    1 
ATOM   1202 N  N3    . A   C 3 13 ? -0.730  12.879  -5.509  1.00 85.06  ? 43  A   C N3    1 
ATOM   1203 C  C4    . A   C 3 13 ? -0.555  11.640  -5.992  1.00 83.75  ? 43  A   C C4    1 
ATOM   1204 P  P     . C   C 3 14 ? -3.213  12.975  -11.124 1.00 93.14  ? 44  C   C P     1 
ATOM   1205 O  OP1   . C   C 3 14 ? -4.095  14.021  -11.681 1.00 93.76  ? 44  C   C OP1   1 
ATOM   1206 O  OP2   . C   C 3 14 ? -2.804  11.817  -11.966 1.00 85.96  ? 44  C   C OP2   1 
ATOM   1207 O  "O5'" . C   C 3 14 ? -1.914  13.651  -10.495 1.00 91.60  ? 44  C   C "O5'" 1 
ATOM   1208 C  "C5'" . C   C 3 14 ? -1.975  14.948  -9.910  1.00 92.47  ? 44  C   C "C5'" 1 
ATOM   1209 C  "C4'" . C   C 3 14 ? -0.587  15.425  -9.573  1.00 94.46  ? 44  C   C "C4'" 1 
ATOM   1210 O  "O4'" . C   C 3 14 ? -0.042  14.592  -8.528  1.00 94.72  ? 44  C   C "O4'" 1 
ATOM   1211 C  "C3'" . C   C 3 14 ? 0.425   15.309  -10.702 1.00 96.10  ? 44  C   C "C3'" 1 
ATOM   1212 O  "O3'" . C   C 3 14 ? 0.366   16.443  -11.548 1.00 99.16  ? 44  C   C "O3'" 1 
ATOM   1213 C  "C2'" . C   C 3 14 ? 1.746   15.234  -9.954  1.00 94.30  ? 44  C   C "C2'" 1 
ATOM   1214 O  "O2'" . C   C 3 14 ? 2.249   16.488  -9.557  1.00 94.60  ? 44  C   C "O2'" 1 
ATOM   1215 C  "C1'" . C   C 3 14 ? 1.345   14.419  -8.728  1.00 93.81  ? 44  C   C "C1'" 1 
ATOM   1216 N  N1    . C   C 3 14 ? 1.588   13.004  -8.941  1.00 92.54  ? 44  C   C N1    1 
ATOM   1217 C  C2    . C   C 3 14 ? 2.892   12.537  -8.836  1.00 93.45  ? 44  C   C C2    1 
ATOM   1218 O  O2    . C   C 3 14 ? 3.799   13.349  -8.559  1.00 94.02  ? 44  C   C O2    1 
ATOM   1219 N  N3    . C   C 3 14 ? 3.140   11.226  -9.045  1.00 93.71  ? 44  C   C N3    1 
ATOM   1220 C  C4    . C   C 3 14 ? 2.137   10.397  -9.357  1.00 92.47  ? 44  C   C C4    1 
ATOM   1221 N  N4    . C   C 3 14 ? 2.437   9.113   -9.569  1.00 92.28  ? 44  C   C N4    1 
ATOM   1222 C  C5    . C   C 3 14 ? 0.789   10.850  -9.464  1.00 91.65  ? 44  C   C C5    1 
ATOM   1223 C  C6    . C   C 3 14 ? 0.562   12.148  -9.244  1.00 91.64  ? 44  C   C C6    1 
ATOM   1224 P  P     . C   C 3 15 ? 0.807   16.307  -13.085 1.00 101.31 ? 45  C   C P     1 
ATOM   1225 O  OP1   . C   C 3 15 ? 0.544   17.627  -13.696 1.00 101.76 ? 45  C   C OP1   1 
ATOM   1226 O  OP2   . C   C 3 15 ? 0.193   15.099  -13.671 1.00 97.92  ? 45  C   C OP2   1 
ATOM   1227 O  "O5'" . C   C 3 15 ? 2.378   16.091  -13.017 1.00 97.35  ? 45  C   C "O5'" 1 
ATOM   1228 C  "C5'" . C   C 3 15 ? 3.224   17.154  -12.639 1.00 95.53  ? 45  C   C "C5'" 1 
ATOM   1229 C  "C4'" . C   C 3 15 ? 4.643   16.718  -12.752 1.00 99.80  ? 45  C   C "C4'" 1 
ATOM   1230 O  "O4'" . C   C 3 15 ? 4.875   15.682  -11.770 1.00 101.35 ? 45  C   C "O4'" 1 
ATOM   1231 C  "C3'" . C   C 3 15 ? 4.968   16.029  -14.072 1.00 102.22 ? 45  C   C "C3'" 1 
ATOM   1232 O  "O3'" . C   C 3 15 ? 5.258   16.952  -15.109 1.00 106.72 ? 45  C   C "O3'" 1 
ATOM   1233 C  "C2'" . C   C 3 15 ? 6.171   15.168  -13.708 1.00 101.36 ? 45  C   C "C2'" 1 
ATOM   1234 O  "O2'" . C   C 3 15 ? 7.448   15.779  -13.717 1.00 99.89  ? 45  C   C "O2'" 1 
ATOM   1235 C  "C1'" . C   C 3 15 ? 5.805   14.742  -12.292 1.00 101.44 ? 45  C   C "C1'" 1 
ATOM   1236 N  N1    . C   C 3 15 ? 5.179   13.429  -12.334 1.00 99.86  ? 45  C   C N1    1 
ATOM   1237 C  C2    . C   C 3 15 ? 6.014   12.296  -12.371 1.00 99.30  ? 45  C   C C2    1 
ATOM   1238 O  O2    . C   C 3 15 ? 7.253   12.452  -12.352 1.00 99.83  ? 45  C   C O2    1 
ATOM   1239 N  N3    . C   C 3 15 ? 5.450   11.074  -12.426 1.00 97.42  ? 45  C   C N3    1 
ATOM   1240 C  C4    . C   C 3 15 ? 4.120   10.956  -12.444 1.00 95.71  ? 45  C   C C4    1 
ATOM   1241 N  N4    . C   C 3 15 ? 3.613   9.735   -12.494 1.00 93.09  ? 45  C   C N4    1 
ATOM   1242 C  C5    . C   C 3 15 ? 3.252   12.092  -12.409 1.00 96.71  ? 45  C   C C5    1 
ATOM   1243 C  C6    . C   C 3 15 ? 3.820   13.299  -12.354 1.00 98.00  ? 45  C   C C6    1 
ATOM   1244 P  P     . U   C 3 16 ? 5.344   16.432  -16.630 1.00 108.37 ? 46  U   C P     1 
ATOM   1245 O  OP1   . U   C 3 16 ? 5.714   17.595  -17.467 1.00 110.64 ? 46  U   C OP1   1 
ATOM   1246 O  OP2   . U   C 3 16 ? 4.089   15.698  -16.909 1.00 105.83 ? 46  U   C OP2   1 
ATOM   1247 O  "O5'" . U   C 3 16 ? 6.606   15.462  -16.638 1.00 104.75 ? 46  U   C "O5'" 1 
ATOM   1248 C  "C5'" . U   C 3 16 ? 7.914   15.993  -16.486 1.00 103.40 ? 46  U   C "C5'" 1 
ATOM   1249 C  "C4'" . U   C 3 16 ? 8.944   14.940  -16.777 1.00 106.38 ? 46  U   C "C4'" 1 
ATOM   1250 O  "O4'" . U   C 3 16 ? 8.900   13.929  -15.741 1.00 109.64 ? 46  U   C "O4'" 1 
ATOM   1251 C  "C3'" . U   C 3 16 ? 8.752   14.166  -18.069 1.00 107.29 ? 46  U   C "C3'" 1 
ATOM   1252 O  "O3'" . U   C 3 16 ? 9.271   14.840  -19.204 1.00 108.73 ? 46  U   C "O3'" 1 
ATOM   1253 C  "C2'" . U   C 3 16 ? 9.509   12.879  -17.779 1.00 107.66 ? 46  U   C "C2'" 1 
ATOM   1254 O  "O2'" . U   C 3 16 ? 10.912  13.002  -17.908 1.00 108.00 ? 46  U   C "O2'" 1 
ATOM   1255 C  "C1'" . U   C 3 16 ? 9.144   12.651  -16.314 1.00 107.78 ? 46  U   C "C1'" 1 
ATOM   1256 N  N1    . U   C 3 16 ? 7.908   11.862  -16.230 1.00 104.27 ? 46  U   C N1    1 
ATOM   1257 C  C2    . U   C 3 16 ? 8.003   10.478  -16.346 1.00 103.17 ? 46  U   C C2    1 
ATOM   1258 O  O2    . U   C 3 16 ? 9.066   9.883   -16.495 1.00 103.09 ? 46  U   C O2    1 
ATOM   1259 N  N3    . U   C 3 16 ? 6.806   9.818   -16.283 1.00 101.59 ? 46  U   C N3    1 
ATOM   1260 C  C4    . U   C 3 16 ? 5.560   10.375  -16.119 1.00 100.91 ? 46  U   C C4    1 
ATOM   1261 O  O4    . U   C 3 16 ? 4.572   9.643   -16.117 1.00 99.99  ? 46  U   C O4    1 
ATOM   1262 C  C5    . U   C 3 16 ? 5.548   11.801  -15.997 1.00 101.20 ? 46  U   C C5    1 
ATOM   1263 C  C6    . U   C 3 16 ? 6.691   12.477  -16.052 1.00 102.26 ? 46  U   C C6    1 
ATOM   1264 P  P     . G   C 3 17 ? 8.685   14.505  -20.664 1.00 111.58 ? 47  G   C P     1 
ATOM   1265 O  OP1   . G   C 3 17 ? 9.259   15.478  -21.617 1.00 110.68 ? 47  G   C OP1   1 
ATOM   1266 O  OP2   . G   C 3 17 ? 7.212   14.400  -20.522 1.00 107.83 ? 47  G   C OP2   1 
ATOM   1267 O  "O5'" . G   C 3 17 ? 9.308   13.081  -21.013 1.00 103.76 ? 47  G   C "O5'" 1 
ATOM   1268 C  "C5'" . G   C 3 17 ? 10.706  12.949  -21.222 1.00 101.14 ? 47  G   C "C5'" 1 
ATOM   1269 C  "C4'" . G   C 3 17 ? 11.051  11.529  -21.575 1.00 100.50 ? 47  G   C "C4'" 1 
ATOM   1270 O  "O4'" . G   C 3 17 ? 10.742  10.672  -20.444 1.00 103.16 ? 47  G   C "O4'" 1 
ATOM   1271 C  "C3'" . G   C 3 17 ? 10.271  10.922  -22.730 1.00 100.96 ? 47  G   C "C3'" 1 
ATOM   1272 O  "O3'" . G   C 3 17 ? 10.819  11.279  -23.994 1.00 100.45 ? 47  G   C "O3'" 1 
ATOM   1273 C  "C2'" . G   C 3 17 ? 10.377  9.431   -22.429 1.00 101.14 ? 47  G   C "C2'" 1 
ATOM   1274 O  "O2'" . G   C 3 17 ? 11.628  8.876   -22.797 1.00 94.57  ? 47  G   C "O2'" 1 
ATOM   1275 C  "C1'" . G   C 3 17 ? 10.231  9.423   -20.900 1.00 102.38 ? 47  G   C "C1'" 1 
ATOM   1276 N  N9    . G   C 3 17 ? 8.848   9.300   -20.475 1.00 100.32 ? 47  G   C N9    1 
ATOM   1277 C  C8    . G   C 3 17 ? 7.984   10.329  -20.111 1.00 99.60  ? 47  G   C C8    1 
ATOM   1278 N  N7    . G   C 3 17 ? 6.782   9.932   -19.815 1.00 97.63  ? 47  G   C N7    1 
ATOM   1279 C  C5    . G   C 3 17 ? 6.829   8.542   -19.973 1.00 97.32  ? 47  G   C C5    1 
ATOM   1280 C  C6    . G   C 3 17 ? 5.818   7.581   -19.795 1.00 96.57  ? 47  G   C C6    1 
ATOM   1281 O  O6    . G   C 3 17 ? 4.639   7.749   -19.471 1.00 95.29  ? 47  G   C O6    1 
ATOM   1282 N  N1    . G   C 3 17 ? 6.297   6.295   -20.048 1.00 95.47  ? 47  G   C N1    1 
ATOM   1283 C  C2    . G   C 3 17 ? 7.579   5.995   -20.429 1.00 96.82  ? 47  G   C C2    1 
ATOM   1284 N  N2    . G   C 3 17 ? 7.852   4.704   -20.610 1.00 97.96  ? 47  G   C N2    1 
ATOM   1285 N  N3    . G   C 3 17 ? 8.531   6.893   -20.614 1.00 97.79  ? 47  G   C N3    1 
ATOM   1286 C  C4    . G   C 3 17 ? 8.087   8.156   -20.364 1.00 97.77  ? 47  G   C C4    1 
ATOM   1287 P  P     . C   C 3 18 ? 10.007  10.930  -25.348 1.00 104.07 ? 48  C   C P     1 
ATOM   1288 O  OP1   . C   C 3 18 ? 10.933  11.181  -26.479 1.00 105.21 ? 48  C   C OP1   1 
ATOM   1289 O  OP2   . C   C 3 18 ? 8.676   11.602  -25.335 1.00 100.13 ? 48  C   C OP2   1 
ATOM   1290 O  "O5'" . C   C 3 18 ? 9.815   9.357   -25.275 1.00 102.02 ? 48  C   C "O5'" 1 
ATOM   1291 C  "C5'" . C   C 3 18 ? 10.925  8.479   -25.460 1.00 97.98  ? 48  C   C "C5'" 1 
ATOM   1292 C  "C4'" . C   C 3 18 ? 10.439  7.080   -25.736 1.00 98.34  ? 48  C   C "C4'" 1 
ATOM   1293 O  "O4'" . C   C 3 18 ? 9.908   6.497   -24.513 1.00 101.74 ? 48  C   C "O4'" 1 
ATOM   1294 C  "C3'" . C   C 3 18 ? 9.292   6.985   -26.722 1.00 97.27  ? 48  C   C "C3'" 1 
ATOM   1295 O  "O3'" . C   C 3 18 ? 9.731   6.975   -28.063 1.00 93.93  ? 48  C   C "O3'" 1 
ATOM   1296 C  "C2'" . C   C 3 18 ? 8.660   5.656   -26.346 1.00 97.90  ? 48  C   C "C2'" 1 
ATOM   1297 O  "O2'" . C   C 3 18 ? 9.401   4.581   -26.880 1.00 92.59  ? 48  C   C "O2'" 1 
ATOM   1298 C  "C1'" . C   C 3 18 ? 8.785   5.683   -24.823 1.00 100.89 ? 48  C   C "C1'" 1 
ATOM   1299 N  N1    . C   C 3 18 ? 7.581   6.281   -24.199 1.00 102.74 ? 48  C   C N1    1 
ATOM   1300 C  C2    . C   C 3 18 ? 6.447   5.477   -24.019 1.00 102.50 ? 48  C   C C2    1 
ATOM   1301 O  O2    . C   C 3 18 ? 6.507   4.283   -24.338 1.00 103.47 ? 48  C   C O2    1 
ATOM   1302 N  N3    . C   C 3 18 ? 5.323   6.024   -23.498 1.00 101.92 ? 48  C   C N3    1 
ATOM   1303 C  C4    . C   C 3 18 ? 5.308   7.315   -23.154 1.00 100.45 ? 48  C   C C4    1 
ATOM   1304 N  N4    . C   C 3 18 ? 4.180   7.817   -22.666 1.00 97.79  ? 48  C   C N4    1 
ATOM   1305 C  C5    . C   C 3 18 ? 6.452   8.148   -23.301 1.00 99.85  ? 48  C   C C5    1 
ATOM   1306 C  C6    . C   C 3 18 ? 7.558   7.597   -23.822 1.00 101.37 ? 48  C   C C6    1 
ATOM   1307 P  P     . C   C 3 19 ? 8.702   7.377   -29.222 1.00 95.74  ? 49  C   C P     1 
ATOM   1308 O  OP1   . C   C 3 19 ? 9.382   7.192   -30.520 1.00 96.40  ? 49  C   C OP1   1 
ATOM   1309 O  OP2   . C   C 3 19 ? 8.067   8.683   -28.873 1.00 91.05  ? 49  C   C OP2   1 
ATOM   1310 O  "O5'" . C   C 3 19 ? 7.590   6.248   -29.163 1.00 94.48  ? 49  C   C "O5'" 1 
ATOM   1311 C  "C5'" . C   C 3 19 ? 7.917   4.908   -29.480 1.00 93.50  ? 49  C   C "C5'" 1 
ATOM   1312 C  "C4'" . C   C 3 19 ? 6.701   4.042   -29.321 1.00 94.98  ? 49  C   C "C4'" 1 
ATOM   1313 O  "O4'" . C   C 3 19 ? 6.258   4.109   -27.941 1.00 95.37  ? 49  C   C "O4'" 1 
ATOM   1314 C  "C3'" . C   C 3 19 ? 5.485   4.502   -30.108 1.00 93.20  ? 49  C   C "C3'" 1 
ATOM   1315 O  "O3'" . C   C 3 19 ? 5.496   4.152   -31.482 1.00 95.54  ? 49  C   C "O3'" 1 
ATOM   1316 C  "C2'" . C   C 3 19 ? 4.361   3.853   -29.329 1.00 92.78  ? 49  C   C "C2'" 1 
ATOM   1317 O  "O2'" . C   C 3 19 ? 4.380   2.463   -29.582 1.00 88.70  ? 49  C   C "O2'" 1 
ATOM   1318 C  "C1'" . C   C 3 19 ? 4.846   4.051   -27.892 1.00 94.60  ? 49  C   C "C1'" 1 
ATOM   1319 N  N1    . C   C 3 19 ? 4.336   5.267   -27.224 1.00 96.38  ? 49  C   C N1    1 
ATOM   1320 C  C2    . C   C 3 19 ? 3.028   5.268   -26.745 1.00 97.28  ? 49  C   C C2    1 
ATOM   1321 O  O2    . C   C 3 19 ? 2.342   4.259   -26.884 1.00 102.10 ? 49  C   C O2    1 
ATOM   1322 N  N3    . C   C 3 19 ? 2.539   6.361   -26.139 1.00 95.63  ? 49  C   C N3    1 
ATOM   1323 C  C4    . C   C 3 19 ? 3.306   7.425   -25.985 1.00 94.83  ? 49  C   C C4    1 
ATOM   1324 N  N4    . C   C 3 19 ? 2.784   8.470   -25.368 1.00 93.90  ? 49  C   C N4    1 
ATOM   1325 C  C5    . C   C 3 19 ? 4.645   7.462   -26.458 1.00 96.00  ? 49  C   C C5    1 
ATOM   1326 C  C6    . C   C 3 19 ? 5.116   6.370   -27.068 1.00 96.14  ? 49  C   C C6    1 
HETATM 1327 S  S     . SO4 D 4 .  ? -14.436 -2.505  -3.868  1.00 172.26 ? 103 SO4 A S     1 
HETATM 1328 O  O1    . SO4 D 4 .  ? -15.078 -2.931  -2.603  1.00 172.61 ? 103 SO4 A O1    1 
HETATM 1329 O  O2    . SO4 D 4 .  ? -14.795 -1.098  -4.146  1.00 171.70 ? 103 SO4 A O2    1 
HETATM 1330 O  O3    . SO4 D 4 .  ? -12.967 -2.619  -3.737  1.00 171.18 ? 103 SO4 A O3    1 
HETATM 1331 O  O4    . SO4 D 4 .  ? -14.912 -3.376  -4.972  1.00 171.79 ? 103 SO4 A O4    1 
HETATM 1332 CO CO    . NCO E 5 .  ? -13.320 2.285   -1.675  1.00 168.15 ? 102 NCO B CO    1 
HETATM 1333 N  N1    . NCO E 5 .  ? -11.459 1.572   -1.987  1.00 167.16 ? 102 NCO B N1    1 
HETATM 1334 N  N2    . NCO E 5 .  ? -13.833 1.434   -3.427  1.00 167.03 ? 102 NCO B N2    1 
HETATM 1335 N  N3    . NCO E 5 .  ? -13.887 0.736   -0.547  1.00 166.44 ? 102 NCO B N3    1 
HETATM 1336 N  N4    . NCO E 5 .  ? -12.917 3.894   -2.742  1.00 166.04 ? 102 NCO B N4    1 
HETATM 1337 N  N5    . NCO E 5 .  ? -15.123 3.010   -1.421  1.00 167.38 ? 102 NCO B N5    1 
HETATM 1338 N  N6    . NCO E 5 .  ? -12.710 3.167   0.048   1.00 166.69 ? 102 NCO B N6    1 
HETATM 1339 CO CO    . NCO F 5 .  ? 9.370   2.353   -7.243  1.00 110.98 ? 101 NCO C CO    1 
HETATM 1340 N  N1    . NCO F 5 .  ? 11.170  2.485   -6.329  1.00 107.05 ? 101 NCO C N1    1 
HETATM 1341 N  N2    . NCO F 5 .  ? 8.621   2.041   -5.404  1.00 109.16 ? 101 NCO C N2    1 
HETATM 1342 N  N3    . NCO F 5 .  ? 9.084   4.320   -7.230  1.00 105.07 ? 101 NCO C N3    1 
HETATM 1343 N  N4    . NCO F 5 .  ? 9.551   0.403   -7.374  1.00 105.14 ? 101 NCO C N4    1 
HETATM 1344 N  N5    . NCO F 5 .  ? 7.627   2.161   -8.084  1.00 108.47 ? 101 NCO C N5    1 
HETATM 1345 N  N6    . NCO F 5 .  ? 10.169  2.566   -9.090  1.00 106.82 ? 101 NCO C N6    1 
HETATM 1346 O  O     . HOH G 6 .  ? 11.855  12.498  -13.016 1.00 83.12  ? 103 HOH B O     1 
HETATM 1347 O  O     . HOH H 6 .  ? 17.200  -3.347  3.902   1.00 77.53  ? 102 HOH C O     1 
# 
loop_
_pdbx_poly_seq_scheme.asym_id 
_pdbx_poly_seq_scheme.entity_id 
_pdbx_poly_seq_scheme.seq_id 
_pdbx_poly_seq_scheme.mon_id 
_pdbx_poly_seq_scheme.ndb_seq_num 
_pdbx_poly_seq_scheme.pdb_seq_num 
_pdbx_poly_seq_scheme.auth_seq_num 
_pdbx_poly_seq_scheme.pdb_mon_id 
_pdbx_poly_seq_scheme.auth_mon_id 
_pdbx_poly_seq_scheme.pdb_strand_id 
_pdbx_poly_seq_scheme.pdb_ins_code 
_pdbx_poly_seq_scheme.hetero 
A 1 1  U   1  1  1  U   U   A . n 
A 1 2  C   2  2  2  C   C   A . n 
A 1 3  C   3  3  3  C   C   A . n 
A 1 4  C   4  4  4  C   C   A . n 
A 1 5  A   5  5  5  A   A   A . n 
A 1 6  G   6  6  6  G   G   A . n 
A 1 7  U   7  7  7  U   U   A . n 
A 1 8  C   8  8  8  C   C   A . n 
A 1 9  C   9  9  9  C   C   A . n 
A 1 10 A   10 10 10 A   A   A . n 
A 1 11 C   11 11 11 C   C   A . n 
A 1 12 C   12 12 12 C   C   A . n 
A 1 13 G   13 13 13 G   G   A . n 
B 2 1  C   1  2  2  C   C   B . n 
B 2 2  G   2  3  3  G   G   B . n 
B 2 3  G   3  4  4  G   G   B . n 
B 2 4  U   4  5  5  U   U   B . n 
B 2 5  G   5  6  6  G   G   B . n 
B 2 6  A   6  7  7  A   A   B . n 
B 2 7  G   7  8  8  G   G   B . n 
B 2 8  A   8  9  9  A   A   B . n 
B 2 9  A   9  10 10 A   A   B . n 
B 2 10 G   10 11 11 G   G   B . n 
B 2 11 G   11 12 12 G   G   B . n 
B 2 12 G   12 13 13 G   G   B . n 
B 2 13 S9L 13 14 14 S9L S9L B . n 
B 2 14 G   14 15 15 G   G   B . n 
B 2 15 G   15 16 16 G   G   B . n 
B 2 16 C   16 17 17 C   C   B . n 
B 2 17 A   17 18 18 A   A   B . n 
B 2 18 G   18 19 19 G   G   B . n 
B 2 19 A   19 20 20 A   A   B . n 
B 2 20 G   20 21 21 G   G   B . n 
B 2 21 A   21 22 22 A   A   B . n 
B 2 22 A   22 23 23 A   A   B . n 
B 2 23 A   23 24 24 A   A   B . n 
B 2 24 C   24 25 25 C   C   B . n 
B 2 25 A   25 26 26 A   A   B . n 
B 2 26 C   26 27 27 C   C   B . n 
B 2 27 A   27 28 28 A   A   B . n 
B 2 28 C   28 29 29 C   C   B . n 
B 2 29 G   29 30 30 G   G   B . n 
B 2 30 A   30 31 31 A   A   B . n 
C 3 1  U   1  31 31 U   U   C . n 
C 3 2  C   2  32 32 C   C   C . n 
C 3 3  G   3  33 33 G   G   C . n 
C 3 4  U   4  34 34 U   U   C . n 
C 3 5  G   5  35 35 G   G   C . n 
C 3 6  G   6  36 36 G   G   C . n 
C 3 7  U   7  37 37 U   U   C . n 
C 3 8  MTU 8  38 38 MTU MTU C . n 
C 3 9  C   9  39 39 C   C   C . n 
C 3 10 A   10 40 40 A   A   C . n 
C 3 11 U   11 41 41 U   U   C . n 
C 3 12 U   12 42 42 U   U   C . n 
C 3 13 A   13 43 43 A   A   C . n 
C 3 14 C   14 44 44 C   C   C . n 
C 3 15 C   15 45 45 C   C   C . n 
C 3 16 U   16 46 46 U   U   C . n 
C 3 17 G   17 47 47 G   G   C . n 
C 3 18 C   18 48 48 C   C   C . n 
C 3 19 C   19 49 49 C   C   C . n 
# 
loop_
_pdbx_nonpoly_scheme.asym_id 
_pdbx_nonpoly_scheme.entity_id 
_pdbx_nonpoly_scheme.mon_id 
_pdbx_nonpoly_scheme.ndb_seq_num 
_pdbx_nonpoly_scheme.pdb_seq_num 
_pdbx_nonpoly_scheme.auth_seq_num 
_pdbx_nonpoly_scheme.pdb_mon_id 
_pdbx_nonpoly_scheme.auth_mon_id 
_pdbx_nonpoly_scheme.pdb_strand_id 
_pdbx_nonpoly_scheme.pdb_ins_code 
D 4 SO4 1 103 103 SO4 SO4 A . 
E 5 NCO 1 102 102 NCO NCO B . 
F 5 NCO 1 101 101 NCO NCO C . 
G 6 HOH 1 103 1   HOH HOH B . 
H 6 HOH 1 102 2   HOH HOH C . 
# 
_pdbx_struct_mod_residue.id               1 
_pdbx_struct_mod_residue.label_asym_id    C 
_pdbx_struct_mod_residue.label_comp_id    MTU 
_pdbx_struct_mod_residue.label_seq_id     8 
_pdbx_struct_mod_residue.auth_asym_id     C 
_pdbx_struct_mod_residue.auth_comp_id     MTU 
_pdbx_struct_mod_residue.auth_seq_id      38 
_pdbx_struct_mod_residue.PDB_ins_code     ? 
_pdbx_struct_mod_residue.parent_comp_id   A 
_pdbx_struct_mod_residue.details          9-BETA-D-RIBOFURANOSYL-9H-PURIN-2-AMINE 
# 
_pdbx_struct_assembly.id                   1 
_pdbx_struct_assembly.details              author_and_software_defined_assembly 
_pdbx_struct_assembly.method_details       PISA 
_pdbx_struct_assembly.oligomeric_details   trimeric 
_pdbx_struct_assembly.oligomeric_count     3 
# 
_pdbx_struct_assembly_gen.assembly_id       1 
_pdbx_struct_assembly_gen.oper_expression   1 
_pdbx_struct_assembly_gen.asym_id_list      A,B,C,D,E,F,G,H 
# 
loop_
_pdbx_struct_assembly_prop.biol_id 
_pdbx_struct_assembly_prop.type 
_pdbx_struct_assembly_prop.value 
_pdbx_struct_assembly_prop.details 
1 'ABSA (A^2)' 6070 ? 
1 MORE         -22  ? 
1 'SSA (A^2)'  9350 ? 
# 
_pdbx_struct_oper_list.id                   1 
_pdbx_struct_oper_list.type                 'identity operation' 
_pdbx_struct_oper_list.name                 1_555 
_pdbx_struct_oper_list.symmetry_operation   x,y,z 
_pdbx_struct_oper_list.matrix[1][1]         1.0000000000 
_pdbx_struct_oper_list.matrix[1][2]         0.0000000000 
_pdbx_struct_oper_list.matrix[1][3]         0.0000000000 
_pdbx_struct_oper_list.vector[1]            0.0000000000 
_pdbx_struct_oper_list.matrix[2][1]         0.0000000000 
_pdbx_struct_oper_list.matrix[2][2]         1.0000000000 
_pdbx_struct_oper_list.matrix[2][3]         0.0000000000 
_pdbx_struct_oper_list.vector[2]            0.0000000000 
_pdbx_struct_oper_list.matrix[3][1]         0.0000000000 
_pdbx_struct_oper_list.matrix[3][2]         0.0000000000 
_pdbx_struct_oper_list.matrix[3][3]         1.0000000000 
_pdbx_struct_oper_list.vector[3]            0.0000000000 
# 
loop_
_pdbx_audit_revision_history.ordinal 
_pdbx_audit_revision_history.data_content_type 
_pdbx_audit_revision_history.major_revision 
_pdbx_audit_revision_history.minor_revision 
_pdbx_audit_revision_history.revision_date 
1 'Structure model' 1 0 2008-08-12 
2 'Structure model' 1 1 2011-07-13 
3 'Structure model' 1 2 2017-10-25 
4 'Structure model' 1 3 2023-08-30 
# 
_pdbx_audit_revision_details.ordinal             1 
_pdbx_audit_revision_details.revision_ordinal    1 
_pdbx_audit_revision_details.data_content_type   'Structure model' 
_pdbx_audit_revision_details.provider            repository 
_pdbx_audit_revision_details.type                'Initial release' 
_pdbx_audit_revision_details.description         ? 
_pdbx_audit_revision_details.details             ? 
# 
loop_
_pdbx_audit_revision_group.ordinal 
_pdbx_audit_revision_group.revision_ordinal 
_pdbx_audit_revision_group.data_content_type 
_pdbx_audit_revision_group.group 
1 2 'Structure model' 'Version format compliance' 
2 3 'Structure model' 'Refinement description'    
3 4 'Structure model' 'Data collection'           
4 4 'Structure model' 'Database references'       
5 4 'Structure model' 'Derived calculations'      
6 4 'Structure model' 'Refinement description'    
# 
loop_
_pdbx_audit_revision_category.ordinal 
_pdbx_audit_revision_category.revision_ordinal 
_pdbx_audit_revision_category.data_content_type 
_pdbx_audit_revision_category.category 
1 3 'Structure model' software                      
2 4 'Structure model' chem_comp_atom                
3 4 'Structure model' chem_comp_bond                
4 4 'Structure model' database_2                    
5 4 'Structure model' pdbx_initial_refinement_model 
6 4 'Structure model' struct_conn                   
# 
loop_
_pdbx_audit_revision_item.ordinal 
_pdbx_audit_revision_item.revision_ordinal 
_pdbx_audit_revision_item.data_content_type 
_pdbx_audit_revision_item.item 
1 3 'Structure model' '_software.classification'            
2 3 'Structure model' '_software.name'                      
3 4 'Structure model' '_database_2.pdbx_DOI'                
4 4 'Structure model' '_database_2.pdbx_database_accession' 
5 4 'Structure model' '_struct_conn.pdbx_leaving_atom_flag' 
# 
loop_
_software.name 
_software.classification 
_software.version 
_software.citation_id 
_software.pdbx_ordinal 
Adxv         'data processing' . ? 1 
CNS          refinement        . ? 2 
CrystalClear 'data reduction'  . ? 3 
CrystalClear 'data scaling'    . ? 4 
CNS          phasing           . ? 5 
# 
_pdbx_validate_rmsd_angle.id                         1 
_pdbx_validate_rmsd_angle.PDB_model_num              1 
_pdbx_validate_rmsd_angle.auth_atom_id_1             "C5'" 
_pdbx_validate_rmsd_angle.auth_asym_id_1             C 
_pdbx_validate_rmsd_angle.auth_comp_id_1             U 
_pdbx_validate_rmsd_angle.auth_seq_id_1              42 
_pdbx_validate_rmsd_angle.PDB_ins_code_1             ? 
_pdbx_validate_rmsd_angle.label_alt_id_1             ? 
_pdbx_validate_rmsd_angle.auth_atom_id_2             "C4'" 
_pdbx_validate_rmsd_angle.auth_asym_id_2             C 
_pdbx_validate_rmsd_angle.auth_comp_id_2             U 
_pdbx_validate_rmsd_angle.auth_seq_id_2              42 
_pdbx_validate_rmsd_angle.PDB_ins_code_2             ? 
_pdbx_validate_rmsd_angle.label_alt_id_2             ? 
_pdbx_validate_rmsd_angle.auth_atom_id_3             "C3'" 
_pdbx_validate_rmsd_angle.auth_asym_id_3             C 
_pdbx_validate_rmsd_angle.auth_comp_id_3             U 
_pdbx_validate_rmsd_angle.auth_seq_id_3              42 
_pdbx_validate_rmsd_angle.PDB_ins_code_3             ? 
_pdbx_validate_rmsd_angle.label_alt_id_3             ? 
_pdbx_validate_rmsd_angle.angle_value                106.38 
_pdbx_validate_rmsd_angle.angle_target_value         115.20 
_pdbx_validate_rmsd_angle.angle_deviation            -8.82 
_pdbx_validate_rmsd_angle.angle_standard_deviation   1.40 
_pdbx_validate_rmsd_angle.linker_flag                N 
# 
_pdbx_unobs_or_zero_occ_atoms.id               1 
_pdbx_unobs_or_zero_occ_atoms.PDB_model_num    1 
_pdbx_unobs_or_zero_occ_atoms.polymer_flag     Y 
_pdbx_unobs_or_zero_occ_atoms.occupancy_flag   1 
_pdbx_unobs_or_zero_occ_atoms.auth_asym_id     A 
_pdbx_unobs_or_zero_occ_atoms.auth_comp_id     A 
_pdbx_unobs_or_zero_occ_atoms.auth_seq_id      5 
_pdbx_unobs_or_zero_occ_atoms.PDB_ins_code     ? 
_pdbx_unobs_or_zero_occ_atoms.auth_atom_id     "O3'" 
_pdbx_unobs_or_zero_occ_atoms.label_alt_id     ? 
_pdbx_unobs_or_zero_occ_atoms.label_asym_id    A 
_pdbx_unobs_or_zero_occ_atoms.label_comp_id    A 
_pdbx_unobs_or_zero_occ_atoms.label_seq_id     5 
_pdbx_unobs_or_zero_occ_atoms.label_atom_id    "O3'" 
# 
loop_
_chem_comp_atom.comp_id 
_chem_comp_atom.atom_id 
_chem_comp_atom.type_symbol 
_chem_comp_atom.pdbx_aromatic_flag 
_chem_comp_atom.pdbx_stereo_config 
_chem_comp_atom.pdbx_ordinal 
A   OP3    O  N N 1   
A   P      P  N N 2   
A   OP1    O  N N 3   
A   OP2    O  N N 4   
A   "O5'"  O  N N 5   
A   "C5'"  C  N N 6   
A   "C4'"  C  N R 7   
A   "O4'"  O  N N 8   
A   "C3'"  C  N S 9   
A   "O3'"  O  N N 10  
A   "C2'"  C  N R 11  
A   "O2'"  O  N N 12  
A   "C1'"  C  N R 13  
A   N9     N  Y N 14  
A   C8     C  Y N 15  
A   N7     N  Y N 16  
A   C5     C  Y N 17  
A   C6     C  Y N 18  
A   N6     N  N N 19  
A   N1     N  Y N 20  
A   C2     C  Y N 21  
A   N3     N  Y N 22  
A   C4     C  Y N 23  
A   HOP3   H  N N 24  
A   HOP2   H  N N 25  
A   "H5'"  H  N N 26  
A   "H5''" H  N N 27  
A   "H4'"  H  N N 28  
A   "H3'"  H  N N 29  
A   "HO3'" H  N N 30  
A   "H2'"  H  N N 31  
A   "HO2'" H  N N 32  
A   "H1'"  H  N N 33  
A   H8     H  N N 34  
A   H61    H  N N 35  
A   H62    H  N N 36  
A   H2     H  N N 37  
C   OP3    O  N N 38  
C   P      P  N N 39  
C   OP1    O  N N 40  
C   OP2    O  N N 41  
C   "O5'"  O  N N 42  
C   "C5'"  C  N N 43  
C   "C4'"  C  N R 44  
C   "O4'"  O  N N 45  
C   "C3'"  C  N S 46  
C   "O3'"  O  N N 47  
C   "C2'"  C  N R 48  
C   "O2'"  O  N N 49  
C   "C1'"  C  N R 50  
C   N1     N  N N 51  
C   C2     C  N N 52  
C   O2     O  N N 53  
C   N3     N  N N 54  
C   C4     C  N N 55  
C   N4     N  N N 56  
C   C5     C  N N 57  
C   C6     C  N N 58  
C   HOP3   H  N N 59  
C   HOP2   H  N N 60  
C   "H5'"  H  N N 61  
C   "H5''" H  N N 62  
C   "H4'"  H  N N 63  
C   "H3'"  H  N N 64  
C   "HO3'" H  N N 65  
C   "H2'"  H  N N 66  
C   "HO2'" H  N N 67  
C   "H1'"  H  N N 68  
C   H41    H  N N 69  
C   H42    H  N N 70  
C   H5     H  N N 71  
C   H6     H  N N 72  
G   OP3    O  N N 73  
G   P      P  N N 74  
G   OP1    O  N N 75  
G   OP2    O  N N 76  
G   "O5'"  O  N N 77  
G   "C5'"  C  N N 78  
G   "C4'"  C  N R 79  
G   "O4'"  O  N N 80  
G   "C3'"  C  N S 81  
G   "O3'"  O  N N 82  
G   "C2'"  C  N R 83  
G   "O2'"  O  N N 84  
G   "C1'"  C  N R 85  
G   N9     N  Y N 86  
G   C8     C  Y N 87  
G   N7     N  Y N 88  
G   C5     C  Y N 89  
G   C6     C  N N 90  
G   O6     O  N N 91  
G   N1     N  N N 92  
G   C2     C  N N 93  
G   N2     N  N N 94  
G   N3     N  N N 95  
G   C4     C  Y N 96  
G   HOP3   H  N N 97  
G   HOP2   H  N N 98  
G   "H5'"  H  N N 99  
G   "H5''" H  N N 100 
G   "H4'"  H  N N 101 
G   "H3'"  H  N N 102 
G   "HO3'" H  N N 103 
G   "H2'"  H  N N 104 
G   "HO2'" H  N N 105 
G   "H1'"  H  N N 106 
G   H8     H  N N 107 
G   H1     H  N N 108 
G   H21    H  N N 109 
G   H22    H  N N 110 
HOH O      O  N N 111 
HOH H1     H  N N 112 
HOH H2     H  N N 113 
MTU P      P  N N 114 
MTU OP1    O  N N 115 
MTU OP2    O  N N 116 
MTU "O5'"  O  N N 117 
MTU "C5'"  C  N N 118 
MTU "C4'"  C  N R 119 
MTU "O4'"  O  N N 120 
MTU "C1'"  C  N R 121 
MTU N9     N  Y N 122 
MTU C4     C  Y N 123 
MTU N3     N  Y N 124 
MTU C2     C  Y N 125 
MTU N2     N  N N 126 
MTU N1     N  Y N 127 
MTU C6     C  Y N 128 
MTU C5     C  Y N 129 
MTU N7     N  Y N 130 
MTU C8     C  Y N 131 
MTU "C2'"  C  N R 132 
MTU "O2'"  O  N N 133 
MTU "C3'"  C  N S 134 
MTU "O3'"  O  N N 135 
MTU O1     O  N N 136 
MTU HO2P   H  N N 137 
MTU "H5'"  H  N N 138 
MTU "H5''" H  N N 139 
MTU "H4'"  H  N N 140 
MTU "H1'"  H  N N 141 
MTU HN21   H  N N 142 
MTU HN22   H  N N 143 
MTU H6     H  N N 144 
MTU H8     H  N N 145 
MTU "H2'"  H  N N 146 
MTU "HO2'" H  N N 147 
MTU "H3'"  H  N N 148 
MTU "HO3'" H  N N 149 
MTU HO1    H  N N 150 
NCO CO     CO N N 151 
NCO N1     N  N N 152 
NCO N2     N  N N 153 
NCO N3     N  N N 154 
NCO N4     N  N N 155 
NCO N5     N  N N 156 
NCO N6     N  N N 157 
NCO HN11   H  N N 158 
NCO HN12   H  N N 159 
NCO HN13   H  N N 160 
NCO HN21   H  N N 161 
NCO HN22   H  N N 162 
NCO HN23   H  N N 163 
NCO HN31   H  N N 164 
NCO HN32   H  N N 165 
NCO HN33   H  N N 166 
NCO HN41   H  N N 167 
NCO HN42   H  N N 168 
NCO HN43   H  N N 169 
NCO HN51   H  N N 170 
NCO HN52   H  N N 171 
NCO HN53   H  N N 172 
NCO HN61   H  N N 173 
NCO HN62   H  N N 174 
NCO HN63   H  N N 175 
S9L O3P    O  N N 176 
S9L P      P  N N 177 
S9L O1P    O  N N 178 
S9L O2P    O  N N 179 
S9L "O5'"  O  N N 180 
S9L C12    C  N N 181 
S9L C22    C  N N 182 
S9L OH3    O  N N 183 
S9L C13    C  N N 184 
S9L C23    C  N N 185 
S9L OH4    O  N N 186 
S9L C14    C  N N 187 
S9L C24    C  N N 188 
S9L "O3'"  O  N N 189 
S9L HO3P   H  N N 190 
S9L HO1P   H  N N 191 
S9L H121   H  N N 192 
S9L H122   H  N N 193 
S9L H221   H  N N 194 
S9L H222   H  N N 195 
S9L H131   H  N N 196 
S9L H132   H  N N 197 
S9L H231   H  N N 198 
S9L H232   H  N N 199 
S9L H141   H  N N 200 
S9L H142   H  N N 201 
S9L H241   H  N N 202 
S9L H242   H  N N 203 
S9L "HO3'" H  N N 204 
SO4 S      S  N N 205 
SO4 O1     O  N N 206 
SO4 O2     O  N N 207 
SO4 O3     O  N N 208 
SO4 O4     O  N N 209 
U   OP3    O  N N 210 
U   P      P  N N 211 
U   OP1    O  N N 212 
U   OP2    O  N N 213 
U   "O5'"  O  N N 214 
U   "C5'"  C  N N 215 
U   "C4'"  C  N R 216 
U   "O4'"  O  N N 217 
U   "C3'"  C  N S 218 
U   "O3'"  O  N N 219 
U   "C2'"  C  N R 220 
U   "O2'"  O  N N 221 
U   "C1'"  C  N R 222 
U   N1     N  N N 223 
U   C2     C  N N 224 
U   O2     O  N N 225 
U   N3     N  N N 226 
U   C4     C  N N 227 
U   O4     O  N N 228 
U   C5     C  N N 229 
U   C6     C  N N 230 
U   HOP3   H  N N 231 
U   HOP2   H  N N 232 
U   "H5'"  H  N N 233 
U   "H5''" H  N N 234 
U   "H4'"  H  N N 235 
U   "H3'"  H  N N 236 
U   "HO3'" H  N N 237 
U   "H2'"  H  N N 238 
U   "HO2'" H  N N 239 
U   "H1'"  H  N N 240 
U   H3     H  N N 241 
U   H5     H  N N 242 
U   H6     H  N N 243 
# 
loop_
_chem_comp_bond.comp_id 
_chem_comp_bond.atom_id_1 
_chem_comp_bond.atom_id_2 
_chem_comp_bond.value_order 
_chem_comp_bond.pdbx_aromatic_flag 
_chem_comp_bond.pdbx_stereo_config 
_chem_comp_bond.pdbx_ordinal 
A   OP3   P      sing N N 1   
A   OP3   HOP3   sing N N 2   
A   P     OP1    doub N N 3   
A   P     OP2    sing N N 4   
A   P     "O5'"  sing N N 5   
A   OP2   HOP2   sing N N 6   
A   "O5'" "C5'"  sing N N 7   
A   "C5'" "C4'"  sing N N 8   
A   "C5'" "H5'"  sing N N 9   
A   "C5'" "H5''" sing N N 10  
A   "C4'" "O4'"  sing N N 11  
A   "C4'" "C3'"  sing N N 12  
A   "C4'" "H4'"  sing N N 13  
A   "O4'" "C1'"  sing N N 14  
A   "C3'" "O3'"  sing N N 15  
A   "C3'" "C2'"  sing N N 16  
A   "C3'" "H3'"  sing N N 17  
A   "O3'" "HO3'" sing N N 18  
A   "C2'" "O2'"  sing N N 19  
A   "C2'" "C1'"  sing N N 20  
A   "C2'" "H2'"  sing N N 21  
A   "O2'" "HO2'" sing N N 22  
A   "C1'" N9     sing N N 23  
A   "C1'" "H1'"  sing N N 24  
A   N9    C8     sing Y N 25  
A   N9    C4     sing Y N 26  
A   C8    N7     doub Y N 27  
A   C8    H8     sing N N 28  
A   N7    C5     sing Y N 29  
A   C5    C6     sing Y N 30  
A   C5    C4     doub Y N 31  
A   C6    N6     sing N N 32  
A   C6    N1     doub Y N 33  
A   N6    H61    sing N N 34  
A   N6    H62    sing N N 35  
A   N1    C2     sing Y N 36  
A   C2    N3     doub Y N 37  
A   C2    H2     sing N N 38  
A   N3    C4     sing Y N 39  
C   OP3   P      sing N N 40  
C   OP3   HOP3   sing N N 41  
C   P     OP1    doub N N 42  
C   P     OP2    sing N N 43  
C   P     "O5'"  sing N N 44  
C   OP2   HOP2   sing N N 45  
C   "O5'" "C5'"  sing N N 46  
C   "C5'" "C4'"  sing N N 47  
C   "C5'" "H5'"  sing N N 48  
C   "C5'" "H5''" sing N N 49  
C   "C4'" "O4'"  sing N N 50  
C   "C4'" "C3'"  sing N N 51  
C   "C4'" "H4'"  sing N N 52  
C   "O4'" "C1'"  sing N N 53  
C   "C3'" "O3'"  sing N N 54  
C   "C3'" "C2'"  sing N N 55  
C   "C3'" "H3'"  sing N N 56  
C   "O3'" "HO3'" sing N N 57  
C   "C2'" "O2'"  sing N N 58  
C   "C2'" "C1'"  sing N N 59  
C   "C2'" "H2'"  sing N N 60  
C   "O2'" "HO2'" sing N N 61  
C   "C1'" N1     sing N N 62  
C   "C1'" "H1'"  sing N N 63  
C   N1    C2     sing N N 64  
C   N1    C6     sing N N 65  
C   C2    O2     doub N N 66  
C   C2    N3     sing N N 67  
C   N3    C4     doub N N 68  
C   C4    N4     sing N N 69  
C   C4    C5     sing N N 70  
C   N4    H41    sing N N 71  
C   N4    H42    sing N N 72  
C   C5    C6     doub N N 73  
C   C5    H5     sing N N 74  
C   C6    H6     sing N N 75  
G   OP3   P      sing N N 76  
G   OP3   HOP3   sing N N 77  
G   P     OP1    doub N N 78  
G   P     OP2    sing N N 79  
G   P     "O5'"  sing N N 80  
G   OP2   HOP2   sing N N 81  
G   "O5'" "C5'"  sing N N 82  
G   "C5'" "C4'"  sing N N 83  
G   "C5'" "H5'"  sing N N 84  
G   "C5'" "H5''" sing N N 85  
G   "C4'" "O4'"  sing N N 86  
G   "C4'" "C3'"  sing N N 87  
G   "C4'" "H4'"  sing N N 88  
G   "O4'" "C1'"  sing N N 89  
G   "C3'" "O3'"  sing N N 90  
G   "C3'" "C2'"  sing N N 91  
G   "C3'" "H3'"  sing N N 92  
G   "O3'" "HO3'" sing N N 93  
G   "C2'" "O2'"  sing N N 94  
G   "C2'" "C1'"  sing N N 95  
G   "C2'" "H2'"  sing N N 96  
G   "O2'" "HO2'" sing N N 97  
G   "C1'" N9     sing N N 98  
G   "C1'" "H1'"  sing N N 99  
G   N9    C8     sing Y N 100 
G   N9    C4     sing Y N 101 
G   C8    N7     doub Y N 102 
G   C8    H8     sing N N 103 
G   N7    C5     sing Y N 104 
G   C5    C6     sing N N 105 
G   C5    C4     doub Y N 106 
G   C6    O6     doub N N 107 
G   C6    N1     sing N N 108 
G   N1    C2     sing N N 109 
G   N1    H1     sing N N 110 
G   C2    N2     sing N N 111 
G   C2    N3     doub N N 112 
G   N2    H21    sing N N 113 
G   N2    H22    sing N N 114 
G   N3    C4     sing N N 115 
HOH O     H1     sing N N 116 
HOH O     H2     sing N N 117 
MTU P     OP1    doub N N 118 
MTU P     OP2    sing N N 119 
MTU P     "O5'"  sing N N 120 
MTU P     O1     sing N N 121 
MTU OP2   HO2P   sing N N 122 
MTU "O5'" "C5'"  sing N N 123 
MTU "C5'" "C4'"  sing N N 124 
MTU "C5'" "H5'"  sing N N 125 
MTU "C5'" "H5''" sing N N 126 
MTU "C4'" "O4'"  sing N N 127 
MTU "C4'" "C3'"  sing N N 128 
MTU "C4'" "H4'"  sing N N 129 
MTU "O4'" "C1'"  sing N N 130 
MTU "C1'" N9     sing N N 131 
MTU "C1'" "C2'"  sing N N 132 
MTU "C1'" "H1'"  sing N N 133 
MTU N9    C4     sing Y N 134 
MTU N9    C8     sing Y N 135 
MTU C4    N3     doub Y N 136 
MTU C4    C5     sing Y N 137 
MTU N3    C2     sing Y N 138 
MTU C2    N2     sing N N 139 
MTU C2    N1     doub Y N 140 
MTU N2    HN21   sing N N 141 
MTU N2    HN22   sing N N 142 
MTU N1    C6     sing Y N 143 
MTU C6    C5     doub Y N 144 
MTU C6    H6     sing N N 145 
MTU C5    N7     sing Y N 146 
MTU N7    C8     doub Y N 147 
MTU C8    H8     sing N N 148 
MTU "C2'" "O2'"  sing N N 149 
MTU "C2'" "C3'"  sing N N 150 
MTU "C2'" "H2'"  sing N N 151 
MTU "O2'" "HO2'" sing N N 152 
MTU "C3'" "O3'"  sing N N 153 
MTU "C3'" "H3'"  sing N N 154 
MTU "O3'" "HO3'" sing N N 155 
MTU O1    HO1    sing N N 156 
NCO CO    N1     sing N N 157 
NCO CO    N2     sing N N 158 
NCO CO    N3     sing N N 159 
NCO CO    N4     sing N N 160 
NCO CO    N5     sing N N 161 
NCO CO    N6     sing N N 162 
NCO N1    HN11   sing N N 163 
NCO N1    HN12   sing N N 164 
NCO N1    HN13   sing N N 165 
NCO N2    HN21   sing N N 166 
NCO N2    HN22   sing N N 167 
NCO N2    HN23   sing N N 168 
NCO N3    HN31   sing N N 169 
NCO N3    HN32   sing N N 170 
NCO N3    HN33   sing N N 171 
NCO N4    HN41   sing N N 172 
NCO N4    HN42   sing N N 173 
NCO N4    HN43   sing N N 174 
NCO N5    HN51   sing N N 175 
NCO N5    HN52   sing N N 176 
NCO N5    HN53   sing N N 177 
NCO N6    HN61   sing N N 178 
NCO N6    HN62   sing N N 179 
NCO N6    HN63   sing N N 180 
S9L O3P   P      sing N N 181 
S9L O3P   HO3P   sing N N 182 
S9L P     O2P    doub N N 183 
S9L P     O1P    sing N N 184 
S9L P     "O5'"  sing N N 185 
S9L O1P   HO1P   sing N N 186 
S9L "O5'" C12    sing N N 187 
S9L C12   C22    sing N N 188 
S9L C12   H121   sing N N 189 
S9L C12   H122   sing N N 190 
S9L C22   OH3    sing N N 191 
S9L C22   H221   sing N N 192 
S9L C22   H222   sing N N 193 
S9L OH3   C23    sing N N 194 
S9L C13   C23    sing N N 195 
S9L C13   OH4    sing N N 196 
S9L C13   H131   sing N N 197 
S9L C13   H132   sing N N 198 
S9L C23   H231   sing N N 199 
S9L C23   H232   sing N N 200 
S9L OH4   C24    sing N N 201 
S9L C14   C24    sing N N 202 
S9L C14   "O3'"  sing N N 203 
S9L C14   H141   sing N N 204 
S9L C14   H142   sing N N 205 
S9L C24   H241   sing N N 206 
S9L C24   H242   sing N N 207 
S9L "O3'" "HO3'" sing N N 208 
SO4 S     O1     doub N N 209 
SO4 S     O2     doub N N 210 
SO4 S     O3     sing N N 211 
SO4 S     O4     sing N N 212 
U   OP3   P      sing N N 213 
U   OP3   HOP3   sing N N 214 
U   P     OP1    doub N N 215 
U   P     OP2    sing N N 216 
U   P     "O5'"  sing N N 217 
U   OP2   HOP2   sing N N 218 
U   "O5'" "C5'"  sing N N 219 
U   "C5'" "C4'"  sing N N 220 
U   "C5'" "H5'"  sing N N 221 
U   "C5'" "H5''" sing N N 222 
U   "C4'" "O4'"  sing N N 223 
U   "C4'" "C3'"  sing N N 224 
U   "C4'" "H4'"  sing N N 225 
U   "O4'" "C1'"  sing N N 226 
U   "C3'" "O3'"  sing N N 227 
U   "C3'" "C2'"  sing N N 228 
U   "C3'" "H3'"  sing N N 229 
U   "O3'" "HO3'" sing N N 230 
U   "C2'" "O2'"  sing N N 231 
U   "C2'" "C1'"  sing N N 232 
U   "C2'" "H2'"  sing N N 233 
U   "O2'" "HO2'" sing N N 234 
U   "C1'" N1     sing N N 235 
U   "C1'" "H1'"  sing N N 236 
U   N1    C2     sing N N 237 
U   N1    C6     sing N N 238 
U   C2    O2     doub N N 239 
U   C2    N3     sing N N 240 
U   N3    C4     sing N N 241 
U   N3    H3     sing N N 242 
U   C4    O4     doub N N 243 
U   C4    C5     sing N N 244 
U   C5    C6     doub N N 245 
U   C5    H5     sing N N 246 
U   C6    H6     sing N N 247 
# 
loop_
_ndb_struct_conf_na.entry_id 
_ndb_struct_conf_na.feature 
3B91 'double helix'         
3B91 'a-form double helix'  
3B91 'mismatched base pair' 
3B91 'internal loop'        
# 
loop_
_ndb_struct_na_base_pair.model_number 
_ndb_struct_na_base_pair.i_label_asym_id 
_ndb_struct_na_base_pair.i_label_comp_id 
_ndb_struct_na_base_pair.i_label_seq_id 
_ndb_struct_na_base_pair.i_symmetry 
_ndb_struct_na_base_pair.j_label_asym_id 
_ndb_struct_na_base_pair.j_label_comp_id 
_ndb_struct_na_base_pair.j_label_seq_id 
_ndb_struct_na_base_pair.j_symmetry 
_ndb_struct_na_base_pair.shear 
_ndb_struct_na_base_pair.stretch 
_ndb_struct_na_base_pair.stagger 
_ndb_struct_na_base_pair.buckle 
_ndb_struct_na_base_pair.propeller 
_ndb_struct_na_base_pair.opening 
_ndb_struct_na_base_pair.pair_number 
_ndb_struct_na_base_pair.pair_name 
_ndb_struct_na_base_pair.i_auth_asym_id 
_ndb_struct_na_base_pair.i_auth_seq_id 
_ndb_struct_na_base_pair.i_PDB_ins_code 
_ndb_struct_na_base_pair.j_auth_asym_id 
_ndb_struct_na_base_pair.j_auth_seq_id 
_ndb_struct_na_base_pair.j_PDB_ins_code 
_ndb_struct_na_base_pair.hbond_type_28 
_ndb_struct_na_base_pair.hbond_type_12 
1 A C 2  1_555 B G 12 1_555 0.266  -0.289 -0.218 4.168   -21.231 3.658   1  A_C2:G13_B  A 2  ? B 13 ? 19 1  
1 A C 3  1_555 B G 11 1_555 0.188  -0.313 -0.177 -2.229  -4.419  -2.053  2  A_C3:G12_B  A 3  ? B 12 ? 19 1  
1 A C 4  1_555 B G 10 1_555 0.386  -0.166 0.030  0.570   3.107   5.541   3  A_C4:G11_B  A 4  ? B 11 ? 19 1  
1 A A 5  1_555 B A 8  1_555 6.687  -3.937 -0.408 7.643   -2.383  -26.208 4  A_A5:A9_B   A 5  ? B 9  ? ?  ?  
1 A C 8  1_555 B A 6  1_555 -2.717 0.651  -1.503 27.105  -8.507  1.451   5  A_C8:A7_B   A 8  ? B 7  ? ?  ?  
1 A C 9  1_555 B G 5  1_555 -0.468 0.079  0.312  3.941   -4.700  -0.908  6  A_C9:G6_B   A 9  ? B 6  ? 19 1  
1 A A 10 1_555 B U 4  1_555 0.022  -0.289 0.280  1.313   -10.659 -1.773  7  A_A10:U5_B  A 10 ? B 5  ? 20 1  
1 A C 11 1_555 B G 3  1_555 0.067  -0.039 0.452  -0.913  -8.181  5.747   8  A_C11:G4_B  A 11 ? B 4  ? 19 1  
1 A C 12 1_555 B G 2  1_555 0.444  -0.414 0.336  -0.150  -12.702 0.338   9  A_C12:G3_B  A 12 ? B 3  ? 19 1  
1 A G 13 1_555 B C 1  1_555 0.154  0.037  0.370  -2.520  -7.934  9.989   10 A_G13:C2_B  A 13 ? B 2  ? 19 1  
1 B G 14 1_555 C C 19 1_555 -0.151 -0.201 1.186  11.431  -0.644  -0.589  11 B_G15:C49_C B 15 ? C 49 ? 19 1  
1 B G 15 1_555 C C 18 1_555 -0.057 -0.137 0.484  13.736  -8.021  -1.871  12 B_G16:C48_C B 16 ? C 48 ? 19 1  
1 B C 16 1_555 C G 17 1_555 -0.107 -0.022 0.008  6.149   -12.009 5.107   13 B_C17:G47_C B 17 ? C 47 ? 19 1  
1 B A 17 1_555 C U 16 1_555 -0.145 -0.259 -0.034 -2.824  -7.183  7.356   14 B_A18:U46_C B 18 ? C 46 ? 20 1  
1 B G 18 1_555 C C 15 1_555 -0.579 -0.280 -0.519 -10.544 -4.031  2.236   15 B_G19:C45_C B 19 ? C 45 ? 19 1  
1 B A 19 1_555 C C 14 1_555 2.252  0.098  -0.234 -13.313 -6.354  15.561  16 B_A20:C44_C B 20 ? C 44 ? ?  1  
1 B G 20 1_555 C A 13 1_555 7.272  -4.571 0.229  -8.831  -1.190  -6.643  17 B_G21:A43_C B 21 ? C 43 ? ?  10 
1 B A 21 1_555 C U 11 1_555 -4.143 -1.693 -0.309 -4.587  -9.452  -99.752 18 B_A22:U41_C B 22 ? C 41 ? 24 4  
1 B A 22 1_555 C A 10 1_555 -4.138 1.164  -0.649 1.420   -20.841 -93.000 19 B_A23:A40_C B 23 ? C 40 ? ?  ?  
1 B C 24 1_555 A G 6  1_555 0.418  -0.116 -0.070 18.933  -15.325 4.753   20 B_C25:G6_A  B 25 ? A 6  ? 19 1  
1 B A 25 1_555 C G 6  1_555 -0.086 1.256  -0.487 -8.805  -14.913 -19.727 21 B_A26:G36_C B 26 ? C 36 ? 8  ?  
1 B C 26 1_555 C G 5  1_555 -0.107 -0.148 0.088  7.158   -18.885 0.236   22 B_C27:G35_C B 27 ? C 35 ? 19 1  
1 B A 27 1_555 C U 4  1_555 -0.080 -0.308 0.196  7.758   -16.804 -0.677  23 B_A28:U34_C B 28 ? C 34 ? 20 1  
1 B C 28 1_555 C G 3  1_555 -0.085 -0.180 -0.136 6.280   -8.925  0.983   24 B_C29:G33_C B 29 ? C 33 ? 19 1  
1 B G 29 1_555 C C 2  1_555 -0.128 -0.068 0.416  -3.482  -7.261  -1.402  25 B_G30:C32_C B 30 ? C 32 ? 19 1  
1 B A 30 1_555 C U 1  1_555 0.442  -0.226 0.331  0.461   -0.659  2.739   26 B_A31:U31_C B 31 ? C 31 ? 20 1  
# 
loop_
_ndb_struct_na_base_pair_step.model_number 
_ndb_struct_na_base_pair_step.i_label_asym_id_1 
_ndb_struct_na_base_pair_step.i_label_comp_id_1 
_ndb_struct_na_base_pair_step.i_label_seq_id_1 
_ndb_struct_na_base_pair_step.i_symmetry_1 
_ndb_struct_na_base_pair_step.j_label_asym_id_1 
_ndb_struct_na_base_pair_step.j_label_comp_id_1 
_ndb_struct_na_base_pair_step.j_label_seq_id_1 
_ndb_struct_na_base_pair_step.j_symmetry_1 
_ndb_struct_na_base_pair_step.i_label_asym_id_2 
_ndb_struct_na_base_pair_step.i_label_comp_id_2 
_ndb_struct_na_base_pair_step.i_label_seq_id_2 
_ndb_struct_na_base_pair_step.i_symmetry_2 
_ndb_struct_na_base_pair_step.j_label_asym_id_2 
_ndb_struct_na_base_pair_step.j_label_comp_id_2 
_ndb_struct_na_base_pair_step.j_label_seq_id_2 
_ndb_struct_na_base_pair_step.j_symmetry_2 
_ndb_struct_na_base_pair_step.shift 
_ndb_struct_na_base_pair_step.slide 
_ndb_struct_na_base_pair_step.rise 
_ndb_struct_na_base_pair_step.tilt 
_ndb_struct_na_base_pair_step.roll 
_ndb_struct_na_base_pair_step.twist 
_ndb_struct_na_base_pair_step.x_displacement 
_ndb_struct_na_base_pair_step.y_displacement 
_ndb_struct_na_base_pair_step.helical_rise 
_ndb_struct_na_base_pair_step.inclination 
_ndb_struct_na_base_pair_step.tip 
_ndb_struct_na_base_pair_step.helical_twist 
_ndb_struct_na_base_pair_step.step_number 
_ndb_struct_na_base_pair_step.step_name 
_ndb_struct_na_base_pair_step.i_auth_asym_id_1 
_ndb_struct_na_base_pair_step.i_auth_seq_id_1 
_ndb_struct_na_base_pair_step.i_PDB_ins_code_1 
_ndb_struct_na_base_pair_step.j_auth_asym_id_1 
_ndb_struct_na_base_pair_step.j_auth_seq_id_1 
_ndb_struct_na_base_pair_step.j_PDB_ins_code_1 
_ndb_struct_na_base_pair_step.i_auth_asym_id_2 
_ndb_struct_na_base_pair_step.i_auth_seq_id_2 
_ndb_struct_na_base_pair_step.i_PDB_ins_code_2 
_ndb_struct_na_base_pair_step.j_auth_asym_id_2 
_ndb_struct_na_base_pair_step.j_auth_seq_id_2 
_ndb_struct_na_base_pair_step.j_PDB_ins_code_2 
1 A C 2  1_555 B G 12 1_555 A C 3  1_555 B G 11 1_555 -0.716 -1.646 3.465 -1.517  9.247  32.903 -4.261 0.979  2.938 15.927  2.613 
34.175 1  AA_C2C3:G12G13_BB   A 2  ? B 13 ? A 3  ? B 12 ? 
1 A C 3  1_555 B G 11 1_555 A C 4  1_555 B G 10 1_555 0.886  -1.647 3.369 -0.288  10.281 26.013 -5.699 -1.899 2.536 21.788  0.611 
27.940 2  AA_C3C4:G11G12_BB   A 3  ? B 12 ? A 4  ? B 11 ? 
1 A C 4  1_555 B G 10 1_555 A A 5  1_555 B A 8  1_555 -0.173 -0.799 5.332 -3.695  21.390 76.688 -1.564 -0.026 5.012 16.923  2.923 
79.244 3  AA_C4A5:A9G11_BB    A 4  ? B 11 ? A 5  ? B 9  ? 
1 A A 5  1_555 B A 8  1_555 A C 8  1_555 B A 6  1_555 -1.128 -0.814 6.117 10.361  10.166 60.241 -1.658 1.980  5.684 9.974   
-10.164 61.805 4  AA_A5C8:A7A9_BB     A 5  ? B 9  ? A 8  ? B 7  ? 
1 A C 8  1_555 B A 6  1_555 A C 9  1_555 B G 5  1_555 -0.237 -1.645 4.136 -13.146 8.744  36.939 -3.629 -1.501 3.554 13.092  19.682 
40.063 5  AA_C8C9:G6A7_BB     A 8  ? B 7  ? A 9  ? B 6  ? 
1 A C 9  1_555 B G 5  1_555 A A 10 1_555 B U 4  1_555 -0.335 -2.014 2.993 -0.516  7.902  35.699 -4.141 0.474  2.510 12.698  0.829 
36.538 6  AA_C9A10:U5G6_BB    A 9  ? B 6  ? A 10 ? B 5  ? 
1 A A 10 1_555 B U 4  1_555 A C 11 1_555 B G 3  1_555 -0.324 -1.776 3.265 -3.314  4.877  28.514 -4.557 -0.051 2.945 9.769   6.639 
29.105 7  AA_A10C11:G4U5_BB   A 10 ? B 5  ? A 11 ? B 4  ? 
1 A C 11 1_555 B G 3  1_555 A C 12 1_555 B G 2  1_555 -0.157 -2.189 3.009 1.149   3.385  34.364 -4.150 0.422  2.781 5.709   -1.938 
34.544 8  AA_C11C12:G3G4_BB   A 11 ? B 4  ? A 12 ? B 3  ? 
1 A C 12 1_555 B G 2  1_555 A G 13 1_555 B C 1  1_555 0.540  -2.046 3.054 2.651   7.480  29.440 -5.184 -0.571 2.508 14.391  -5.100 
30.468 9  AA_C12G13:C2G3_BB   A 12 ? B 3  ? A 13 ? B 2  ? 
1 B G 14 1_555 C C 19 1_555 B G 15 1_555 C C 18 1_555 -0.812 -1.260 3.154 2.196   6.643  34.843 -2.961 1.628  2.819 10.957  -3.622 
35.518 10 BB_G15G16:C48C49_CC B 15 ? C 49 ? B 16 ? C 48 ? 
1 B G 15 1_555 C C 18 1_555 B C 16 1_555 C G 17 1_555 0.537  -1.567 3.368 3.350   9.317  32.739 -4.103 -0.398 2.867 16.077  -5.781 
34.164 11 BB_G16C17:G47C48_CC B 16 ? C 48 ? B 17 ? C 47 ? 
1 B C 16 1_555 C G 17 1_555 B A 17 1_555 C U 16 1_555 0.414  -1.789 3.351 -3.467  12.638 30.663 -5.053 -1.253 2.388 22.646  6.213 
33.284 12 BB_C17A18:U46G47_CC B 17 ? C 47 ? B 18 ? C 46 ? 
1 B A 17 1_555 C U 16 1_555 B G 18 1_555 C C 15 1_555 -0.059 -1.966 3.491 1.602   5.206  29.469 -4.895 0.449  3.098 10.124  -3.115 
29.957 13 BB_A18G19:C45U46_CC B 18 ? C 46 ? B 19 ? C 45 ? 
1 B G 18 1_555 C C 15 1_555 B A 19 1_555 C C 14 1_555 1.015  -1.402 3.377 0.971   5.977  42.138 -2.541 -1.300 3.180 8.262   -1.342 
42.551 14 BB_G19A20:C44C45_CC B 19 ? C 45 ? B 20 ? C 44 ? 
1 B A 19 1_555 C C 14 1_555 B G 20 1_555 C A 13 1_555 -0.907 -1.166 3.201 8.253   7.947  59.773 -1.514 1.271  2.904 7.895   -8.199 
60.762 15 BB_A20G21:A43C44_CC B 20 ? C 44 ? B 21 ? C 43 ? 
1 B G 20 1_555 C A 13 1_555 B A 21 1_555 C U 11 1_555 -2.243 -0.324 3.390 0.620   -2.120 10.227 1.944  13.388 3.247 -11.714 -3.428 
10.463 16 BB_G21A22:U41A43_CC B 21 ? C 43 ? B 22 ? C 41 ? 
1 B A 21 1_555 C U 11 1_555 B A 22 1_555 C A 10 1_555 -0.021 -2.290 3.470 -10.977 6.292  45.867 -3.361 -0.877 3.075 7.898   13.779 
47.489 17 BB_A22A23:A40U41_CC B 22 ? C 41 ? B 23 ? C 40 ? 
1 B A 22 1_555 C A 10 1_555 B C 24 1_555 A G 6  1_555 -0.792 -2.174 6.253 -6.310  3.634  41.843 -3.705 -0.126 6.103 5.042   8.756 
42.444 18 BB_A23C25:G6A40_AC  B 23 ? C 40 ? B 25 ? A 6  ? 
1 B C 24 1_555 A G 6  1_555 B A 25 1_555 C G 6  1_555 0.066  -2.149 3.927 2.172   4.967  44.871 -3.315 0.140  3.681 6.479   -2.833 
45.181 19 BB_C25A26:G36G6_CA  B 25 ? A 6  ? B 26 ? C 36 ? 
1 B A 25 1_555 C G 6  1_555 B C 26 1_555 C G 5  1_555 1.228  -0.646 2.957 -5.199  1.952  30.810 -1.518 -3.129 2.674 3.636   9.688 
31.294 20 BB_A26C27:G35G36_CC B 26 ? C 36 ? B 27 ? C 35 ? 
1 B C 26 1_555 C G 5  1_555 B A 27 1_555 C U 4  1_555 0.073  -1.282 3.190 0.220   7.487  33.769 -3.238 -0.091 2.849 12.695  -0.372 
34.566 21 BB_C27A28:U34G35_CC B 27 ? C 35 ? B 28 ? C 34 ? 
1 B A 27 1_555 C U 4  1_555 B C 28 1_555 C G 3  1_555 0.403  -1.029 3.267 4.472   1.695  34.910 -1.952 -0.002 3.240 2.809   -7.411 
35.226 22 BB_A28C29:G33U34_CC B 28 ? C 34 ? B 29 ? C 33 ? 
1 B C 28 1_555 C G 3  1_555 B G 29 1_555 C C 2  1_555 0.368  -1.733 3.335 -1.011  8.103  34.161 -4.038 -0.756 2.851 13.555  1.691 
35.095 23 BB_C29G30:C32G33_CC B 29 ? C 33 ? B 30 ? C 32 ? 
1 B G 29 1_555 C C 2  1_555 B A 30 1_555 C U 1  1_555 1.031  -1.813 3.004 4.992   5.710  33.017 -3.938 -1.050 2.782 9.885   -8.641 
33.853 24 BB_G30A31:U31C32_CC B 30 ? C 32 ? B 31 ? C 31 ? 
# 
loop_
_pdbx_entity_nonpoly.entity_id 
_pdbx_entity_nonpoly.name 
_pdbx_entity_nonpoly.comp_id 
4 'SULFATE ION'           SO4 
5 'COBALT HEXAMMINE(III)' NCO 
6 water                   HOH 
# 
_pdbx_initial_refinement_model.id               1 
_pdbx_initial_refinement_model.entity_id_list   ? 
_pdbx_initial_refinement_model.type             'experimental model' 
_pdbx_initial_refinement_model.source_name      PDB 
_pdbx_initial_refinement_model.accession_code   2P7F 
_pdbx_initial_refinement_model.details          ? 
# 
